data_1Q5B
#
_entry.id   1Q5B
#
loop_
_entity.id
_entity.type
_entity.pdbx_description
1 polymer EP-cadherin
2 non-polymer 2-acetamido-2-deoxy-beta-D-glucopyranose
3 non-polymer 2-acetamido-2-deoxy-alpha-D-glucopyranose
4 non-polymer 'CALCIUM ION'
#
_entity_poly.entity_id   1
_entity_poly.type   'polypeptide(L)'
_entity_poly.pdbx_seq_one_letter_code
;MGSTRLRNASVWLCGLLCLLQVVPSINADVSGCKPGFSSAEYIFSVNRRELERGRKLGKVNFSDCTTRKHGLYDVGDSRF
RVLPDGTVLVKRHVKLHKDTKFTISTWDARGIKHSTNIAVASKRHRSGEEAHSRSSKLPVLTFPETHTGLKRKKRDWVIP
PIKVSENERGPFPKRLVQIKSNKDRFNKVYYSITGQGADNPPQGVFRIEWETGWMLVTRPLDREEYDKYVLSSHAVSENG
SPVEEPMEITINVIDQNDNRPKFTQDVFRGSVREGVQPGTQVMAVSATDEDDNIDSLNGVLSYSILKQDPEEPIPNLFTI
NRETGVISLIGTGLDREKFPEYTLTVQATDLEGAGLSVEGKAIIQITDANDNAPIFDPKTYTALVPENEIGFEVQRLSVT
DLDMPGTPAWQAVYKIRVNEGGFFNITTDPESNQGILTTAKGLDFELRKQYVLQITVENAEPFSVPLPTSTATVTVTVED
VNEAPFFVPAVSRVDVSEDLSRGEKIISLVAQDPDKQQIQKLSYFIGNDPARWLTVNKDNGIVTGNGNLDRESEYVKNNT
YTVIMLVTDDGVSVGTGTGTLILHVLDVNDNGPVPSPRVFTMCDQNPEPQVLTISDADIPPNTYPYKVSLSHGSDLTWKA
ELDSKGTSMLLSPTQQLKKGDYSIYVLLSDAQNNPQLTVVNATVCSCEGKAIKCQEKLVGGFDLPIILVILGSVLALLIL
FLLLLLFLKRKKVVKEPLLLPEDDTRDNIFYYGEEGGGEEDQDYDLSQLHRGLDSRPDIMRNDVVPTLMPAPHYRPRPSN
PDEIGNFIDENLDAADNDPTAPPYDSLLVFDYEGSGSEAASLSSLNSSNSNDEHDYNYLSDWGSRFRKLADMYGGDDDEE
;
_entity_poly.pdbx_strand_id   A,B,C
#
loop_
_chem_comp.id
_chem_comp.type
_chem_comp.name
_chem_comp.formula
CA non-polymer 'CALCIUM ION' 'Ca 2'
NAG D-saccharide, beta linking 2-acetamido-2-deoxy-beta-D-glucopyranose 'C8 H15 N O6'
NDG D-saccharide, alpha linking 2-acetamido-2-deoxy-alpha-D-glucopyranose 'C8 H15 N O6'
#
# COMPACT_ATOMS: atom_id res chain seq x y z
N ASP A 156 -5.39 -14.45 36.11
CA ASP A 156 -4.98 -13.50 35.05
C ASP A 156 -6.02 -12.45 34.69
N TRP A 157 -5.67 -11.82 33.58
CA TRP A 157 -6.41 -10.81 32.86
C TRP A 157 -6.91 -11.77 31.79
N VAL A 158 -8.07 -12.36 31.97
CA VAL A 158 -8.50 -13.29 30.94
C VAL A 158 -9.07 -12.65 29.73
N ILE A 159 -10.08 -13.29 29.16
CA ILE A 159 -10.64 -12.80 27.94
C ILE A 159 -12.11 -13.16 27.97
N PRO A 160 -12.99 -12.14 28.01
CA PRO A 160 -14.44 -12.26 28.06
C PRO A 160 -15.10 -13.14 27.03
N PRO A 161 -16.23 -13.75 27.39
CA PRO A 161 -16.97 -14.62 26.48
C PRO A 161 -17.44 -13.76 25.33
N ILE A 162 -17.63 -14.36 24.18
CA ILE A 162 -18.07 -13.60 23.04
C ILE A 162 -19.47 -13.93 22.59
N LYS A 163 -20.36 -12.97 22.80
CA LYS A 163 -21.76 -13.05 22.40
C LYS A 163 -21.81 -12.87 20.88
N VAL A 164 -22.64 -13.70 20.24
CA VAL A 164 -22.80 -13.69 18.78
C VAL A 164 -24.27 -13.90 18.49
N SER A 165 -24.83 -13.16 17.54
CA SER A 165 -26.25 -13.37 17.26
C SER A 165 -26.46 -14.61 16.40
N GLU A 166 -27.69 -15.07 16.36
CA GLU A 166 -28.03 -16.26 15.62
C GLU A 166 -28.61 -15.88 14.29
N ASN A 167 -28.44 -16.75 13.29
CA ASN A 167 -29.00 -16.46 11.98
C ASN A 167 -28.52 -15.09 11.59
N GLU A 168 -27.21 -14.92 11.74
CA GLU A 168 -26.55 -13.71 11.37
C GLU A 168 -26.46 -13.72 9.85
N ARG A 169 -26.31 -12.55 9.23
CA ARG A 169 -26.26 -12.53 7.78
C ARG A 169 -25.74 -11.24 7.19
N GLY A 170 -24.61 -11.36 6.50
CA GLY A 170 -23.98 -10.23 5.86
C GLY A 170 -22.90 -10.83 4.99
N PRO A 171 -21.78 -10.13 4.78
CA PRO A 171 -20.72 -10.70 3.95
C PRO A 171 -19.81 -11.57 4.77
N PHE A 172 -19.64 -12.82 4.43
CA PHE A 172 -18.76 -13.47 5.43
C PHE A 172 -17.26 -13.32 4.91
N PRO A 173 -16.16 -13.31 5.69
CA PRO A 173 -16.03 -13.43 7.14
C PRO A 173 -16.48 -12.28 8.05
N LYS A 174 -16.25 -12.55 9.35
CA LYS A 174 -16.55 -11.61 10.34
C LYS A 174 -15.53 -11.84 11.41
N ARG A 175 -14.77 -10.78 11.62
CA ARG A 175 -13.74 -10.78 12.61
C ARG A 175 -14.44 -10.68 13.95
N LEU A 176 -14.00 -11.50 14.88
CA LEU A 176 -14.54 -11.45 16.22
C LEU A 176 -13.57 -10.69 17.09
N VAL A 177 -12.35 -11.22 17.18
CA VAL A 177 -11.30 -10.61 17.99
C VAL A 177 -9.90 -11.00 17.51
N GLN A 178 -8.90 -10.26 17.99
CA GLN A 178 -7.50 -10.47 17.65
C GLN A 178 -6.61 -10.71 18.88
N ILE A 179 -5.80 -11.76 18.80
CA ILE A 179 -4.91 -12.12 19.88
C ILE A 179 -3.43 -12.00 19.52
N LYS A 180 -2.62 -11.63 20.51
CA LYS A 180 -1.19 -11.48 20.29
C LYS A 180 -0.34 -12.09 21.41
N SER A 181 0.70 -12.83 21.04
CA SER A 181 1.60 -13.38 22.02
C SER A 181 2.68 -12.30 22.02
N ASN A 182 3.21 -11.93 23.17
CA ASN A 182 4.22 -10.86 23.19
C ASN A 182 5.61 -11.46 23.16
N LYS A 183 5.63 -12.77 23.27
CA LYS A 183 6.87 -13.50 23.27
C LYS A 183 7.34 -13.60 21.82
N ASP A 184 6.89 -12.66 20.99
CA ASP A 184 7.26 -12.67 19.57
C ASP A 184 8.50 -11.85 19.26
N ARG A 185 9.12 -11.27 20.28
CA ARG A 185 10.34 -10.50 20.07
C ARG A 185 11.37 -11.40 19.42
N PHE A 186 11.35 -12.68 19.77
CA PHE A 186 12.34 -13.63 19.26
C PHE A 186 12.16 -14.30 17.92
N ASN A 187 11.02 -14.91 17.66
CA ASN A 187 10.89 -15.52 16.35
C ASN A 187 9.52 -15.22 15.80
N LYS A 188 9.17 -15.88 14.72
CA LYS A 188 7.86 -15.64 14.18
C LYS A 188 6.97 -16.61 14.95
N VAL A 189 5.78 -16.15 15.33
CA VAL A 189 4.83 -16.98 16.07
C VAL A 189 3.68 -17.44 15.16
N TYR A 190 3.29 -18.70 15.28
CA TYR A 190 2.22 -19.25 14.45
C TYR A 190 0.92 -19.51 15.25
N TYR A 191 -0.11 -18.71 14.96
CA TYR A 191 -1.40 -18.84 15.63
C TYR A 191 -2.33 -19.86 15.02
N SER A 192 -2.80 -20.76 15.87
CA SER A 192 -3.71 -21.81 15.49
C SER A 192 -4.80 -21.84 16.57
N ILE A 193 -5.74 -22.78 16.47
CA ILE A 193 -6.81 -22.88 17.45
C ILE A 193 -7.55 -24.22 17.32
N THR A 194 -8.00 -24.77 18.46
CA THR A 194 -8.65 -26.08 18.48
C THR A 194 -9.96 -26.26 19.27
N GLY A 195 -10.74 -27.27 18.89
CA GLY A 195 -11.99 -27.56 19.58
C GLY A 195 -13.16 -27.94 18.68
N GLN A 196 -14.35 -28.09 19.27
CA GLN A 196 -15.55 -28.39 18.49
C GLN A 196 -15.90 -27.08 17.80
N GLY A 197 -16.21 -27.16 16.50
CA GLY A 197 -16.52 -25.94 15.78
C GLY A 197 -15.24 -25.43 15.17
N ALA A 198 -14.13 -25.97 15.66
CA ALA A 198 -12.80 -25.61 15.16
C ALA A 198 -12.32 -26.72 14.26
N ASP A 199 -11.45 -27.56 14.81
CA ASP A 199 -10.93 -28.70 14.06
C ASP A 199 -11.80 -29.92 14.36
N ASN A 200 -12.56 -29.82 15.45
CA ASN A 200 -13.45 -30.90 15.86
C ASN A 200 -14.85 -30.63 15.34
N PRO A 201 -15.64 -31.68 15.10
CA PRO A 201 -17.02 -31.58 14.59
C PRO A 201 -17.85 -30.55 15.34
N PRO A 202 -18.50 -29.57 14.69
CA PRO A 202 -18.63 -28.94 13.37
C PRO A 202 -17.26 -28.39 12.99
N GLN A 203 -16.58 -29.04 12.07
CA GLN A 203 -15.33 -28.44 11.70
C GLN A 203 -15.48 -27.20 10.80
N GLY A 204 -14.62 -26.21 11.08
CA GLY A 204 -14.56 -25.00 10.27
C GLY A 204 -15.55 -23.87 10.44
N VAL A 205 -16.13 -23.72 11.63
CA VAL A 205 -17.06 -22.62 11.83
C VAL A 205 -16.24 -21.40 12.16
N PHE A 206 -15.12 -21.65 12.85
CA PHE A 206 -14.23 -20.58 13.23
C PHE A 206 -12.82 -20.97 12.81
N ARG A 207 -12.04 -19.97 12.42
CA ARG A 207 -10.66 -20.17 12.01
C ARG A 207 -9.87 -18.91 12.31
N ILE A 208 -8.56 -19.08 12.51
CA ILE A 208 -7.71 -17.96 12.83
C ILE A 208 -6.57 -17.78 11.82
N GLU A 209 -6.19 -16.53 11.62
CA GLU A 209 -5.11 -16.17 10.70
C GLU A 209 -3.76 -16.33 11.38
N TRP A 210 -3.15 -17.49 11.15
CA TRP A 210 -1.86 -17.81 11.74
C TRP A 210 -0.90 -16.67 11.91
N GLU A 211 -0.95 -15.68 11.03
CA GLU A 211 0.01 -14.60 11.17
C GLU A 211 -0.46 -13.30 11.82
N THR A 212 -1.76 -13.03 11.80
CA THR A 212 -2.25 -11.79 12.41
C THR A 212 -2.78 -12.03 13.81
N GLY A 213 -3.53 -13.12 13.94
CA GLY A 213 -4.10 -13.46 15.22
C GLY A 213 -5.57 -13.08 15.27
N TRP A 214 -6.20 -13.00 14.10
CA TRP A 214 -7.61 -12.68 14.04
C TRP A 214 -8.48 -13.93 14.09
N MET A 215 -9.61 -13.82 14.77
CA MET A 215 -10.54 -14.92 14.89
C MET A 215 -11.81 -14.54 14.14
N LEU A 216 -12.35 -15.50 13.40
CA LEU A 216 -13.52 -15.23 12.61
C LEU A 216 -14.61 -16.28 12.68
N VAL A 217 -15.81 -15.85 12.37
CA VAL A 217 -16.95 -16.73 12.29
C VAL A 217 -17.04 -16.81 10.76
N THR A 218 -17.15 -18.04 10.26
CA THR A 218 -17.19 -18.23 8.83
C THR A 218 -18.60 -18.30 8.23
N ARG A 219 -19.60 -18.70 9.02
CA ARG A 219 -20.96 -18.80 8.48
C ARG A 219 -22.01 -18.59 9.55
N PRO A 220 -23.27 -18.45 9.15
CA PRO A 220 -24.40 -18.25 10.06
C PRO A 220 -24.57 -19.41 11.06
N LEU A 221 -25.25 -19.15 12.18
CA LEU A 221 -25.47 -20.17 13.20
C LEU A 221 -26.90 -20.21 13.74
N ASP A 222 -27.26 -21.34 14.33
CA ASP A 222 -28.59 -21.52 14.94
C ASP A 222 -28.37 -22.02 16.36
N ARG A 223 -28.67 -21.18 17.35
CA ARG A 223 -28.49 -21.55 18.75
C ARG A 223 -29.29 -22.79 19.03
N GLU A 224 -30.39 -22.92 18.32
CA GLU A 224 -31.25 -24.08 18.49
C GLU A 224 -30.46 -25.37 18.27
N GLU A 225 -29.43 -25.30 17.43
CA GLU A 225 -28.56 -26.44 17.11
C GLU A 225 -27.49 -26.55 18.19
N TYR A 226 -26.64 -25.53 18.28
CA TYR A 226 -25.60 -25.46 19.31
C TYR A 226 -25.69 -24.03 19.87
N ASP A 227 -25.90 -23.91 21.17
CA ASP A 227 -26.04 -22.59 21.80
C ASP A 227 -24.76 -22.04 22.43
N LYS A 228 -23.66 -22.77 22.28
CA LYS A 228 -22.40 -22.32 22.87
C LYS A 228 -21.23 -23.15 22.37
N TYR A 229 -20.06 -22.52 22.37
CA TYR A 229 -18.81 -23.14 21.93
C TYR A 229 -17.68 -22.78 22.87
N VAL A 230 -16.71 -23.67 22.97
CA VAL A 230 -15.56 -23.43 23.82
C VAL A 230 -14.38 -23.81 22.97
N LEU A 231 -13.38 -22.94 22.94
CA LEU A 231 -12.21 -23.18 22.10
C LEU A 231 -10.88 -22.96 22.79
N SER A 232 -9.84 -23.60 22.25
CA SER A 232 -8.49 -23.47 22.78
C SER A 232 -7.53 -22.89 21.73
N SER A 233 -6.85 -21.81 22.10
CA SER A 233 -5.92 -21.09 21.19
C SER A 233 -4.43 -21.35 21.46
N HIS A 234 -3.64 -21.41 20.39
CA HIS A 234 -2.21 -21.69 20.50
C HIS A 234 -1.27 -20.73 19.76
N ALA A 235 0.00 -20.80 20.15
CA ALA A 235 1.05 -19.98 19.54
C ALA A 235 2.42 -20.66 19.64
N VAL A 236 2.93 -21.16 18.51
CA VAL A 236 4.24 -21.80 18.46
C VAL A 236 5.22 -20.96 17.66
N SER A 237 6.50 -21.24 17.86
CA SER A 237 7.60 -20.55 17.19
C SER A 237 7.92 -21.23 15.87
N GLU A 238 8.60 -20.52 14.99
CA GLU A 238 8.96 -21.12 13.71
C GLU A 238 9.83 -22.33 14.02
N ASN A 239 10.76 -22.18 14.95
CA ASN A 239 11.62 -23.30 15.27
C ASN A 239 10.75 -24.50 15.62
N GLY A 240 9.59 -24.24 16.20
CA GLY A 240 8.68 -25.33 16.53
C GLY A 240 8.23 -25.47 17.98
N SER A 241 8.66 -24.58 18.86
CA SER A 241 8.25 -24.70 20.24
C SER A 241 7.11 -23.79 20.64
N PRO A 242 6.22 -24.30 21.48
CA PRO A 242 5.07 -23.55 21.98
C PRO A 242 5.64 -22.46 22.87
N VAL A 243 4.95 -21.32 22.95
CA VAL A 243 5.43 -20.21 23.74
C VAL A 243 4.55 -19.86 24.92
N GLU A 244 3.25 -19.94 24.71
CA GLU A 244 2.28 -19.62 25.74
C GLU A 244 1.39 -20.79 26.06
N GLU A 245 1.07 -20.94 27.34
CA GLU A 245 0.19 -22.00 27.77
C GLU A 245 -1.04 -21.63 26.98
N PRO A 246 -1.68 -22.60 26.32
CA PRO A 246 -2.88 -22.31 25.53
C PRO A 246 -3.88 -21.37 26.20
N MET A 247 -4.96 -21.03 25.50
CA MET A 247 -5.96 -20.16 26.09
C MET A 247 -7.40 -20.51 25.72
N GLU A 248 -8.21 -20.80 26.74
CA GLU A 248 -9.61 -21.15 26.57
C GLU A 248 -10.38 -19.98 25.97
N ILE A 249 -11.36 -20.29 25.13
CA ILE A 249 -12.18 -19.26 24.47
C ILE A 249 -13.66 -19.63 24.42
N THR A 250 -14.52 -18.69 24.81
CA THR A 250 -15.94 -18.98 24.82
C THR A 250 -16.84 -18.07 24.00
N ILE A 251 -17.85 -18.69 23.40
CA ILE A 251 -18.83 -17.96 22.58
C ILE A 251 -20.24 -18.38 22.92
N ASN A 252 -21.09 -17.40 23.22
CA ASN A 252 -22.48 -17.66 23.53
C ASN A 252 -23.36 -17.20 22.38
N VAL A 253 -24.30 -18.06 21.98
CA VAL A 253 -25.18 -17.74 20.85
C VAL A 253 -26.56 -17.24 21.31
N ILE A 254 -26.78 -15.93 21.13
CA ILE A 254 -28.00 -15.24 21.53
C ILE A 254 -29.22 -15.59 20.67
N ASP A 255 -30.31 -15.93 21.35
CA ASP A 255 -31.55 -16.33 20.69
C ASP A 255 -32.22 -15.29 19.84
N GLN A 256 -32.92 -15.79 18.81
CA GLN A 256 -33.69 -14.97 17.91
C GLN A 256 -34.99 -15.69 17.61
N ASN A 257 -36.05 -14.90 17.47
CA ASN A 257 -37.37 -15.44 17.23
C ASN A 257 -37.51 -16.12 15.86
N ASP A 258 -36.93 -17.30 15.75
CA ASP A 258 -36.99 -18.02 14.49
C ASP A 258 -37.98 -19.17 14.58
N ASN A 259 -38.50 -19.38 15.78
CA ASN A 259 -39.41 -20.49 15.98
C ASN A 259 -40.88 -20.23 16.26
N ARG A 260 -41.73 -20.87 15.45
CA ARG A 260 -43.16 -20.79 15.57
C ARG A 260 -43.56 -21.82 16.62
N PRO A 261 -44.61 -21.56 17.41
CA PRO A 261 -44.99 -22.55 18.42
C PRO A 261 -45.66 -23.80 17.82
N LYS A 262 -46.05 -24.75 18.68
CA LYS A 262 -46.71 -25.97 18.22
C LYS A 262 -47.55 -26.64 19.32
N PHE A 263 -48.77 -27.04 18.96
CA PHE A 263 -49.64 -27.67 19.94
C PHE A 263 -49.18 -29.06 20.41
N THR A 264 -49.35 -29.33 21.70
CA THR A 264 -48.97 -30.61 22.28
C THR A 264 -49.50 -31.77 21.45
N GLN A 265 -50.81 -31.74 21.19
CA GLN A 265 -51.45 -32.78 20.40
C GLN A 265 -51.96 -32.13 19.12
N ASP A 266 -52.48 -32.93 18.20
CA ASP A 266 -52.99 -32.36 16.96
C ASP A 266 -54.47 -32.05 17.14
N VAL A 267 -55.07 -32.68 18.16
CA VAL A 267 -56.48 -32.50 18.50
C VAL A 267 -56.75 -32.93 19.94
N PHE A 268 -57.42 -32.06 20.68
CA PHE A 268 -57.76 -32.33 22.07
C PHE A 268 -59.28 -32.56 22.14
N ARG A 269 -59.73 -33.43 23.03
CA ARG A 269 -61.15 -33.70 23.17
C ARG A 269 -61.66 -33.37 24.58
N GLY A 270 -62.95 -33.09 24.69
CA GLY A 270 -63.51 -32.77 25.98
C GLY A 270 -64.98 -33.11 26.11
N SER A 271 -65.49 -33.03 27.34
CA SER A 271 -66.89 -33.33 27.62
C SER A 271 -67.39 -32.71 28.92
N VAL A 272 -68.65 -32.30 28.90
CA VAL A 272 -69.31 -31.68 30.05
C VAL A 272 -70.79 -31.99 30.00
N ARG A 273 -71.48 -31.91 31.14
CA ARG A 273 -72.91 -32.19 31.18
C ARG A 273 -73.75 -30.95 30.92
N GLU A 274 -74.84 -31.13 30.21
CA GLU A 274 -75.72 -30.05 29.82
C GLU A 274 -76.30 -29.14 30.90
N GLY A 275 -76.62 -29.67 32.07
CA GLY A 275 -77.21 -28.82 33.08
C GLY A 275 -76.34 -28.00 34.02
N VAL A 276 -75.01 -28.05 33.86
CA VAL A 276 -74.11 -27.35 34.76
C VAL A 276 -74.11 -25.82 34.72
N GLN A 277 -73.56 -25.22 35.78
CA GLN A 277 -73.52 -23.77 35.94
C GLN A 277 -72.34 -23.00 35.35
N PRO A 278 -72.59 -21.76 34.91
CA PRO A 278 -71.56 -20.91 34.32
C PRO A 278 -70.40 -20.74 35.31
N GLY A 279 -69.16 -20.87 34.79
CA GLY A 279 -67.97 -20.75 35.62
C GLY A 279 -67.41 -22.13 35.95
N THR A 280 -67.67 -23.08 35.07
CA THR A 280 -67.24 -24.46 35.26
C THR A 280 -66.13 -24.90 34.31
N GLN A 281 -65.05 -25.40 34.90
CA GLN A 281 -63.88 -25.84 34.13
C GLN A 281 -64.13 -27.11 33.32
N VAL A 282 -63.88 -27.03 32.01
CA VAL A 282 -64.08 -28.17 31.11
C VAL A 282 -62.79 -28.91 30.71
N MET A 283 -62.14 -28.43 29.64
CA MET A 283 -60.92 -29.01 29.10
C MET A 283 -59.62 -28.38 29.57
N ALA A 284 -58.58 -28.62 28.79
CA ALA A 284 -57.25 -28.13 29.01
C ALA A 284 -56.43 -28.36 27.72
N VAL A 285 -55.69 -27.35 27.30
CA VAL A 285 -54.90 -27.44 26.07
C VAL A 285 -53.44 -27.01 26.21
N SER A 286 -52.54 -27.67 25.47
CA SER A 286 -51.09 -27.40 25.50
C SER A 286 -50.45 -27.07 24.14
N ALA A 287 -49.24 -26.52 24.22
CA ALA A 287 -48.45 -26.13 23.04
C ALA A 287 -47.11 -25.55 23.49
N THR A 288 -46.13 -25.49 22.58
CA THR A 288 -44.80 -24.96 22.90
C THR A 288 -44.04 -24.22 21.79
N ASP A 289 -43.05 -23.44 22.21
CA ASP A 289 -42.18 -22.67 21.32
C ASP A 289 -40.78 -23.11 21.75
N GLU A 290 -39.86 -23.31 20.80
CA GLU A 290 -38.49 -23.75 21.16
C GLU A 290 -37.47 -22.64 21.45
N ASP A 291 -37.77 -21.39 21.04
CA ASP A 291 -36.87 -20.25 21.29
C ASP A 291 -36.76 -19.96 22.79
N ASP A 292 -35.92 -19.01 23.17
CA ASP A 292 -35.78 -18.73 24.58
C ASP A 292 -37.10 -18.29 25.19
N ASN A 293 -37.21 -18.47 26.50
CA ASN A 293 -38.41 -18.12 27.28
C ASN A 293 -37.98 -17.91 28.73
N ILE A 294 -36.78 -17.37 28.90
CA ILE A 294 -36.25 -17.14 30.23
C ILE A 294 -35.56 -15.80 30.31
N ASP A 295 -35.48 -15.12 29.17
CA ASP A 295 -34.86 -13.81 29.08
C ASP A 295 -35.51 -13.01 27.97
N SER A 296 -36.37 -13.70 27.21
CA SER A 296 -37.11 -13.09 26.11
C SER A 296 -38.55 -13.60 26.17
N LEU A 297 -39.34 -13.20 25.18
CA LEU A 297 -40.73 -13.62 25.08
C LEU A 297 -40.82 -14.47 23.83
N ASN A 298 -39.67 -14.71 23.21
CA ASN A 298 -39.56 -15.51 22.00
C ASN A 298 -40.15 -16.89 22.21
N GLY A 299 -40.41 -17.25 23.48
CA GLY A 299 -40.94 -18.57 23.77
C GLY A 299 -42.11 -18.67 24.73
N VAL A 300 -42.79 -17.56 25.01
CA VAL A 300 -43.95 -17.58 25.91
C VAL A 300 -45.20 -17.35 25.07
N LEU A 301 -46.17 -18.20 25.29
CA LEU A 301 -47.40 -18.13 24.52
C LEU A 301 -48.58 -17.53 25.25
N SER A 302 -49.59 -17.19 24.46
CA SER A 302 -50.81 -16.63 24.95
C SER A 302 -51.89 -17.37 24.19
N TYR A 303 -52.79 -18.02 24.92
CA TYR A 303 -53.86 -18.81 24.31
C TYR A 303 -55.15 -18.02 24.02
N SER A 304 -55.92 -18.50 23.05
CA SER A 304 -57.18 -17.86 22.65
C SER A 304 -58.07 -18.78 21.84
N ILE A 305 -59.30 -18.32 21.58
CA ILE A 305 -60.29 -19.08 20.81
C ILE A 305 -60.90 -18.16 19.77
N LEU A 306 -61.24 -18.70 18.60
CA LEU A 306 -61.83 -17.85 17.57
C LEU A 306 -62.95 -18.41 16.70
N LYS A 307 -63.52 -19.54 17.08
CA LYS A 307 -64.62 -20.11 16.30
C LYS A 307 -65.16 -21.42 16.87
N GLN A 308 -66.32 -21.35 17.54
CA GLN A 308 -66.96 -22.54 18.09
C GLN A 308 -68.00 -22.89 17.04
N ASP A 309 -68.11 -24.14 16.60
CA ASP A 309 -69.14 -24.33 15.59
C ASP A 309 -70.56 -24.31 16.18
N PRO A 310 -71.60 -24.75 15.43
CA PRO A 310 -72.89 -24.62 16.09
C PRO A 310 -72.90 -23.33 16.85
N GLU A 311 -72.75 -22.29 16.04
CA GLU A 311 -72.73 -20.90 16.46
C GLU A 311 -74.12 -20.63 17.03
N GLU A 312 -74.75 -21.70 17.52
CA GLU A 312 -76.11 -21.65 18.04
C GLU A 312 -76.13 -22.50 19.28
N PRO A 313 -76.93 -22.11 20.30
CA PRO A 313 -77.91 -21.08 20.65
C PRO A 313 -77.36 -19.65 20.51
N ILE A 314 -76.14 -19.49 21.01
CA ILE A 314 -75.42 -18.24 21.00
C ILE A 314 -74.03 -18.72 20.67
N PRO A 315 -73.13 -17.79 20.40
CA PRO A 315 -71.79 -18.24 20.08
C PRO A 315 -70.69 -17.92 21.12
N ASN A 316 -71.02 -17.80 22.40
CA ASN A 316 -69.98 -17.53 23.40
C ASN A 316 -70.13 -18.42 24.62
N LEU A 317 -70.25 -19.72 24.41
CA LEU A 317 -70.40 -20.62 25.54
C LEU A 317 -69.13 -20.74 26.41
N PHE A 318 -67.97 -20.49 25.81
CA PHE A 318 -66.71 -20.61 26.57
C PHE A 318 -65.66 -19.53 26.40
N THR A 319 -64.63 -19.65 27.25
CA THR A 319 -63.48 -18.77 27.26
C THR A 319 -62.32 -19.66 27.62
N ILE A 320 -61.12 -19.13 27.45
CA ILE A 320 -59.90 -19.85 27.76
C ILE A 320 -58.96 -18.93 28.54
N ASN A 321 -58.25 -19.48 29.51
CA ASN A 321 -57.31 -18.71 30.30
C ASN A 321 -56.08 -18.48 29.41
N ARG A 322 -55.83 -17.24 29.00
CA ARG A 322 -54.69 -16.92 28.12
C ARG A 322 -53.33 -17.46 28.53
N GLU A 323 -53.05 -17.45 29.83
CA GLU A 323 -51.78 -17.93 30.35
C GLU A 323 -51.71 -19.45 30.48
N THR A 324 -52.75 -20.06 31.07
CA THR A 324 -52.77 -21.51 31.27
C THR A 324 -53.38 -22.35 30.15
N GLY A 325 -54.23 -21.74 29.33
CA GLY A 325 -54.85 -22.46 28.25
C GLY A 325 -56.02 -23.32 28.68
N VAL A 326 -56.54 -23.11 29.88
CA VAL A 326 -57.68 -23.87 30.37
C VAL A 326 -58.98 -23.26 29.88
N ILE A 327 -59.96 -24.09 29.58
CA ILE A 327 -61.23 -23.59 29.11
C ILE A 327 -62.34 -23.78 30.14
N SER A 328 -63.28 -22.85 30.15
CA SER A 328 -64.41 -22.93 31.08
C SER A 328 -65.74 -22.52 30.43
N LEU A 329 -66.83 -22.99 31.02
CA LEU A 329 -68.16 -22.63 30.54
C LEU A 329 -68.44 -21.25 31.06
N ILE A 330 -68.79 -20.35 30.14
CA ILE A 330 -69.05 -18.98 30.50
C ILE A 330 -70.55 -18.65 30.39
N GLY A 331 -71.19 -19.13 29.33
CA GLY A 331 -72.62 -18.88 29.12
C GLY A 331 -73.57 -19.93 29.69
N THR A 332 -74.81 -19.94 29.20
CA THR A 332 -75.86 -20.87 29.65
C THR A 332 -76.84 -21.27 28.54
N GLY A 333 -77.17 -22.55 28.42
CA GLY A 333 -78.12 -22.97 27.41
C GLY A 333 -77.78 -24.29 26.78
N LEU A 334 -76.92 -25.05 27.43
CA LEU A 334 -76.47 -26.35 26.95
C LEU A 334 -77.52 -27.41 26.92
N ASP A 335 -77.69 -28.03 25.76
CA ASP A 335 -78.68 -29.08 25.68
C ASP A 335 -78.15 -30.18 24.83
N ARG A 336 -78.05 -31.36 25.41
CA ARG A 336 -77.59 -32.52 24.67
C ARG A 336 -78.64 -32.81 23.62
N GLU A 337 -79.89 -32.69 24.02
CA GLU A 337 -80.99 -32.98 23.14
C GLU A 337 -81.04 -32.21 21.80
N LYS A 338 -80.50 -30.99 21.74
CA LYS A 338 -80.50 -30.20 20.49
C LYS A 338 -79.13 -30.03 19.82
N PHE A 339 -78.12 -29.72 20.63
CA PHE A 339 -76.74 -29.50 20.16
C PHE A 339 -75.81 -30.20 21.14
N PRO A 340 -75.41 -31.45 20.83
CA PRO A 340 -74.52 -32.22 21.71
C PRO A 340 -73.01 -32.12 21.60
N GLU A 341 -72.48 -31.60 20.49
CA GLU A 341 -71.02 -31.54 20.36
C GLU A 341 -70.41 -30.35 19.62
N TYR A 342 -69.69 -29.50 20.36
CA TYR A 342 -69.07 -28.32 19.78
C TYR A 342 -67.64 -28.53 19.34
N THR A 343 -67.26 -27.79 18.30
CA THR A 343 -65.94 -27.89 17.74
C THR A 343 -65.41 -26.47 17.63
N LEU A 344 -64.47 -26.13 18.51
CA LEU A 344 -63.91 -24.81 18.52
C LEU A 344 -62.43 -24.76 18.14
N THR A 345 -62.05 -23.67 17.49
CA THR A 345 -60.69 -23.46 17.01
C THR A 345 -59.87 -22.56 17.95
N VAL A 346 -58.71 -23.07 18.34
CA VAL A 346 -57.83 -22.32 19.22
C VAL A 346 -56.52 -21.91 18.52
N GLN A 347 -55.86 -20.92 19.12
CA GLN A 347 -54.61 -20.36 18.61
C GLN A 347 -53.68 -19.99 19.78
N ALA A 348 -52.37 -20.10 19.55
CA ALA A 348 -51.36 -19.75 20.54
C ALA A 348 -50.36 -18.78 19.93
N THR A 349 -49.88 -17.82 20.72
CA THR A 349 -48.97 -16.85 20.14
C THR A 349 -47.70 -16.45 20.88
N ASP A 350 -46.72 -16.11 20.05
CA ASP A 350 -45.40 -15.68 20.44
C ASP A 350 -45.47 -14.38 21.22
N LEU A 351 -44.52 -14.19 22.12
CA LEU A 351 -44.44 -12.94 22.89
C LEU A 351 -45.73 -12.53 23.59
N GLU A 352 -46.39 -13.49 24.24
CA GLU A 352 -47.63 -13.18 24.92
C GLU A 352 -48.60 -12.58 23.92
N GLY A 353 -49.01 -13.41 22.97
CA GLY A 353 -49.96 -12.98 21.96
C GLY A 353 -49.46 -12.02 20.91
N ALA A 354 -48.21 -11.60 21.00
CA ALA A 354 -47.65 -10.64 20.05
C ALA A 354 -46.97 -11.18 18.79
N GLY A 355 -46.20 -12.24 18.92
CA GLY A 355 -45.48 -12.78 17.78
C GLY A 355 -46.22 -13.53 16.70
N LEU A 356 -45.89 -14.82 16.61
CA LEU A 356 -46.48 -15.69 15.60
C LEU A 356 -47.54 -16.57 16.22
N SER A 357 -48.44 -17.07 15.39
CA SER A 357 -49.54 -17.87 15.88
C SER A 357 -49.79 -19.15 15.09
N VAL A 358 -50.55 -20.06 15.69
CA VAL A 358 -50.88 -21.34 15.10
C VAL A 358 -52.25 -21.82 15.52
N GLU A 359 -52.73 -22.92 14.93
CA GLU A 359 -54.04 -23.43 15.31
C GLU A 359 -54.08 -24.85 15.75
N GLY A 360 -55.16 -25.10 16.47
CA GLY A 360 -55.45 -26.40 16.98
C GLY A 360 -56.92 -26.64 16.76
N LYS A 361 -57.45 -27.59 17.51
CA LYS A 361 -58.84 -27.95 17.44
C LYS A 361 -59.14 -28.75 18.69
N ALA A 362 -60.20 -28.34 19.38
CA ALA A 362 -60.66 -28.99 20.59
C ALA A 362 -62.12 -29.28 20.35
N ILE A 363 -62.56 -30.47 20.72
CA ILE A 363 -63.96 -30.86 20.51
C ILE A 363 -64.60 -31.33 21.79
N ILE A 364 -65.73 -30.72 22.09
CA ILE A 364 -66.44 -31.03 23.32
C ILE A 364 -67.79 -31.70 23.14
N GLN A 365 -67.94 -32.82 23.81
CA GLN A 365 -69.20 -33.54 23.79
C GLN A 365 -69.90 -33.15 25.09
N ILE A 366 -71.22 -33.17 25.04
CA ILE A 366 -72.04 -32.79 26.17
C ILE A 366 -72.79 -33.97 26.83
N THR A 367 -72.39 -34.31 28.06
CA THR A 367 -73.01 -35.41 28.81
C THR A 367 -74.54 -35.19 28.84
N ASP A 368 -75.30 -36.11 29.42
CA ASP A 368 -76.75 -35.96 29.42
C ASP A 368 -77.32 -35.54 30.75
N ALA A 369 -78.53 -34.98 30.69
CA ALA A 369 -79.25 -34.56 31.88
C ALA A 369 -80.72 -34.94 31.75
N ASN A 370 -81.39 -35.05 32.89
CA ASN A 370 -82.80 -35.41 32.93
C ASN A 370 -83.67 -34.18 32.63
N ASP A 371 -83.34 -33.52 31.51
CA ASP A 371 -84.07 -32.34 31.10
C ASP A 371 -85.50 -32.77 30.79
N ASN A 372 -85.69 -33.99 30.34
CA ASN A 372 -87.02 -34.41 29.94
C ASN A 372 -87.86 -35.36 30.78
N ALA A 373 -89.16 -35.18 30.66
CA ALA A 373 -90.14 -36.00 31.36
C ALA A 373 -90.71 -36.98 30.34
N PRO A 374 -91.37 -38.06 30.81
CA PRO A 374 -91.98 -39.07 29.93
C PRO A 374 -93.36 -38.62 29.40
N ILE A 375 -93.66 -38.93 28.14
CA ILE A 375 -94.96 -38.58 27.53
C ILE A 375 -95.67 -39.75 26.84
N PHE A 376 -96.88 -40.07 27.29
CA PHE A 376 -97.72 -41.20 26.80
C PHE A 376 -98.17 -41.38 25.36
N ASP A 377 -97.89 -42.39 24.49
CA ASP A 377 -98.70 -41.94 23.37
C ASP A 377 -100.27 -41.99 23.23
N PRO A 378 -100.93 -42.60 24.22
CA PRO A 378 -102.37 -42.37 23.95
C PRO A 378 -102.43 -41.61 25.24
N LYS A 379 -103.53 -40.95 25.54
CA LYS A 379 -103.68 -40.24 26.84
C LYS A 379 -104.79 -40.95 27.60
N THR A 380 -105.70 -41.55 26.83
CA THR A 380 -106.86 -42.31 27.34
C THR A 380 -107.11 -43.62 26.54
N TYR A 381 -107.00 -44.78 27.20
CA TYR A 381 -107.21 -46.09 26.54
C TYR A 381 -108.48 -46.80 26.99
N THR A 382 -108.74 -47.98 26.40
CA THR A 382 -109.86 -48.83 26.82
C THR A 382 -109.62 -50.31 26.52
N ALA A 383 -110.17 -51.19 27.34
CA ALA A 383 -109.98 -52.61 27.11
C ALA A 383 -111.12 -53.33 27.76
N LEU A 384 -111.34 -54.56 27.32
CA LEU A 384 -112.43 -55.38 27.84
C LEU A 384 -111.85 -56.50 28.68
N VAL A 385 -112.64 -57.04 29.59
CA VAL A 385 -112.16 -58.10 30.45
C VAL A 385 -113.23 -59.03 31.00
N PRO A 386 -112.84 -60.26 31.31
CA PRO A 386 -113.56 -61.42 31.87
C PRO A 386 -113.37 -61.58 33.37
N GLU A 387 -114.46 -61.97 34.00
CA GLU A 387 -114.56 -62.17 35.44
C GLU A 387 -113.57 -63.11 36.13
N ASN A 388 -113.53 -64.36 35.68
CA ASN A 388 -112.75 -65.38 36.40
C ASN A 388 -111.90 -66.58 35.90
N GLU A 389 -110.64 -66.42 35.57
CA GLU A 389 -109.81 -67.61 35.23
C GLU A 389 -108.73 -67.14 36.16
N ILE A 390 -108.50 -65.90 35.75
CA ILE A 390 -107.66 -64.79 36.04
C ILE A 390 -106.76 -64.13 37.08
N GLY A 391 -105.81 -63.54 36.36
CA GLY A 391 -104.67 -62.75 36.73
C GLY A 391 -104.31 -62.65 35.25
N PHE A 392 -104.59 -61.53 34.60
CA PHE A 392 -104.34 -61.46 33.15
C PHE A 392 -104.17 -60.06 32.53
N GLU A 393 -103.36 -60.01 31.47
CA GLU A 393 -103.03 -58.78 30.71
C GLU A 393 -104.18 -57.99 30.08
N VAL A 394 -104.48 -56.83 30.65
CA VAL A 394 -105.56 -55.99 30.14
C VAL A 394 -105.19 -55.17 28.90
N GLN A 395 -104.23 -54.26 29.05
CA GLN A 395 -103.78 -53.40 27.96
C GLN A 395 -102.36 -52.95 28.21
N ARG A 396 -101.65 -52.65 27.12
CA ARG A 396 -100.27 -52.16 27.20
C ARG A 396 -100.28 -50.68 26.86
N LEU A 397 -99.29 -49.93 27.35
CA LEU A 397 -99.24 -48.50 27.09
C LEU A 397 -97.93 -47.99 26.47
N SER A 398 -98.02 -46.89 25.72
CA SER A 398 -96.87 -46.32 25.03
C SER A 398 -96.47 -44.93 25.54
N VAL A 399 -95.18 -44.62 25.46
CA VAL A 399 -94.63 -43.33 25.93
C VAL A 399 -93.29 -42.95 25.26
N THR A 400 -92.87 -41.69 25.44
CA THR A 400 -91.59 -41.23 24.90
C THR A 400 -90.85 -40.16 25.69
N ASP A 401 -89.87 -40.59 26.49
CA ASP A 401 -89.00 -39.69 27.28
C ASP A 401 -87.94 -39.39 26.22
N LEU A 402 -87.25 -38.26 26.34
CA LEU A 402 -86.26 -37.90 25.33
C LEU A 402 -84.79 -37.90 25.70
N ASP A 403 -84.48 -38.17 26.95
CA ASP A 403 -83.08 -38.18 27.35
C ASP A 403 -82.46 -39.47 26.79
N MET A 404 -81.30 -39.89 27.29
CA MET A 404 -80.59 -41.09 26.77
C MET A 404 -81.07 -42.52 27.12
N PRO A 405 -81.61 -43.25 26.11
CA PRO A 405 -82.17 -44.61 26.08
C PRO A 405 -81.82 -45.69 27.11
N GLY A 406 -80.61 -46.23 27.09
CA GLY A 406 -80.32 -47.26 28.06
C GLY A 406 -80.25 -46.73 29.49
N THR A 407 -80.54 -45.44 29.63
CA THR A 407 -80.44 -44.74 30.91
C THR A 407 -81.70 -44.56 31.76
N PRO A 408 -81.52 -44.51 33.09
CA PRO A 408 -82.52 -44.33 34.15
C PRO A 408 -83.27 -43.00 34.01
N ALA A 409 -82.92 -42.24 32.97
CA ALA A 409 -83.56 -40.99 32.68
C ALA A 409 -84.43 -41.33 31.47
N TRP A 410 -84.57 -42.63 31.24
CA TRP A 410 -85.35 -43.12 30.13
C TRP A 410 -86.20 -44.33 30.55
N GLN A 411 -85.98 -44.86 31.74
CA GLN A 411 -86.79 -45.99 32.20
C GLN A 411 -88.02 -45.45 32.96
N ALA A 412 -89.18 -45.93 32.56
CA ALA A 412 -90.47 -45.54 33.12
C ALA A 412 -90.86 -46.32 34.37
N VAL A 413 -91.53 -45.64 35.30
CA VAL A 413 -92.01 -46.23 36.54
C VAL A 413 -93.45 -45.80 36.66
N TYR A 414 -94.34 -46.75 36.91
CA TYR A 414 -95.74 -46.39 37.04
C TYR A 414 -96.38 -46.58 38.40
N LYS A 415 -97.70 -46.53 38.38
CA LYS A 415 -98.52 -46.69 39.56
C LYS A 415 -99.88 -46.11 39.26
N ILE A 416 -100.89 -46.72 39.85
CA ILE A 416 -102.27 -46.26 39.69
C ILE A 416 -102.41 -45.26 40.80
N ARG A 417 -103.39 -44.38 40.70
CA ARG A 417 -103.62 -43.42 41.75
C ARG A 417 -104.42 -44.12 42.87
N VAL A 418 -105.57 -44.69 42.48
CA VAL A 418 -106.44 -45.38 43.42
C VAL A 418 -106.75 -46.81 42.98
N ASN A 419 -106.44 -47.78 43.84
CA ASN A 419 -106.67 -49.20 43.56
C ASN A 419 -107.94 -49.65 44.29
N GLU A 420 -109.10 -49.52 43.63
CA GLU A 420 -110.40 -49.88 44.19
C GLU A 420 -110.45 -50.97 45.25
N GLY A 421 -110.19 -52.20 44.84
CA GLY A 421 -110.19 -53.30 45.77
C GLY A 421 -108.75 -53.78 45.76
N GLY A 422 -107.92 -52.92 45.18
CA GLY A 422 -106.51 -53.26 45.12
C GLY A 422 -106.37 -54.48 44.25
N PHE A 423 -107.10 -54.50 43.15
CA PHE A 423 -107.01 -55.65 42.28
C PHE A 423 -106.32 -55.38 40.97
N PHE A 424 -105.20 -54.67 41.03
CA PHE A 424 -104.46 -54.36 39.83
C PHE A 424 -103.00 -54.17 40.08
N ASN A 425 -102.22 -54.71 39.16
CA ASN A 425 -100.81 -54.55 39.24
C ASN A 425 -100.31 -54.11 37.89
N ILE A 426 -99.23 -53.34 37.86
CA ILE A 426 -98.71 -52.87 36.59
C ILE A 426 -97.20 -52.88 36.63
N THR A 427 -96.62 -53.48 35.61
CA THR A 427 -95.18 -53.53 35.56
C THR A 427 -94.73 -52.72 34.36
N THR A 428 -93.42 -52.60 34.26
CA THR A 428 -92.75 -51.83 33.24
C THR A 428 -91.90 -52.80 32.42
N ASP A 429 -91.56 -52.45 31.17
CA ASP A 429 -90.74 -53.37 30.36
C ASP A 429 -89.73 -52.73 29.42
N PRO A 430 -88.46 -53.16 29.50
CA PRO A 430 -87.39 -52.63 28.64
C PRO A 430 -87.57 -52.90 27.14
N GLU A 431 -88.71 -52.49 26.59
CA GLU A 431 -89.00 -52.64 25.17
C GLU A 431 -89.03 -51.21 24.63
N SER A 432 -90.11 -50.51 24.92
CA SER A 432 -90.23 -49.09 24.58
C SER A 432 -90.83 -48.78 25.94
N ASN A 433 -90.26 -49.48 26.91
CA ASN A 433 -90.66 -49.46 28.31
C ASN A 433 -92.11 -49.03 28.44
N GLN A 434 -92.93 -49.83 27.77
CA GLN A 434 -94.36 -49.63 27.75
C GLN A 434 -94.91 -49.98 29.10
N GLY A 435 -96.11 -49.49 29.37
CA GLY A 435 -96.78 -49.76 30.63
C GLY A 435 -97.66 -50.98 30.44
N ILE A 436 -97.34 -52.05 31.13
CA ILE A 436 -98.10 -53.27 30.99
C ILE A 436 -98.96 -53.48 32.22
N LEU A 437 -100.27 -53.28 32.06
CA LEU A 437 -101.23 -53.41 33.15
C LEU A 437 -101.89 -54.79 33.17
N THR A 438 -102.20 -55.28 34.37
CA THR A 438 -102.85 -56.58 34.53
C THR A 438 -103.80 -56.63 35.72
N THR A 439 -104.45 -57.78 35.87
CA THR A 439 -105.40 -58.03 36.96
C THR A 439 -104.72 -58.67 38.14
N ALA A 440 -104.90 -58.06 39.30
CA ALA A 440 -104.30 -58.58 40.52
C ALA A 440 -105.02 -59.81 41.05
N LYS A 441 -106.33 -59.72 41.27
CA LYS A 441 -107.05 -60.87 41.79
C LYS A 441 -108.39 -61.19 41.16
N GLY A 442 -108.36 -61.61 39.90
CA GLY A 442 -109.60 -61.93 39.20
C GLY A 442 -110.63 -60.87 39.46
N LEU A 443 -111.80 -60.97 38.85
CA LEU A 443 -112.80 -59.98 39.16
C LEU A 443 -113.97 -60.83 39.51
N ASP A 444 -115.16 -60.32 39.33
CA ASP A 444 -116.25 -61.14 39.73
C ASP A 444 -117.46 -60.53 39.18
N PHE A 445 -117.49 -59.87 38.04
CA PHE A 445 -118.81 -59.41 38.02
C PHE A 445 -119.89 -58.91 37.21
N GLU A 446 -120.84 -58.85 38.11
CA GLU A 446 -122.19 -58.45 38.10
C GLU A 446 -122.18 -57.34 39.16
N LEU A 447 -121.02 -56.99 39.69
CA LEU A 447 -120.94 -55.94 40.69
C LEU A 447 -120.55 -54.60 40.06
N ARG A 448 -119.62 -54.64 39.12
CA ARG A 448 -119.14 -53.44 38.43
C ARG A 448 -118.76 -53.71 36.98
N LYS A 449 -118.99 -52.69 36.14
CA LYS A 449 -118.66 -52.79 34.73
C LYS A 449 -117.64 -51.71 34.41
N GLN A 450 -117.68 -50.64 35.20
CA GLN A 450 -116.77 -49.54 34.96
C GLN A 450 -115.56 -49.40 35.86
N TYR A 451 -114.49 -48.95 35.22
CA TYR A 451 -113.22 -48.73 35.88
C TYR A 451 -112.47 -47.54 35.30
N VAL A 452 -112.50 -46.45 36.04
CA VAL A 452 -111.82 -45.21 35.66
C VAL A 452 -110.65 -45.05 36.63
N LEU A 453 -109.46 -45.30 36.13
CA LEU A 453 -108.26 -45.18 36.94
C LEU A 453 -107.18 -44.44 36.16
N GLN A 454 -106.23 -43.87 36.89
CA GLN A 454 -105.15 -43.11 36.27
C GLN A 454 -103.75 -43.56 36.69
N ILE A 455 -102.82 -43.55 35.74
CA ILE A 455 -101.45 -43.94 36.00
C ILE A 455 -100.48 -42.85 35.60
N THR A 456 -99.65 -42.46 36.55
CA THR A 456 -98.64 -41.45 36.29
C THR A 456 -97.34 -42.19 36.00
N VAL A 457 -96.44 -41.53 35.28
CA VAL A 457 -95.17 -42.12 34.91
C VAL A 457 -93.99 -41.23 35.23
N GLU A 458 -92.99 -41.82 35.89
CA GLU A 458 -91.77 -41.12 36.26
C GLU A 458 -90.59 -41.86 35.65
N ASN A 459 -89.40 -41.42 36.04
CA ASN A 459 -88.15 -42.03 35.61
C ASN A 459 -87.66 -42.64 36.91
N ALA A 460 -86.58 -43.42 36.83
CA ALA A 460 -86.02 -44.04 38.03
C ALA A 460 -85.34 -42.98 38.92
N GLU A 461 -84.57 -42.10 38.28
CA GLU A 461 -83.85 -41.03 38.98
C GLU A 461 -84.64 -39.73 38.91
N PRO A 462 -84.60 -38.92 40.00
CA PRO A 462 -85.32 -37.63 40.09
C PRO A 462 -85.05 -36.73 38.91
N PHE A 463 -85.74 -35.60 38.85
CA PHE A 463 -85.54 -34.67 37.73
C PHE A 463 -84.67 -33.48 38.06
N SER A 464 -83.89 -33.16 37.04
CA SER A 464 -82.95 -32.08 37.06
C SER A 464 -83.68 -30.75 36.85
N VAL A 465 -85.00 -30.74 37.03
CA VAL A 465 -85.80 -29.53 36.80
C VAL A 465 -87.27 -29.78 37.13
N PRO A 466 -88.03 -28.74 37.49
CA PRO A 466 -89.45 -28.99 37.77
C PRO A 466 -90.04 -29.36 36.44
N LEU A 467 -90.93 -30.32 36.42
CA LEU A 467 -91.49 -30.73 35.15
C LEU A 467 -92.91 -31.15 35.34
N PRO A 468 -93.63 -31.34 34.24
CA PRO A 468 -95.02 -31.77 34.37
C PRO A 468 -95.16 -33.31 34.41
N THR A 469 -95.81 -33.80 35.46
CA THR A 469 -96.03 -35.24 35.63
C THR A 469 -97.20 -35.61 34.72
N SER A 470 -97.03 -36.54 33.79
CA SER A 470 -98.20 -36.81 32.99
C SER A 470 -98.86 -38.16 33.03
N THR A 471 -100.11 -38.13 33.47
CA THR A 471 -101.03 -39.26 33.62
C THR A 471 -101.76 -39.74 32.40
N ALA A 472 -102.20 -40.97 32.54
CA ALA A 472 -102.94 -41.62 31.50
C ALA A 472 -104.23 -42.07 32.19
N THR A 473 -105.36 -41.66 31.61
CA THR A 473 -106.66 -41.99 32.16
C THR A 473 -107.27 -43.20 31.39
N VAL A 474 -107.63 -44.27 32.11
CA VAL A 474 -108.16 -45.47 31.44
C VAL A 474 -109.43 -46.17 31.91
N THR A 475 -110.19 -46.63 30.90
CA THR A 475 -111.48 -47.30 31.08
C THR A 475 -111.63 -48.75 30.77
N VAL A 476 -112.10 -49.48 31.77
CA VAL A 476 -112.27 -50.90 31.65
C VAL A 476 -113.70 -51.41 31.72
N THR A 477 -113.95 -52.48 30.98
CA THR A 477 -115.26 -53.13 30.93
C THR A 477 -115.15 -54.63 31.12
N VAL A 478 -115.93 -55.14 32.07
CA VAL A 478 -115.91 -56.56 32.40
C VAL A 478 -116.95 -57.41 31.64
N GLU A 479 -116.46 -58.32 30.79
CA GLU A 479 -117.31 -59.22 30.01
C GLU A 479 -117.92 -60.21 31.00
N ASP A 480 -119.03 -60.84 30.62
CA ASP A 480 -119.65 -61.78 31.54
C ASP A 480 -119.49 -63.25 31.21
N VAL A 481 -119.30 -64.02 32.28
CA VAL A 481 -119.22 -65.46 32.20
C VAL A 481 -120.32 -65.84 33.14
N ASN A 482 -120.97 -66.93 32.81
CA ASN A 482 -122.13 -67.35 33.55
C ASN A 482 -121.85 -68.58 34.41
N GLU A 483 -122.12 -68.46 35.72
CA GLU A 483 -121.86 -69.55 36.66
C GLU A 483 -122.99 -70.47 37.09
N ALA A 484 -122.57 -71.61 37.64
CA ALA A 484 -123.46 -72.65 38.11
C ALA A 484 -124.44 -72.20 39.19
N PRO A 485 -125.61 -72.85 39.24
CA PRO A 485 -126.66 -72.54 40.23
C PRO A 485 -126.34 -73.33 41.49
N PHE A 486 -127.14 -73.11 42.54
CA PHE A 486 -126.91 -73.80 43.79
C PHE A 486 -128.22 -73.98 44.55
N PHE A 487 -128.42 -75.14 45.16
CA PHE A 487 -129.62 -75.33 45.95
C PHE A 487 -129.28 -74.36 47.05
N VAL A 488 -130.26 -73.88 47.80
CA VAL A 488 -129.87 -72.97 48.84
C VAL A 488 -129.10 -73.76 49.89
N PRO A 489 -129.79 -74.36 50.88
CA PRO A 489 -128.96 -75.07 51.84
C PRO A 489 -128.50 -76.45 51.44
N ALA A 490 -128.14 -77.14 52.48
CA ALA A 490 -127.65 -78.48 52.44
C ALA A 490 -128.49 -78.93 53.59
N VAL A 491 -129.62 -79.47 53.19
CA VAL A 491 -130.73 -79.84 54.05
C VAL A 491 -130.94 -81.02 55.02
N SER A 492 -131.09 -80.65 56.30
CA SER A 492 -131.40 -81.55 57.41
C SER A 492 -132.83 -81.08 57.44
N ARG A 493 -133.65 -81.59 56.55
CA ARG A 493 -134.99 -81.07 56.50
C ARG A 493 -136.14 -81.81 57.11
N VAL A 494 -136.51 -82.86 56.41
CA VAL A 494 -137.68 -83.63 56.74
C VAL A 494 -137.73 -84.70 57.82
N ASP A 495 -138.14 -84.30 59.02
CA ASP A 495 -138.32 -85.27 60.09
C ASP A 495 -139.64 -85.92 59.63
N VAL A 496 -139.53 -87.00 58.85
CA VAL A 496 -140.70 -87.71 58.30
C VAL A 496 -140.79 -89.16 58.77
N SER A 497 -142.01 -89.64 58.97
CA SER A 497 -142.22 -91.01 59.44
C SER A 497 -142.20 -92.08 58.35
N GLU A 498 -142.00 -93.31 58.81
CA GLU A 498 -141.92 -94.52 57.97
C GLU A 498 -143.20 -94.88 57.18
N ASP A 499 -144.35 -94.44 57.69
CA ASP A 499 -145.65 -94.72 57.07
C ASP A 499 -145.97 -93.90 55.82
N LEU A 500 -145.01 -93.13 55.33
CA LEU A 500 -145.30 -92.31 54.15
C LEU A 500 -145.75 -93.09 52.94
N SER A 501 -146.78 -92.51 52.32
CA SER A 501 -147.43 -93.02 51.12
C SER A 501 -146.62 -92.80 49.85
N ARG A 502 -146.17 -93.90 49.27
CA ARG A 502 -145.37 -93.90 48.05
C ARG A 502 -145.89 -92.92 46.98
N GLY A 503 -145.36 -91.70 47.03
CA GLY A 503 -145.74 -90.66 46.10
C GLY A 503 -146.29 -89.47 46.87
N GLU A 504 -145.57 -89.03 47.89
CA GLU A 504 -146.01 -87.91 48.71
C GLU A 504 -144.95 -86.82 48.92
N LYS A 505 -145.41 -85.57 48.96
CA LYS A 505 -144.55 -84.41 49.12
C LYS A 505 -143.67 -84.45 50.38
N ILE A 506 -142.36 -84.51 50.17
CA ILE A 506 -141.41 -84.51 51.27
C ILE A 506 -140.76 -83.14 51.39
N ILE A 507 -139.99 -82.79 50.37
CA ILE A 507 -139.29 -81.53 50.34
C ILE A 507 -139.44 -80.78 49.04
N SER A 508 -140.29 -79.76 49.07
CA SER A 508 -140.49 -78.93 47.92
C SER A 508 -139.29 -77.99 48.06
N LEU A 509 -138.31 -78.15 47.18
CA LEU A 509 -137.10 -77.33 47.26
C LEU A 509 -136.84 -76.43 46.06
N VAL A 510 -135.90 -75.50 46.24
CA VAL A 510 -135.49 -74.56 45.21
C VAL A 510 -134.00 -74.30 45.28
N ALA A 511 -133.45 -73.92 44.13
CA ALA A 511 -132.04 -73.61 44.01
C ALA A 511 -131.95 -72.23 43.37
N GLN A 512 -130.82 -71.56 43.54
CA GLN A 512 -130.64 -70.23 42.94
C GLN A 512 -129.41 -70.20 42.04
N ASP A 513 -129.45 -69.33 41.03
CA ASP A 513 -128.34 -69.15 40.09
C ASP A 513 -127.98 -67.67 40.04
N PRO A 514 -126.67 -67.36 40.14
CA PRO A 514 -126.04 -66.03 40.12
C PRO A 514 -126.41 -65.01 39.05
N ASP A 515 -125.86 -65.22 37.85
CA ASP A 515 -126.06 -64.31 36.73
C ASP A 515 -127.42 -63.67 36.49
N LYS A 516 -127.59 -62.40 36.88
CA LYS A 516 -128.84 -61.72 36.58
C LYS A 516 -128.64 -61.36 35.12
N GLN A 517 -129.02 -62.31 34.30
CA GLN A 517 -128.94 -62.28 32.85
C GLN A 517 -129.96 -63.39 32.77
N GLN A 518 -130.33 -63.80 33.98
CA GLN A 518 -131.26 -64.87 34.27
C GLN A 518 -132.43 -64.97 33.32
N ILE A 519 -132.18 -65.80 32.32
CA ILE A 519 -133.08 -66.17 31.23
C ILE A 519 -132.26 -67.37 30.79
N GLN A 520 -132.24 -68.33 31.72
CA GLN A 520 -131.50 -69.56 31.61
C GLN A 520 -132.11 -70.43 32.70
N LYS A 521 -132.83 -71.48 32.36
CA LYS A 521 -133.21 -72.28 33.48
C LYS A 521 -132.42 -73.56 33.51
N LEU A 522 -132.72 -74.30 34.55
CA LEU A 522 -132.03 -75.51 34.84
C LEU A 522 -132.96 -76.70 35.04
N SER A 523 -132.32 -77.85 35.22
CA SER A 523 -133.06 -79.07 35.47
C SER A 523 -132.54 -79.75 36.73
N TYR A 524 -133.47 -80.18 37.57
CA TYR A 524 -133.15 -80.85 38.83
C TYR A 524 -133.01 -82.36 38.68
N PHE A 525 -131.82 -82.84 39.00
CA PHE A 525 -131.51 -84.25 38.93
C PHE A 525 -131.10 -84.71 40.30
N ILE A 526 -131.36 -85.96 40.63
CA ILE A 526 -130.93 -86.45 41.92
C ILE A 526 -129.62 -87.13 41.68
N GLY A 527 -129.02 -87.71 42.71
CA GLY A 527 -127.73 -88.34 42.49
C GLY A 527 -127.18 -89.30 43.51
N ASN A 528 -126.91 -88.88 44.75
CA ASN A 528 -126.31 -89.87 45.64
C ASN A 528 -127.17 -91.08 45.89
N ASP A 529 -126.76 -92.03 46.73
CA ASP A 529 -127.61 -93.19 46.65
C ASP A 529 -127.96 -94.49 47.38
N PRO A 530 -127.53 -94.82 48.63
CA PRO A 530 -128.21 -96.12 48.75
C PRO A 530 -129.67 -96.18 48.23
N ALA A 531 -130.17 -97.38 48.02
CA ALA A 531 -131.40 -97.50 47.25
C ALA A 531 -132.78 -96.85 47.24
N ARG A 532 -133.04 -96.66 45.95
CA ARG A 532 -134.18 -96.11 45.26
C ARG A 532 -135.53 -96.01 45.92
N TRP A 533 -135.85 -94.81 46.36
CA TRP A 533 -137.12 -94.50 47.01
C TRP A 533 -137.69 -93.29 46.34
N LEU A 534 -137.08 -92.19 46.74
CA LEU A 534 -137.39 -90.83 46.36
C LEU A 534 -137.41 -90.45 44.90
N THR A 535 -138.17 -89.40 44.61
CA THR A 535 -138.20 -88.87 43.26
C THR A 535 -138.59 -87.42 43.05
N VAL A 536 -137.85 -86.89 42.10
CA VAL A 536 -137.85 -85.51 41.67
C VAL A 536 -138.49 -85.14 40.35
N ASN A 537 -139.12 -83.99 40.38
CA ASN A 537 -139.71 -83.41 39.20
C ASN A 537 -138.49 -82.58 38.81
N LYS A 538 -137.93 -82.82 37.64
CA LYS A 538 -136.73 -82.10 37.21
C LYS A 538 -136.92 -80.63 36.81
N ASP A 539 -138.11 -80.27 36.35
CA ASP A 539 -138.38 -78.90 35.92
C ASP A 539 -139.09 -78.09 36.98
N ASN A 540 -139.07 -78.58 38.22
CA ASN A 540 -139.74 -77.89 39.31
C ASN A 540 -139.18 -78.27 40.67
N GLY A 541 -138.08 -79.02 40.65
CA GLY A 541 -137.45 -79.44 41.88
C GLY A 541 -138.43 -79.78 42.98
N ILE A 542 -139.08 -80.93 42.85
CA ILE A 542 -140.01 -81.37 43.87
C ILE A 542 -139.61 -82.78 44.28
N VAL A 543 -139.25 -82.92 45.54
CA VAL A 543 -138.84 -84.23 46.03
C VAL A 543 -140.02 -84.88 46.72
N THR A 544 -140.48 -85.96 46.10
CA THR A 544 -141.59 -86.73 46.62
C THR A 544 -141.01 -88.02 47.19
N GLY A 545 -141.85 -88.82 47.83
CA GLY A 545 -141.35 -90.05 48.40
C GLY A 545 -142.04 -91.27 47.88
N ASN A 546 -141.37 -91.99 46.99
CA ASN A 546 -141.93 -93.21 46.45
C ASN A 546 -141.30 -94.32 47.29
N GLY A 547 -141.90 -95.51 47.25
CA GLY A 547 -141.32 -96.63 47.97
C GLY A 547 -141.72 -96.94 49.41
N ASN A 548 -141.16 -98.06 49.86
CA ASN A 548 -141.36 -98.55 51.19
C ASN A 548 -140.07 -98.24 51.88
N LEU A 549 -140.20 -97.62 53.03
CA LEU A 549 -139.07 -97.25 53.82
C LEU A 549 -139.23 -98.10 55.06
N ASP A 550 -138.29 -97.98 55.98
CA ASP A 550 -138.34 -98.75 57.21
C ASP A 550 -137.21 -98.26 58.09
N ARG A 551 -137.56 -97.38 59.02
CA ARG A 551 -136.58 -96.79 59.94
C ARG A 551 -135.74 -97.91 60.50
N GLU A 552 -136.41 -99.02 60.73
CA GLU A 552 -135.76 -100.14 61.34
C GLU A 552 -134.50 -100.74 60.81
N SER A 553 -134.05 -100.50 59.58
CA SER A 553 -132.88 -101.33 59.42
C SER A 553 -131.60 -101.39 58.70
N GLU A 554 -131.39 -100.89 57.50
CA GLU A 554 -130.08 -101.32 57.15
C GLU A 554 -129.01 -100.38 56.90
N TYR A 555 -129.34 -99.42 56.07
CA TYR A 555 -128.47 -98.37 55.68
C TYR A 555 -128.51 -97.42 56.85
N VAL A 556 -129.71 -97.14 57.32
CA VAL A 556 -129.88 -96.23 58.43
C VAL A 556 -128.84 -96.59 59.48
N LYS A 557 -127.99 -95.61 59.80
CA LYS A 557 -126.90 -95.78 60.77
C LYS A 557 -127.30 -95.09 62.06
N ASN A 558 -126.93 -93.82 62.25
CA ASN A 558 -127.43 -93.20 63.45
C ASN A 558 -128.83 -92.99 62.93
N ASN A 559 -129.69 -92.27 63.64
CA ASN A 559 -131.06 -92.11 63.14
C ASN A 559 -131.19 -91.57 61.69
N THR A 560 -130.08 -91.53 60.95
CA THR A 560 -130.04 -90.99 59.58
C THR A 560 -130.35 -91.79 58.31
N TYR A 561 -130.23 -91.01 57.23
CA TYR A 561 -130.32 -91.40 55.85
C TYR A 561 -129.95 -90.12 55.14
N THR A 562 -128.76 -90.09 54.58
CA THR A 562 -128.24 -88.91 53.91
C THR A 562 -128.17 -89.18 52.42
N VAL A 563 -128.59 -88.17 51.67
CA VAL A 563 -128.62 -88.27 50.23
C VAL A 563 -128.20 -86.95 49.62
N ILE A 564 -127.50 -87.03 48.50
CA ILE A 564 -127.06 -85.83 47.81
C ILE A 564 -127.72 -85.77 46.45
N MET A 565 -127.93 -84.57 45.94
CA MET A 565 -128.58 -84.39 44.65
C MET A 565 -127.95 -83.28 43.83
N LEU A 566 -128.37 -83.18 42.56
CA LEU A 566 -127.83 -82.17 41.67
C LEU A 566 -128.84 -81.25 40.98
N VAL A 567 -128.30 -80.27 40.25
CA VAL A 567 -129.09 -79.30 39.50
C VAL A 567 -128.16 -78.73 38.41
N THR A 568 -128.69 -78.52 37.21
CA THR A 568 -127.85 -78.03 36.11
C THR A 568 -128.24 -76.73 35.40
N ASP A 569 -127.22 -75.89 35.20
CA ASP A 569 -127.36 -74.60 34.54
C ASP A 569 -127.40 -74.73 33.02
N ASP A 570 -128.59 -74.61 32.46
CA ASP A 570 -128.78 -74.68 31.02
C ASP A 570 -129.43 -73.37 30.62
N GLY A 571 -130.06 -73.33 29.45
CA GLY A 571 -130.69 -72.09 29.03
C GLY A 571 -129.72 -71.45 28.07
N VAL A 572 -128.45 -71.36 28.51
CA VAL A 572 -127.42 -70.81 27.65
C VAL A 572 -125.99 -71.44 27.71
N SER A 573 -125.63 -72.20 28.75
CA SER A 573 -124.31 -72.86 28.72
C SER A 573 -123.99 -74.13 29.54
N VAL A 574 -123.67 -74.02 30.84
CA VAL A 574 -123.34 -75.23 31.66
C VAL A 574 -123.46 -75.04 33.18
N GLY A 575 -123.56 -76.15 33.93
CA GLY A 575 -123.64 -76.02 35.39
C GLY A 575 -123.95 -77.22 36.28
N THR A 576 -123.41 -77.16 37.51
CA THR A 576 -123.60 -78.18 38.53
C THR A 576 -123.80 -77.67 39.89
N GLY A 577 -124.58 -78.41 40.66
CA GLY A 577 -124.86 -77.98 42.01
C GLY A 577 -124.92 -79.11 43.02
N THR A 578 -123.85 -79.29 43.77
CA THR A 578 -123.88 -80.37 44.72
C THR A 578 -124.34 -80.02 46.09
N GLY A 579 -125.51 -80.59 46.38
CA GLY A 579 -126.16 -80.38 47.64
C GLY A 579 -126.56 -81.63 48.37
N THR A 580 -126.12 -81.71 49.62
CA THR A 580 -126.41 -82.83 50.48
C THR A 580 -127.75 -82.65 51.10
N LEU A 581 -128.33 -83.78 51.47
CA LEU A 581 -129.63 -83.82 52.07
C LEU A 581 -129.80 -84.92 53.09
N ILE A 582 -129.90 -84.52 54.35
CA ILE A 582 -130.13 -85.45 55.45
C ILE A 582 -131.61 -85.33 55.80
N LEU A 583 -132.29 -86.47 55.90
CA LEU A 583 -133.71 -86.46 56.24
C LEU A 583 -133.96 -87.35 57.45
N HIS A 584 -134.54 -86.75 58.49
CA HIS A 584 -134.82 -87.45 59.73
C HIS A 584 -135.93 -88.50 59.57
N VAL A 585 -135.58 -89.78 59.61
CA VAL A 585 -136.57 -90.84 59.49
C VAL A 585 -137.19 -91.01 60.88
N LEU A 586 -138.37 -91.63 60.96
CA LEU A 586 -139.05 -91.77 62.25
C LEU A 586 -139.52 -93.13 62.69
N ASP A 587 -139.89 -93.24 63.96
CA ASP A 587 -140.34 -94.54 64.38
C ASP A 587 -141.81 -94.86 64.56
N VAL A 588 -142.02 -96.09 64.13
CA VAL A 588 -143.26 -96.83 64.05
C VAL A 588 -142.94 -98.13 64.81
N ASN A 589 -143.95 -98.77 65.39
CA ASN A 589 -143.70 -100.03 66.08
C ASN A 589 -144.02 -101.13 65.07
N ASP A 590 -143.01 -101.55 64.31
CA ASP A 590 -143.19 -102.60 63.31
C ASP A 590 -143.20 -103.96 64.00
N ASN A 591 -141.99 -104.49 64.13
CA ASN A 591 -141.76 -105.79 64.72
C ASN A 591 -142.31 -105.98 66.13
N GLY A 592 -142.15 -107.19 66.63
CA GLY A 592 -142.59 -107.57 67.96
C GLY A 592 -141.53 -108.47 68.59
N PRO A 593 -141.57 -108.66 69.92
CA PRO A 593 -140.66 -109.48 70.74
C PRO A 593 -140.19 -110.85 70.21
N VAL A 594 -138.97 -111.24 70.58
CA VAL A 594 -138.39 -112.51 70.15
C VAL A 594 -137.32 -113.09 71.12
N PRO A 595 -137.34 -114.42 71.35
CA PRO A 595 -136.43 -115.18 72.22
C PRO A 595 -134.97 -115.23 71.75
N SER A 596 -134.05 -115.10 72.71
CA SER A 596 -132.63 -115.12 72.40
C SER A 596 -132.11 -116.46 71.88
N PRO A 597 -131.97 -117.47 72.76
CA PRO A 597 -131.48 -118.73 72.22
C PRO A 597 -132.64 -119.50 71.61
N ARG A 598 -132.42 -120.19 70.50
CA ARG A 598 -133.49 -120.95 69.88
C ARG A 598 -133.39 -122.46 70.03
N VAL A 599 -132.29 -122.95 70.60
CA VAL A 599 -132.15 -124.38 70.82
C VAL A 599 -131.48 -124.68 72.15
N PHE A 600 -132.12 -125.54 72.93
CA PHE A 600 -131.62 -125.90 74.24
C PHE A 600 -130.92 -127.22 74.23
N THR A 601 -130.54 -127.60 75.44
CA THR A 601 -129.88 -128.84 75.74
C THR A 601 -130.35 -129.03 77.18
N MET A 602 -131.53 -129.60 77.33
CA MET A 602 -132.08 -129.82 78.66
C MET A 602 -131.50 -131.09 79.21
N CYS A 603 -131.64 -131.28 80.51
CA CYS A 603 -131.17 -132.52 81.05
C CYS A 603 -132.33 -133.42 81.47
N ASP A 604 -132.01 -134.62 81.96
CA ASP A 604 -132.99 -135.64 82.30
C ASP A 604 -133.57 -135.63 83.72
N GLN A 605 -132.81 -136.19 84.65
CA GLN A 605 -133.26 -136.28 86.05
C GLN A 605 -133.92 -135.02 86.59
N ASN A 606 -133.22 -133.88 86.53
CA ASN A 606 -133.74 -132.62 87.05
C ASN A 606 -133.19 -131.38 86.36
N PRO A 607 -133.66 -131.09 85.14
CA PRO A 607 -133.20 -129.93 84.34
C PRO A 607 -133.42 -128.59 85.07
N GLU A 608 -132.42 -127.70 85.03
CA GLU A 608 -132.57 -126.41 85.67
C GLU A 608 -133.16 -125.45 84.65
N PRO A 609 -133.82 -124.36 85.10
CA PRO A 609 -134.43 -123.38 84.21
C PRO A 609 -133.62 -123.05 82.97
N GLN A 610 -134.29 -123.08 81.81
CA GLN A 610 -133.62 -122.74 80.57
C GLN A 610 -133.80 -121.25 80.37
N VAL A 611 -132.73 -120.49 80.60
CA VAL A 611 -132.81 -119.05 80.43
C VAL A 611 -133.04 -118.69 78.97
N LEU A 612 -133.92 -117.74 78.76
CA LEU A 612 -134.28 -117.27 77.43
C LEU A 612 -134.57 -115.79 77.63
N THR A 613 -134.40 -114.98 76.59
CA THR A 613 -134.67 -113.55 76.72
C THR A 613 -135.49 -112.99 75.57
N ILE A 614 -135.71 -111.67 75.61
CA ILE A 614 -136.51 -110.99 74.60
C ILE A 614 -135.85 -109.76 73.96
N SER A 615 -136.15 -109.54 72.67
CA SER A 615 -135.60 -108.42 71.89
C SER A 615 -136.58 -107.83 70.87
N ASP A 616 -136.64 -106.50 70.81
CA ASP A 616 -137.53 -105.79 69.88
C ASP A 616 -136.71 -104.89 68.94
N ALA A 617 -137.12 -104.81 67.68
CA ALA A 617 -136.40 -103.98 66.70
C ALA A 617 -136.84 -102.54 66.78
N ASP A 618 -137.89 -102.32 67.55
CA ASP A 618 -138.42 -100.99 67.69
C ASP A 618 -137.69 -100.10 68.68
N ILE A 619 -138.06 -98.83 68.62
CA ILE A 619 -137.47 -97.90 69.50
C ILE A 619 -138.50 -97.62 70.58
N PRO A 620 -138.03 -97.31 71.84
CA PRO A 620 -138.95 -97.03 72.94
C PRO A 620 -140.00 -95.89 72.67
N PRO A 621 -141.19 -96.06 73.32
CA PRO A 621 -141.81 -96.91 74.34
C PRO A 621 -142.05 -98.30 73.79
N ASN A 622 -142.29 -98.36 72.50
CA ASN A 622 -142.54 -99.55 71.69
C ASN A 622 -141.96 -100.93 72.05
N THR A 623 -141.14 -100.99 73.09
CA THR A 623 -140.56 -102.27 73.50
C THR A 623 -140.68 -102.37 75.00
N TYR A 624 -141.46 -101.46 75.57
CA TYR A 624 -141.69 -101.46 77.01
C TYR A 624 -142.16 -102.89 77.29
N PRO A 625 -142.29 -103.24 78.57
CA PRO A 625 -142.73 -104.53 79.08
C PRO A 625 -143.71 -105.47 78.38
N TYR A 626 -143.49 -106.72 78.73
CA TYR A 626 -144.16 -107.87 78.20
C TYR A 626 -145.29 -108.61 78.82
N LYS A 627 -145.64 -109.64 78.06
CA LYS A 627 -146.71 -110.55 78.38
C LYS A 627 -146.35 -111.82 77.60
N VAL A 628 -145.89 -112.84 78.33
CA VAL A 628 -145.50 -114.14 77.77
C VAL A 628 -146.72 -115.05 77.62
N SER A 629 -146.75 -115.87 76.56
CA SER A 629 -147.89 -116.77 76.30
C SER A 629 -147.47 -118.08 75.60
N LEU A 630 -148.04 -119.19 76.04
CA LEU A 630 -147.73 -120.50 75.46
C LEU A 630 -148.99 -121.14 74.80
N SER A 631 -148.97 -121.13 73.46
CA SER A 631 -150.03 -121.61 72.53
C SER A 631 -150.63 -123.01 72.39
N HIS A 632 -150.15 -123.92 71.54
CA HIS A 632 -150.87 -125.22 71.61
C HIS A 632 -150.35 -125.94 72.84
N GLY A 633 -149.06 -126.23 72.90
CA GLY A 633 -148.53 -126.86 74.10
C GLY A 633 -148.33 -125.90 75.28
N SER A 634 -149.42 -125.47 75.93
CA SER A 634 -149.35 -124.58 77.10
C SER A 634 -149.26 -125.57 78.24
N ASP A 635 -149.25 -126.84 77.83
CA ASP A 635 -149.19 -127.96 78.73
C ASP A 635 -148.85 -129.25 77.95
N LEU A 636 -147.54 -129.51 77.80
CA LEU A 636 -146.88 -130.70 77.17
C LEU A 636 -145.78 -130.48 78.11
N THR A 637 -146.29 -129.65 79.02
CA THR A 637 -145.65 -129.11 80.16
C THR A 637 -144.50 -128.18 79.94
N TRP A 638 -144.90 -126.95 80.09
CA TRP A 638 -144.05 -125.86 79.92
C TRP A 638 -144.66 -124.73 80.68
N LYS A 639 -143.82 -124.09 81.51
CA LYS A 639 -144.24 -122.97 82.30
C LYS A 639 -143.23 -121.86 82.29
N ALA A 640 -143.85 -120.76 81.86
CA ALA A 640 -143.34 -119.42 81.58
C ALA A 640 -142.91 -118.52 82.71
N GLU A 641 -141.92 -117.67 82.46
CA GLU A 641 -141.54 -116.74 83.50
C GLU A 641 -140.61 -115.60 83.16
N LEU A 642 -140.81 -114.49 83.85
CA LEU A 642 -140.03 -113.29 83.62
C LEU A 642 -139.02 -113.00 84.71
N ASP A 643 -137.88 -112.44 84.27
CA ASP A 643 -136.83 -112.03 85.17
C ASP A 643 -137.39 -110.77 85.79
N SER A 644 -136.95 -110.43 87.00
CA SER A 644 -137.42 -109.22 87.67
C SER A 644 -137.01 -107.98 86.89
N LYS A 645 -135.71 -107.88 86.58
CA LYS A 645 -135.21 -106.73 85.84
C LYS A 645 -135.61 -106.81 84.36
N GLY A 646 -136.88 -107.14 84.13
CA GLY A 646 -137.47 -107.21 82.80
C GLY A 646 -137.18 -108.18 81.66
N THR A 647 -136.03 -108.01 81.02
CA THR A 647 -135.65 -108.79 79.82
C THR A 647 -135.72 -110.30 79.58
N SER A 648 -135.34 -111.15 80.52
CA SER A 648 -135.39 -112.58 80.22
C SER A 648 -136.64 -113.30 80.71
N MET A 649 -136.81 -114.54 80.25
CA MET A 649 -137.94 -115.35 80.67
C MET A 649 -137.43 -116.73 81.12
N LEU A 650 -138.04 -117.28 82.18
CA LEU A 650 -137.66 -118.58 82.74
C LEU A 650 -138.56 -119.69 82.21
N LEU A 651 -137.96 -120.60 81.46
CA LEU A 651 -138.68 -121.71 80.85
C LEU A 651 -138.45 -123.04 81.58
N SER A 652 -139.51 -123.59 82.15
CA SER A 652 -139.41 -124.85 82.88
C SER A 652 -140.61 -125.79 82.67
N PRO A 653 -140.33 -127.09 82.47
CA PRO A 653 -141.40 -128.08 82.28
C PRO A 653 -142.24 -128.16 83.58
N THR A 654 -143.04 -129.21 83.70
CA THR A 654 -143.88 -129.48 84.87
C THR A 654 -144.20 -131.00 84.85
N GLN A 655 -143.68 -131.67 83.82
CA GLN A 655 -143.79 -133.14 83.62
C GLN A 655 -142.34 -133.66 83.54
N GLN A 656 -142.11 -134.94 83.78
CA GLN A 656 -140.75 -135.54 83.76
C GLN A 656 -140.30 -136.00 82.36
N LEU A 657 -140.97 -135.47 81.33
CA LEU A 657 -140.76 -135.84 79.93
C LEU A 657 -139.44 -136.27 79.27
N LYS A 658 -139.72 -136.97 78.17
CA LYS A 658 -138.86 -137.66 77.22
C LYS A 658 -137.53 -137.23 76.62
N LYS A 659 -136.91 -138.27 76.06
CA LYS A 659 -135.63 -138.32 75.41
C LYS A 659 -135.42 -137.55 74.10
N GLY A 660 -135.19 -136.24 74.23
CA GLY A 660 -134.90 -135.39 73.08
C GLY A 660 -135.88 -134.97 71.99
N ASP A 661 -135.37 -134.02 71.19
CA ASP A 661 -136.00 -133.41 70.03
C ASP A 661 -137.50 -133.04 70.01
N TYR A 662 -137.82 -131.83 70.50
CA TYR A 662 -139.20 -131.34 70.51
C TYR A 662 -139.29 -129.85 70.90
N SER A 663 -140.20 -129.16 70.23
CA SER A 663 -140.41 -127.73 70.43
C SER A 663 -141.39 -127.28 71.49
N ILE A 664 -141.46 -125.96 71.64
CA ILE A 664 -142.35 -125.28 72.58
C ILE A 664 -142.80 -124.00 71.87
N TYR A 665 -144.11 -123.88 71.64
CA TYR A 665 -144.65 -122.69 70.96
C TYR A 665 -144.68 -121.49 71.93
N VAL A 666 -144.00 -120.40 71.53
CA VAL A 666 -143.92 -119.19 72.35
C VAL A 666 -144.79 -118.05 71.76
N LEU A 667 -145.20 -117.10 72.60
CA LEU A 667 -146.04 -115.98 72.17
C LEU A 667 -145.94 -114.76 73.12
N LEU A 668 -145.42 -113.65 72.62
CA LEU A 668 -145.23 -112.42 73.43
C LEU A 668 -146.03 -111.21 72.97
N SER A 669 -145.73 -110.07 73.56
CA SER A 669 -146.42 -108.82 73.25
C SER A 669 -145.67 -107.64 73.92
N ASP A 670 -145.77 -106.44 73.34
CA ASP A 670 -145.07 -105.27 73.89
C ASP A 670 -145.83 -103.94 74.03
N ALA A 671 -146.92 -103.79 73.30
CA ALA A 671 -147.82 -102.62 73.33
C ALA A 671 -148.99 -103.56 73.27
N GLN A 672 -148.61 -104.71 72.73
CA GLN A 672 -149.36 -105.90 72.49
C GLN A 672 -148.62 -106.52 71.34
N ASN A 673 -148.85 -105.92 70.19
CA ASN A 673 -148.43 -106.45 68.92
C ASN A 673 -148.46 -107.92 68.83
N ASN A 674 -148.37 -108.56 69.99
CA ASN A 674 -148.63 -109.98 70.08
C ASN A 674 -147.74 -111.06 69.59
N PRO A 675 -146.58 -110.69 69.08
CA PRO A 675 -145.97 -111.91 68.69
C PRO A 675 -145.77 -113.23 69.29
N GLN A 676 -146.09 -113.76 68.13
CA GLN A 676 -146.22 -115.06 67.64
C GLN A 676 -144.85 -115.36 67.63
N LEU A 677 -144.50 -116.26 68.47
CA LEU A 677 -143.23 -116.53 68.12
C LEU A 677 -143.39 -117.90 67.89
N THR A 678 -142.61 -118.63 68.61
CA THR A 678 -142.68 -119.80 67.98
C THR A 678 -142.10 -120.86 68.75
N VAL A 679 -141.51 -121.66 67.90
CA VAL A 679 -140.83 -122.81 68.23
C VAL A 679 -139.44 -122.41 68.60
N VAL A 680 -139.05 -122.91 69.75
CA VAL A 680 -137.72 -122.74 70.26
C VAL A 680 -137.60 -124.20 70.72
N ASN A 681 -137.18 -125.02 69.78
CA ASN A 681 -137.04 -126.42 69.99
C ASN A 681 -136.24 -126.81 71.20
N ALA A 682 -136.33 -128.08 71.60
CA ALA A 682 -135.61 -128.50 72.79
C ALA A 682 -134.96 -129.87 72.76
N THR A 683 -133.64 -129.91 72.66
CA THR A 683 -132.91 -131.18 72.63
C THR A 683 -132.50 -131.67 74.03
N VAL A 684 -133.12 -132.78 74.45
CA VAL A 684 -132.87 -133.38 75.76
C VAL A 684 -132.03 -134.66 75.59
N CYS A 685 -131.18 -134.91 76.57
CA CYS A 685 -130.24 -136.03 76.59
C CYS A 685 -129.99 -136.43 78.09
N SER A 686 -129.87 -137.72 78.43
CA SER A 686 -129.72 -138.27 79.83
C SER A 686 -129.00 -137.54 80.98
N CYS A 687 -129.65 -137.49 82.15
CA CYS A 687 -129.08 -136.62 83.15
C CYS A 687 -129.54 -136.42 84.61
N GLU A 688 -129.01 -135.34 85.20
CA GLU A 688 -129.36 -134.92 86.56
C GLU A 688 -129.97 -133.53 86.57
N GLY A 689 -129.18 -132.46 86.60
CA GLY A 689 -129.85 -131.16 86.65
C GLY A 689 -129.30 -129.91 85.99
N LYS A 690 -128.08 -129.98 85.50
CA LYS A 690 -127.50 -128.83 84.84
C LYS A 690 -127.43 -128.93 83.35
N ALA A 691 -127.85 -127.85 82.72
CA ALA A 691 -127.84 -127.72 81.28
C ALA A 691 -126.47 -128.18 80.77
N ILE A 692 -126.42 -129.37 80.17
CA ILE A 692 -125.16 -129.93 79.67
C ILE A 692 -124.93 -129.93 78.15
N LYS A 693 -123.68 -130.12 77.73
CA LYS A 693 -123.32 -130.18 76.31
C LYS A 693 -124.00 -131.48 75.86
N CYS A 694 -124.62 -131.56 74.67
CA CYS A 694 -125.34 -132.83 74.41
C CYS A 694 -124.73 -134.05 73.68
N GLN A 695 -125.38 -134.49 72.61
CA GLN A 695 -124.92 -135.73 72.04
C GLN A 695 -124.95 -136.05 70.54
N ASP B 156 0.89 -15.70 26.01
CA ASP B 156 0.85 -16.97 26.79
C ASP B 156 1.31 -16.86 28.24
N TRP B 157 1.48 -18.06 28.77
CA TRP B 157 1.98 -18.41 30.06
C TRP B 157 3.38 -18.76 29.57
N VAL B 158 4.30 -17.82 29.57
CA VAL B 158 5.61 -18.20 29.06
C VAL B 158 6.45 -18.94 30.03
N ILE B 159 7.74 -18.68 29.98
CA ILE B 159 8.65 -19.41 30.81
C ILE B 159 9.78 -18.46 31.17
N PRO B 160 9.90 -18.12 32.46
CA PRO B 160 10.90 -17.21 33.03
C PRO B 160 12.34 -17.46 32.68
N PRO B 161 13.14 -16.41 32.61
CA PRO B 161 14.56 -16.50 32.29
C PRO B 161 15.20 -17.31 33.40
N ILE B 162 16.29 -17.98 33.08
CA ILE B 162 16.94 -18.78 34.08
C ILE B 162 18.29 -18.25 34.49
N LYS B 163 18.35 -17.75 35.72
CA LYS B 163 19.57 -17.24 36.34
C LYS B 163 20.45 -18.45 36.69
N VAL B 164 21.75 -18.30 36.42
CA VAL B 164 22.73 -19.36 36.67
C VAL B 164 23.99 -18.69 37.19
N SER B 165 24.62 -19.25 38.21
CA SER B 165 25.83 -18.61 38.70
C SER B 165 27.03 -18.91 37.81
N GLU B 166 28.08 -18.13 37.97
CA GLU B 166 29.27 -18.28 37.17
C GLU B 166 30.29 -19.07 37.91
N ASN B 167 31.16 -19.77 37.20
CA ASN B 167 32.20 -20.53 37.85
C ASN B 167 31.53 -21.39 38.88
N GLU B 168 30.49 -22.08 38.40
CA GLU B 168 29.74 -23.00 39.21
C GLU B 168 30.62 -24.25 39.33
N ARG B 169 30.39 -25.05 40.36
CA ARG B 169 31.23 -26.23 40.52
C ARG B 169 30.68 -27.27 41.49
N GLY B 170 30.40 -28.43 40.95
CA GLY B 170 29.89 -29.53 41.72
C GLY B 170 29.94 -30.72 40.79
N PRO B 171 29.02 -31.68 40.92
CA PRO B 171 29.06 -32.85 40.03
C PRO B 171 28.31 -32.55 38.75
N PHE B 172 28.95 -32.67 37.61
CA PHE B 172 28.04 -32.26 36.51
C PHE B 172 27.27 -33.57 36.02
N PRO B 173 26.06 -33.60 35.42
CA PRO B 173 25.15 -32.52 35.11
C PRO B 173 24.40 -31.77 36.23
N LYS B 174 23.58 -30.83 35.73
CA LYS B 174 22.78 -30.06 36.58
C LYS B 174 21.55 -29.77 35.78
N ARG B 175 20.46 -30.26 36.34
CA ARG B 175 19.16 -30.08 35.75
C ARG B 175 18.78 -28.64 36.02
N LEU B 176 18.27 -28.00 34.99
CA LEU B 176 17.80 -26.64 35.13
C LEU B 176 16.30 -26.67 35.26
N VAL B 177 15.65 -27.19 34.21
CA VAL B 177 14.19 -27.31 34.17
C VAL B 177 13.70 -28.42 33.24
N GLN B 178 12.43 -28.77 33.39
CA GLN B 178 11.79 -29.81 32.60
C GLN B 178 10.56 -29.31 31.84
N ILE B 179 10.51 -29.64 30.55
CA ILE B 179 9.41 -29.23 29.69
C ILE B 179 8.58 -30.40 29.16
N LYS B 180 7.28 -30.17 29.00
CA LYS B 180 6.39 -31.20 28.50
C LYS B 180 5.41 -30.69 27.44
N SER B 181 5.25 -31.44 26.36
CA SER B 181 4.28 -31.08 25.34
C SER B 181 3.11 -31.92 25.80
N ASN B 182 1.88 -31.41 25.76
CA ASN B 182 0.75 -32.20 26.23
C ASN B 182 0.09 -32.91 25.06
N LYS B 183 0.57 -32.57 23.89
CA LYS B 183 0.05 -33.15 22.67
C LYS B 183 0.66 -34.54 22.54
N ASP B 184 1.06 -35.12 23.67
CA ASP B 184 1.68 -36.45 23.65
C ASP B 184 0.69 -37.58 23.83
N ARG B 185 -0.60 -37.26 23.94
CA ARG B 185 -1.61 -38.29 24.09
C ARG B 185 -1.52 -39.22 22.89
N PHE B 186 -1.18 -38.67 21.73
CA PHE B 186 -1.14 -39.46 20.51
C PHE B 186 0.10 -40.27 20.14
N ASN B 187 1.27 -39.70 20.16
CA ASN B 187 2.41 -40.52 19.84
C ASN B 187 3.54 -40.22 20.79
N LYS B 188 4.72 -40.74 20.49
CA LYS B 188 5.82 -40.44 21.36
C LYS B 188 6.36 -39.11 20.84
N VAL B 189 6.73 -38.22 21.74
CA VAL B 189 7.28 -36.92 21.37
C VAL B 189 8.80 -36.86 21.60
N TYR B 190 9.52 -36.29 20.65
CA TYR B 190 10.98 -36.20 20.75
C TYR B 190 11.48 -34.77 21.03
N TYR B 191 12.00 -34.57 22.24
CA TYR B 191 12.51 -33.26 22.65
C TYR B 191 13.94 -32.98 22.25
N SER B 192 14.12 -31.86 21.57
CA SER B 192 15.43 -31.41 21.10
C SER B 192 15.51 -29.92 21.46
N ILE B 193 16.60 -29.27 21.08
CA ILE B 193 16.76 -27.85 21.37
C ILE B 193 17.91 -27.25 20.53
N THR B 194 17.75 -25.98 20.14
CA THR B 194 18.74 -25.31 19.27
C THR B 194 19.21 -23.90 19.63
N GLY B 195 20.40 -23.54 19.15
CA GLY B 195 20.94 -22.21 19.39
C GLY B 195 22.44 -22.16 19.70
N GLN B 196 22.94 -20.97 20.05
CA GLN B 196 24.35 -20.83 20.41
C GLN B 196 24.46 -21.43 21.81
N GLY B 197 25.46 -22.25 22.03
CA GLY B 197 25.59 -22.89 23.33
C GLY B 197 24.89 -24.22 23.26
N ALA B 198 24.08 -24.37 22.22
CA ALA B 198 23.33 -25.62 21.98
C ALA B 198 24.03 -26.37 20.88
N ASP B 199 23.48 -26.28 19.67
CA ASP B 199 24.08 -26.94 18.53
C ASP B 199 24.99 -25.96 17.82
N ASN B 200 24.80 -24.67 18.12
CA ASN B 200 25.61 -23.60 17.53
C ASN B 200 26.75 -23.25 18.48
N PRO B 201 27.87 -22.77 17.95
CA PRO B 201 29.06 -22.39 18.73
C PRO B 201 28.72 -21.52 19.94
N PRO B 202 29.13 -21.87 21.17
CA PRO B 202 29.75 -22.96 21.92
C PRO B 202 28.82 -24.16 21.83
N GLN B 203 29.21 -25.15 21.05
CA GLN B 203 28.35 -26.28 21.04
C GLN B 203 28.45 -27.17 22.30
N GLY B 204 27.29 -27.64 22.75
CA GLY B 204 27.23 -28.55 23.88
C GLY B 204 27.30 -28.08 25.31
N VAL B 205 26.89 -26.83 25.57
CA VAL B 205 26.93 -26.36 26.95
C VAL B 205 25.65 -26.82 27.60
N PHE B 206 24.59 -26.88 26.81
CA PHE B 206 23.30 -27.32 27.29
C PHE B 206 22.79 -28.39 26.34
N ARG B 207 22.07 -29.35 26.91
CA ARG B 207 21.48 -30.44 26.14
C ARG B 207 20.23 -30.93 26.85
N ILE B 208 19.31 -31.48 26.08
CA ILE B 208 18.06 -31.97 26.64
C ILE B 208 17.83 -33.44 26.38
N GLU B 209 17.16 -34.09 27.33
CA GLU B 209 16.85 -35.51 27.26
C GLU B 209 15.59 -35.73 26.43
N TRP B 210 15.81 -36.04 25.15
CA TRP B 210 14.74 -36.26 24.20
C TRP B 210 13.50 -36.91 24.75
N GLU B 211 13.65 -37.79 25.74
CA GLU B 211 12.45 -38.46 26.24
C GLU B 211 11.82 -37.93 27.52
N THR B 212 12.59 -37.24 28.37
CA THR B 212 12.01 -36.73 29.61
C THR B 212 11.62 -35.26 29.48
N GLY B 213 12.51 -34.50 28.85
CA GLY B 213 12.27 -33.10 28.68
C GLY B 213 13.06 -32.28 29.67
N TRP B 214 14.15 -32.85 30.16
CA TRP B 214 15.00 -32.14 31.11
C TRP B 214 16.08 -31.34 30.39
N MET B 215 16.38 -30.17 30.95
CA MET B 215 17.41 -29.31 30.39
C MET B 215 18.55 -29.24 31.39
N LEU B 216 19.76 -29.32 30.88
CA LEU B 216 20.92 -29.31 31.75
C LEU B 216 22.05 -28.41 31.30
N VAL B 217 22.86 -28.03 32.27
CA VAL B 217 24.06 -27.25 32.04
C VAL B 217 25.08 -28.39 32.18
N THR B 218 25.97 -28.47 31.21
CA THR B 218 26.95 -29.53 31.21
C THR B 218 28.29 -29.17 31.87
N ARG B 219 28.66 -27.90 31.88
CA ARG B 219 29.93 -27.50 32.49
C ARG B 219 29.89 -26.09 33.03
N PRO B 220 30.94 -25.70 33.78
CA PRO B 220 31.04 -24.36 34.37
C PRO B 220 31.06 -23.24 33.32
N LEU B 221 30.73 -22.02 33.74
CA LEU B 221 30.69 -20.88 32.82
C LEU B 221 31.34 -19.61 33.38
N ASP B 222 31.71 -18.70 32.48
CA ASP B 222 32.30 -17.42 32.87
C ASP B 222 31.51 -16.32 32.16
N ARG B 223 30.74 -15.55 32.93
CA ARG B 223 29.94 -14.47 32.37
C ARG B 223 30.82 -13.54 31.60
N GLU B 224 32.06 -13.42 32.08
CA GLU B 224 33.02 -12.55 31.44
C GLU B 224 33.19 -12.92 29.96
N GLU B 225 32.97 -14.20 29.65
CA GLU B 225 33.07 -14.73 28.27
C GLU B 225 31.74 -14.48 27.57
N TYR B 226 30.68 -15.11 28.06
CA TYR B 226 29.33 -14.94 27.53
C TYR B 226 28.44 -14.71 28.77
N ASP B 227 27.74 -13.58 28.83
CA ASP B 227 26.89 -13.28 29.98
C ASP B 227 25.42 -13.65 29.80
N LYS B 228 25.08 -14.26 28.67
CA LYS B 228 23.69 -14.62 28.41
C LYS B 228 23.57 -15.53 27.22
N TYR B 229 22.51 -16.34 27.22
CA TYR B 229 22.20 -17.28 26.15
C TYR B 229 20.72 -17.27 25.84
N VAL B 230 20.39 -17.58 24.60
CA VAL B 230 19.00 -17.62 24.19
C VAL B 230 18.89 -18.91 23.41
N LEU B 231 17.86 -19.70 23.71
CA LEU B 231 17.68 -20.98 23.06
C LEU B 231 16.27 -21.27 22.56
N SER B 232 16.19 -22.16 21.59
CA SER B 232 14.91 -22.55 21.01
C SER B 232 14.66 -24.07 21.20
N SER B 233 13.50 -24.40 21.80
CA SER B 233 13.14 -25.78 22.10
C SER B 233 12.09 -26.39 21.17
N HIS B 234 12.23 -27.68 20.88
CA HIS B 234 11.32 -28.37 19.95
C HIS B 234 10.72 -29.69 20.44
N ALA B 235 9.67 -30.12 19.76
CA ALA B 235 8.99 -31.37 20.06
C ALA B 235 8.30 -31.97 18.82
N VAL B 236 8.86 -33.05 18.28
CA VAL B 236 8.28 -33.71 17.12
C VAL B 236 7.75 -35.08 17.50
N SER B 237 6.89 -35.62 16.64
CA SER B 237 6.27 -36.92 16.83
C SER B 237 7.14 -38.01 16.23
N GLU B 238 6.92 -39.25 16.64
CA GLU B 238 7.71 -40.33 16.10
C GLU B 238 7.46 -40.36 14.59
N ASN B 239 6.20 -40.20 14.19
CA ASN B 239 5.91 -40.21 12.77
C ASN B 239 6.80 -39.19 12.07
N GLY B 240 7.13 -38.11 12.76
CA GLY B 240 7.99 -37.09 12.19
C GLY B 240 7.47 -35.67 12.11
N SER B 241 6.27 -35.42 12.60
CA SER B 241 5.76 -34.06 12.51
C SER B 241 5.89 -33.26 13.80
N PRO B 242 6.20 -31.97 13.66
CA PRO B 242 6.34 -31.07 14.80
C PRO B 242 4.96 -30.93 15.40
N VAL B 243 4.88 -30.68 16.71
CA VAL B 243 3.59 -30.58 17.37
C VAL B 243 3.32 -29.20 17.95
N GLU B 244 4.36 -28.60 18.51
CA GLU B 244 4.25 -27.29 19.12
C GLU B 244 5.15 -26.28 18.45
N GLU B 245 4.65 -25.06 18.32
CA GLU B 245 5.44 -23.98 17.75
C GLU B 245 6.58 -23.97 18.73
N PRO B 246 7.83 -23.92 18.24
CA PRO B 246 8.99 -23.90 19.14
C PRO B 246 8.85 -22.97 20.36
N MET B 247 9.85 -22.97 21.23
CA MET B 247 9.79 -22.10 22.40
C MET B 247 11.13 -21.48 22.78
N GLU B 248 11.17 -20.15 22.79
CA GLU B 248 12.36 -19.39 23.15
C GLU B 248 12.75 -19.65 24.60
N ILE B 249 14.05 -19.68 24.88
CA ILE B 249 14.55 -19.93 26.23
C ILE B 249 15.74 -19.03 26.59
N THR B 250 15.68 -18.41 27.76
CA THR B 250 16.75 -17.52 28.17
C THR B 250 17.45 -17.83 29.48
N ILE B 251 18.76 -17.59 29.47
CA ILE B 251 19.59 -17.81 30.64
C ILE B 251 20.52 -16.63 30.88
N ASN B 252 20.49 -16.11 32.10
CA ASN B 252 21.35 -14.99 32.48
C ASN B 252 22.43 -15.48 33.42
N VAL B 253 23.68 -15.08 33.14
CA VAL B 253 24.81 -15.50 33.96
C VAL B 253 25.25 -14.45 34.98
N ILE B 254 24.93 -14.73 36.25
CA ILE B 254 25.22 -13.85 37.39
C ILE B 254 26.70 -13.74 37.74
N ASP B 255 27.16 -12.50 37.86
CA ASP B 255 28.57 -12.22 38.14
C ASP B 255 29.10 -12.71 39.47
N GLN B 256 30.39 -13.01 39.46
CA GLN B 256 31.10 -13.44 40.65
C GLN B 256 32.47 -12.77 40.64
N ASN B 257 32.92 -12.42 41.84
CA ASN B 257 34.19 -11.74 42.01
C ASN B 257 35.39 -12.59 41.63
N ASP B 258 35.60 -12.77 40.33
CA ASP B 258 36.71 -13.59 39.86
C ASP B 258 37.80 -12.71 39.29
N ASN B 259 37.52 -11.42 39.21
CA ASN B 259 38.47 -10.50 38.63
C ASN B 259 39.19 -9.47 39.51
N ARG B 260 40.51 -9.50 39.43
CA ARG B 260 41.36 -8.58 40.15
C ARG B 260 41.43 -7.31 39.30
N PRO B 261 41.56 -6.14 39.92
CA PRO B 261 41.63 -4.91 39.12
C PRO B 261 42.97 -4.74 38.40
N LYS B 262 43.12 -3.65 37.64
CA LYS B 262 44.37 -3.37 36.90
C LYS B 262 44.55 -1.89 36.58
N PHE B 263 45.74 -1.37 36.83
CA PHE B 263 46.00 0.04 36.57
C PHE B 263 46.01 0.40 35.08
N THR B 264 45.45 1.57 34.77
CA THR B 264 45.40 2.07 33.41
C THR B 264 46.75 1.97 32.73
N GLN B 265 47.78 2.52 33.37
CA GLN B 265 49.13 2.49 32.85
C GLN B 265 49.97 1.64 33.80
N ASP B 266 51.21 1.38 33.44
CA ASP B 266 52.06 0.58 34.32
C ASP B 266 52.81 1.52 35.25
N VAL B 267 52.86 2.80 34.86
CA VAL B 267 53.53 3.86 35.62
C VAL B 267 53.02 5.24 35.21
N PHE B 268 52.64 6.04 36.20
CA PHE B 268 52.15 7.39 35.96
C PHE B 268 53.22 8.36 36.44
N ARG B 269 53.35 9.50 35.79
CA ARG B 269 54.34 10.50 36.18
C ARG B 269 53.69 11.84 36.55
N GLY B 270 54.36 12.61 37.38
CA GLY B 270 53.81 13.90 37.77
C GLY B 270 54.88 14.93 38.13
N SER B 271 54.44 16.17 38.29
CA SER B 271 55.34 17.27 38.64
C SER B 271 54.61 18.46 39.27
N VAL B 272 55.29 19.09 40.22
CA VAL B 272 54.78 20.25 40.94
C VAL B 272 55.93 21.15 41.36
N ARG B 273 55.67 22.42 41.60
CA ARG B 273 56.72 23.34 42.02
C ARG B 273 56.90 23.37 43.52
N GLU B 274 58.16 23.49 43.94
CA GLU B 274 58.52 23.48 45.35
C GLU B 274 57.86 24.49 46.29
N GLY B 275 57.59 25.70 45.83
CA GLY B 275 57.01 26.66 46.75
C GLY B 275 55.51 26.72 46.97
N VAL B 276 54.74 25.85 46.32
CA VAL B 276 53.27 25.88 46.42
C VAL B 276 52.65 25.54 47.78
N GLN B 277 51.39 25.93 47.93
CA GLN B 277 50.63 25.74 49.18
C GLN B 277 49.88 24.44 49.37
N PRO B 278 49.78 23.98 50.63
CA PRO B 278 49.08 22.73 50.97
C PRO B 278 47.63 22.80 50.48
N GLY B 279 47.18 21.71 49.85
CA GLY B 279 45.82 21.64 49.31
C GLY B 279 45.83 21.86 47.81
N THR B 280 46.95 21.51 47.19
CA THR B 280 47.14 21.68 45.75
C THR B 280 47.15 20.39 44.96
N GLN B 281 46.28 20.31 43.96
CA GLN B 281 46.16 19.13 43.13
C GLN B 281 47.37 18.88 42.20
N VAL B 282 47.96 17.70 42.31
CA VAL B 282 49.12 17.34 41.50
C VAL B 282 48.82 16.41 40.30
N MET B 283 48.83 15.10 40.55
CA MET B 283 48.59 14.08 39.53
C MET B 283 47.16 13.57 39.45
N ALA B 284 47.05 12.40 38.84
CA ALA B 284 45.79 11.69 38.63
C ALA B 284 46.13 10.25 38.20
N VAL B 285 45.46 9.27 38.80
CA VAL B 285 45.73 7.87 38.49
C VAL B 285 44.46 7.04 38.18
N SER B 286 44.60 6.07 37.27
CA SER B 286 43.50 5.20 36.85
C SER B 286 43.74 3.69 36.99
N ALA B 287 42.64 2.93 36.91
CA ALA B 287 42.66 1.47 37.02
C ALA B 287 41.25 0.92 36.87
N THR B 288 41.12 -0.38 36.57
CA THR B 288 39.80 -1.02 36.40
C THR B 288 39.65 -2.47 36.83
N ASP B 289 38.39 -2.89 37.00
CA ASP B 289 38.03 -4.24 37.38
C ASP B 289 37.01 -4.63 36.30
N GLU B 290 37.06 -5.87 35.80
CA GLU B 290 36.12 -6.31 34.76
C GLU B 290 34.79 -6.89 35.22
N ASP B 291 34.70 -7.29 36.50
CA ASP B 291 33.46 -7.85 37.08
C ASP B 291 32.35 -6.79 37.11
N ASP B 292 31.15 -7.18 37.52
CA ASP B 292 30.07 -6.21 37.54
C ASP B 292 30.40 -5.04 38.47
N ASN B 293 29.76 -3.91 38.22
CA ASN B 293 29.94 -2.67 38.98
C ASN B 293 28.69 -1.83 38.80
N ILE B 294 27.55 -2.50 38.71
CA ILE B 294 26.29 -1.81 38.51
C ILE B 294 25.20 -2.43 39.37
N ASP B 295 25.55 -3.50 40.06
CA ASP B 295 24.62 -4.21 40.94
C ASP B 295 25.40 -4.85 42.07
N SER B 296 26.73 -4.81 41.95
CA SER B 296 27.64 -5.37 42.94
C SER B 296 28.78 -4.39 43.15
N LEU B 297 29.73 -4.78 43.98
CA LEU B 297 30.90 -3.96 44.26
C LEU B 297 32.09 -4.73 43.69
N ASN B 298 31.79 -5.83 43.02
CA ASN B 298 32.80 -6.68 42.40
C ASN B 298 33.65 -5.89 41.43
N GLY B 299 33.21 -4.68 41.11
CA GLY B 299 33.95 -3.87 40.15
C GLY B 299 34.20 -2.41 40.49
N VAL B 300 34.00 -2.02 41.75
CA VAL B 300 34.24 -0.64 42.16
C VAL B 300 35.50 -0.61 43.02
N LEU B 301 36.40 0.30 42.70
CA LEU B 301 37.64 0.39 43.41
C LEU B 301 37.74 1.53 44.42
N SER B 302 38.74 1.43 45.26
CA SER B 302 39.03 2.42 46.27
C SER B 302 40.54 2.59 46.19
N TYR B 303 40.97 3.82 45.95
CA TYR B 303 42.39 4.13 45.82
C TYR B 303 43.09 4.49 47.13
N SER B 304 44.40 4.27 47.18
CA SER B 304 45.21 4.57 48.37
C SER B 304 46.70 4.63 48.06
N ILE B 305 47.48 5.05 49.05
CA ILE B 305 48.94 5.18 48.93
C ILE B 305 49.58 4.52 50.14
N LEU B 306 50.74 3.92 49.96
CA LEU B 306 51.41 3.28 51.10
C LEU B 306 52.92 3.35 51.21
N LYS B 307 53.57 4.22 50.43
CA LYS B 307 55.01 4.36 50.53
C LYS B 307 55.59 5.39 49.57
N GLN B 308 55.93 6.57 50.09
CA GLN B 308 56.54 7.61 49.27
C GLN B 308 58.03 7.47 49.55
N ASP B 309 58.90 7.45 48.55
CA ASP B 309 60.28 7.29 48.97
C ASP B 309 60.86 8.57 49.57
N PRO B 310 62.21 8.68 49.75
CA PRO B 310 62.61 9.92 50.38
C PRO B 310 61.61 10.26 51.44
N GLU B 311 61.55 9.33 52.38
CA GLU B 311 60.70 9.37 53.56
C GLU B 311 61.16 10.57 54.36
N GLU B 312 61.74 11.54 53.65
CA GLU B 312 62.32 12.73 54.26
C GLU B 312 61.94 13.90 53.39
N PRO B 313 61.70 15.08 53.99
CA PRO B 313 61.70 15.72 55.30
C PRO B 313 60.81 15.00 56.31
N ILE B 314 59.61 14.64 55.85
CA ILE B 314 58.60 13.96 56.61
C ILE B 314 58.08 13.00 55.58
N PRO B 315 57.24 12.07 56.03
CA PRO B 315 56.72 11.13 55.05
C PRO B 315 55.23 11.23 54.70
N ASN B 316 54.61 12.42 54.81
CA ASN B 316 53.20 12.54 54.45
C ASN B 316 52.94 13.78 53.61
N LEU B 317 53.70 13.94 52.54
CA LEU B 317 53.51 15.09 51.69
C LEU B 317 52.18 15.07 50.90
N PHE B 318 51.64 13.87 50.66
CA PHE B 318 50.41 13.76 49.89
C PHE B 318 49.34 12.79 50.37
N THR B 319 48.20 12.89 49.70
CA THR B 319 47.03 12.05 49.95
C THR B 319 46.41 11.84 48.58
N ILE B 320 45.49 10.88 48.51
CA ILE B 320 44.79 10.57 47.29
C ILE B 320 43.30 10.46 47.58
N ASN B 321 42.46 10.91 46.65
CA ASN B 321 41.02 10.83 46.81
C ASN B 321 40.65 9.36 46.54
N ARG B 322 40.19 8.66 47.57
CA ARG B 322 39.84 7.22 47.43
C ARG B 322 38.90 6.87 46.29
N GLU B 323 37.92 7.73 46.02
CA GLU B 323 36.96 7.50 44.95
C GLU B 323 37.49 7.87 43.56
N THR B 324 38.08 9.05 43.44
CA THR B 324 38.60 9.52 42.14
C THR B 324 40.04 9.16 41.82
N GLY B 325 40.85 8.89 42.84
CA GLY B 325 42.24 8.54 42.61
C GLY B 325 43.13 9.74 42.34
N VAL B 326 42.64 10.94 42.64
CA VAL B 326 43.44 12.15 42.43
C VAL B 326 44.34 12.40 43.62
N ILE B 327 45.54 12.91 43.37
CA ILE B 327 46.46 13.18 44.46
C ILE B 327 46.67 14.66 44.68
N SER B 328 46.89 15.03 45.93
CA SER B 328 47.12 16.43 46.27
C SER B 328 48.24 16.61 47.31
N LEU B 329 48.80 17.82 47.35
CA LEU B 329 49.83 18.13 48.32
C LEU B 329 49.11 18.42 49.61
N ILE B 330 49.52 17.73 50.65
CA ILE B 330 48.90 17.88 51.95
C ILE B 330 49.82 18.61 52.94
N GLY B 331 51.10 18.25 52.92
CA GLY B 331 52.08 18.85 53.83
C GLY B 331 52.82 20.08 53.28
N THR B 332 53.95 20.41 53.90
CA THR B 332 54.78 21.57 53.51
C THR B 332 56.28 21.35 53.74
N GLY B 333 57.11 21.70 52.78
CA GLY B 333 58.55 21.55 52.96
C GLY B 333 59.28 21.11 51.71
N LEU B 334 58.63 21.29 50.57
CA LEU B 334 59.16 20.91 49.28
C LEU B 334 60.36 21.71 48.83
N ASP B 335 61.43 21.03 48.48
CA ASP B 335 62.58 21.75 48.03
C ASP B 335 63.23 20.99 46.93
N ARG B 336 63.31 21.63 45.76
CA ARG B 336 63.95 21.01 44.62
C ARG B 336 65.42 20.86 44.96
N GLU B 337 65.95 21.88 45.60
CA GLU B 337 67.35 21.88 45.94
C GLU B 337 67.87 20.72 46.81
N LYS B 338 67.02 20.09 47.63
CA LYS B 338 67.44 18.96 48.48
C LYS B 338 66.86 17.59 48.08
N PHE B 339 65.55 17.57 47.78
CA PHE B 339 64.82 16.36 47.40
C PHE B 339 63.90 16.74 46.24
N PRO B 340 64.34 16.51 45.00
CA PRO B 340 63.55 16.84 43.80
C PRO B 340 62.57 15.84 43.21
N GLU B 341 62.66 14.56 43.55
CA GLU B 341 61.74 13.59 42.95
C GLU B 341 61.26 12.42 43.80
N TYR B 342 59.97 12.41 44.14
CA TYR B 342 59.41 11.35 44.95
C TYR B 342 58.81 10.21 44.17
N THR B 343 58.87 9.03 44.76
CA THR B 343 58.35 7.84 44.12
C THR B 343 57.46 7.15 45.14
N LEU B 344 56.15 7.23 44.90
CA LEU B 344 55.20 6.64 45.81
C LEU B 344 54.42 5.48 45.22
N THR B 345 54.09 4.52 46.07
CA THR B 345 53.38 3.31 45.68
C THR B 345 51.88 3.38 46.00
N VAL B 346 51.08 3.12 44.98
CA VAL B 346 49.63 3.14 45.12
C VAL B 346 49.01 1.75 44.96
N GLN B 347 47.78 1.64 45.46
CA GLN B 347 47.01 0.40 45.44
C GLN B 347 45.52 0.70 45.21
N ALA B 348 44.83 -0.22 44.53
CA ALA B 348 43.40 -0.10 44.26
C ALA B 348 42.69 -1.37 44.73
N THR B 349 41.48 -1.21 45.27
CA THR B 349 40.80 -2.40 45.77
C THR B 349 39.34 -2.64 45.44
N ASP B 350 39.03 -3.93 45.39
CA ASP B 350 37.72 -4.49 45.12
C ASP B 350 36.75 -4.09 46.22
N LEU B 351 35.48 -3.97 45.84
CA LEU B 351 34.42 -3.67 46.82
C LEU B 351 34.69 -2.45 47.68
N GLU B 352 35.15 -1.36 47.08
CA GLU B 352 35.43 -0.15 47.84
C GLU B 352 36.43 -0.51 48.93
N GLY B 353 37.64 -0.84 48.49
CA GLY B 353 38.71 -1.17 49.42
C GLY B 353 38.60 -2.49 50.16
N ALA B 354 37.53 -3.23 49.93
CA ALA B 354 37.32 -4.50 50.64
C ALA B 354 37.86 -5.78 49.99
N GLY B 355 37.71 -5.90 48.69
CA GLY B 355 38.16 -7.12 48.02
C GLY B 355 39.63 -7.37 47.81
N LEU B 356 40.02 -7.38 46.54
CA LEU B 356 41.38 -7.66 46.15
C LEU B 356 42.10 -6.37 45.80
N SER B 357 43.42 -6.41 45.88
CA SER B 357 44.21 -5.22 45.61
C SER B 357 45.40 -5.44 44.69
N VAL B 358 45.93 -4.32 44.17
CA VAL B 358 47.06 -4.35 43.26
C VAL B 358 47.94 -3.11 43.42
N GLU B 359 49.08 -3.08 42.74
CA GLU B 359 49.95 -1.92 42.85
C GLU B 359 50.32 -1.25 41.57
N GLY B 360 50.72 -0.01 41.76
CA GLY B 360 51.15 0.83 40.69
C GLY B 360 52.37 1.56 41.19
N LYS B 361 52.68 2.65 40.50
CA LYS B 361 53.82 3.47 40.83
C LYS B 361 53.59 4.79 40.13
N ALA B 362 53.71 5.87 40.90
CA ALA B 362 53.56 7.23 40.40
C ALA B 362 54.81 7.95 40.85
N ILE B 363 55.39 8.74 39.95
CA ILE B 363 56.62 9.46 40.28
C ILE B 363 56.48 10.94 40.01
N ILE B 364 56.79 11.71 41.04
CA ILE B 364 56.66 13.15 40.96
C ILE B 364 57.96 13.94 41.01
N GLN B 365 58.14 14.78 40.01
CA GLN B 365 59.30 15.64 39.96
C GLN B 365 58.81 16.99 40.48
N ILE B 366 59.73 17.73 41.07
CA ILE B 366 59.43 19.03 41.65
C ILE B 366 60.03 20.21 40.88
N THR B 367 59.18 21.02 40.26
CA THR B 367 59.60 22.20 39.50
C THR B 367 60.51 23.06 40.39
N ASP B 368 61.07 24.15 39.86
CA ASP B 368 61.98 24.96 40.66
C ASP B 368 61.37 26.26 41.14
N ALA B 369 61.98 26.80 42.20
CA ALA B 369 61.55 28.07 42.77
C ALA B 369 62.78 28.90 43.13
N ASN B 370 62.59 30.21 43.20
CA ASN B 370 63.67 31.14 43.53
C ASN B 370 63.91 31.15 45.05
N ASP B 371 64.08 29.96 45.60
CA ASP B 371 64.31 29.82 47.03
C ASP B 371 65.64 30.49 47.34
N ASN B 372 66.57 30.49 46.40
CA ASN B 372 67.88 31.03 46.70
C ASN B 372 68.33 32.38 46.15
N ALA B 373 69.21 33.02 46.92
CA ALA B 373 69.78 34.29 46.56
C ALA B 373 71.22 34.03 46.08
N PRO B 374 71.82 35.00 45.39
CA PRO B 374 73.20 34.87 44.88
C PRO B 374 74.26 35.16 45.97
N ILE B 375 75.36 34.40 45.97
CA ILE B 375 76.44 34.61 46.94
C ILE B 375 77.84 34.72 46.32
N PHE B 376 78.53 35.85 46.54
CA PHE B 376 79.86 36.18 45.99
C PHE B 376 81.11 35.34 46.20
N ASP B 377 81.89 34.70 45.28
CA ASP B 377 82.91 34.20 46.18
C ASP B 377 84.07 35.03 46.88
N PRO B 378 84.18 36.29 46.53
CA PRO B 378 85.21 36.88 47.42
C PRO B 378 84.14 37.77 47.98
N LYS B 379 84.41 38.51 49.03
CA LYS B 379 83.42 39.49 49.58
C LYS B 379 84.01 40.88 49.37
N THR B 380 85.35 40.93 49.35
CA THR B 380 86.13 42.15 49.16
C THR B 380 87.35 41.94 48.21
N TYR B 381 87.37 42.62 47.06
CA TYR B 381 88.46 42.49 46.08
C TYR B 381 89.36 43.73 45.99
N THR B 382 90.39 43.66 45.13
CA THR B 382 91.25 44.82 44.85
C THR B 382 91.92 44.74 43.48
N ALA B 383 92.16 45.88 42.86
CA ALA B 383 92.77 45.88 41.55
C ALA B 383 93.45 47.20 41.36
N LEU B 384 94.39 47.24 40.44
CA LEU B 384 95.16 48.44 40.14
C LEU B 384 94.73 48.99 38.80
N VAL B 385 94.95 50.28 38.59
CA VAL B 385 94.56 50.90 37.34
C VAL B 385 95.35 52.13 36.95
N PRO B 386 95.42 52.40 35.64
CA PRO B 386 96.06 53.49 34.90
C PRO B 386 95.09 54.59 34.50
N GLU B 387 95.60 55.81 34.58
CA GLU B 387 94.88 57.04 34.29
C GLU B 387 94.20 57.19 32.94
N ASN B 388 94.98 57.08 31.85
CA ASN B 388 94.47 57.39 30.52
C ASN B 388 94.71 56.76 29.14
N GLU B 389 94.00 55.72 28.72
CA GLU B 389 94.16 55.21 27.34
C GLU B 389 92.67 55.22 27.15
N ILE B 390 92.24 54.52 28.18
CA ILE B 390 91.01 54.03 28.74
C ILE B 390 89.51 54.19 28.79
N GLY B 391 89.06 52.95 28.96
CA GLY B 391 87.72 52.42 29.08
C GLY B 391 88.34 51.02 29.18
N PHE B 392 88.44 50.44 30.36
CA PHE B 392 89.12 49.14 30.48
C PHE B 392 88.79 48.27 31.70
N GLU B 393 88.87 46.95 31.50
CA GLU B 393 88.57 45.92 32.51
C GLU B 393 89.39 45.94 33.80
N VAL B 394 88.75 46.32 34.90
CA VAL B 394 89.42 46.37 36.20
C VAL B 394 89.57 45.02 36.89
N GLN B 395 88.45 44.40 37.23
CA GLN B 395 88.45 43.09 37.90
C GLN B 395 87.15 42.37 37.61
N ARG B 396 87.21 41.04 37.68
CA ARG B 396 86.03 40.20 37.46
C ARG B 396 85.59 39.65 38.82
N LEU B 397 84.32 39.30 38.96
CA LEU B 397 83.83 38.77 40.23
C LEU B 397 83.11 37.42 40.14
N SER B 398 83.15 36.66 41.24
CA SER B 398 82.56 35.33 41.30
C SER B 398 81.39 35.22 42.28
N VAL B 399 80.43 34.34 41.96
CA VAL B 399 79.23 34.13 42.78
C VAL B 399 78.57 32.74 42.59
N THR B 400 77.64 32.38 43.48
CA THR B 400 76.93 31.12 43.35
C THR B 400 75.48 31.09 43.88
N ASP B 401 74.52 31.23 42.96
CA ASP B 401 73.08 31.17 43.25
C ASP B 401 72.88 29.66 43.15
N LEU B 402 71.86 29.13 43.82
CA LEU B 402 71.66 27.68 43.79
C LEU B 402 70.45 27.11 43.08
N ASP B 403 69.59 27.97 42.56
CA ASP B 403 68.42 27.47 41.86
C ASP B 403 68.90 26.93 40.49
N MET B 404 68.00 26.73 39.53
CA MET B 404 68.35 26.16 38.21
C MET B 404 69.08 27.00 37.14
N PRO B 405 70.35 26.67 36.85
CA PRO B 405 71.33 27.25 35.92
C PRO B 405 70.94 28.07 34.70
N GLY B 406 70.38 27.46 33.66
CA GLY B 406 70.02 28.26 32.50
C GLY B 406 68.89 29.24 32.77
N THR B 407 68.44 29.26 34.04
CA THR B 407 67.30 30.07 34.46
C THR B 407 67.56 31.44 35.11
N PRO B 408 66.61 32.37 34.91
CA PRO B 408 66.56 33.75 35.41
C PRO B 408 66.57 33.80 36.94
N ALA B 409 66.65 32.63 37.56
CA ALA B 409 66.72 32.52 39.00
C ALA B 409 68.17 32.14 39.23
N TRP B 410 68.97 32.30 38.18
CA TRP B 410 70.38 31.98 38.23
C TRP B 410 71.22 33.05 37.51
N GLN B 411 70.57 33.98 36.81
CA GLN B 411 71.31 35.03 36.14
C GLN B 411 71.44 36.24 37.09
N ALA B 412 72.69 36.70 37.25
CA ALA B 412 73.03 37.82 38.11
C ALA B 412 72.87 39.18 37.46
N VAL B 413 72.46 40.16 38.27
CA VAL B 413 72.29 41.53 37.82
C VAL B 413 72.99 42.39 38.86
N TYR B 414 73.83 43.30 38.40
CA TYR B 414 74.55 44.14 39.34
C TYR B 414 74.23 45.63 39.32
N LYS B 415 75.11 46.36 39.97
CA LYS B 415 75.01 47.81 40.08
C LYS B 415 75.86 48.24 41.25
N ILE B 416 76.44 49.42 41.11
CA ILE B 416 77.26 49.99 42.16
C ILE B 416 76.26 50.75 42.98
N ARG B 417 76.60 51.07 44.22
CA ARG B 417 75.70 51.83 45.05
C ARG B 417 75.87 53.32 44.67
N VAL B 418 77.11 53.80 44.75
CA VAL B 418 77.41 55.19 44.44
C VAL B 418 78.50 55.31 43.37
N ASN B 419 78.19 56.01 42.28
CA ASN B 419 79.13 56.21 41.17
C ASN B 419 79.73 57.61 41.27
N GLU B 420 80.84 57.74 41.99
CA GLU B 420 81.53 59.02 42.21
C GLU B 420 81.38 60.09 41.15
N GLY B 421 82.00 59.87 39.99
CA GLY B 421 81.90 60.83 38.91
C GLY B 421 81.14 60.08 37.84
N GLY B 422 80.57 58.97 38.27
CA GLY B 422 79.81 58.16 37.34
C GLY B 422 80.76 57.65 36.29
N PHE B 423 81.93 57.21 36.73
CA PHE B 423 82.88 56.71 35.78
C PHE B 423 83.10 55.21 35.86
N PHE B 424 82.02 54.48 35.96
CA PHE B 424 82.11 53.03 36.03
C PHE B 424 80.90 52.34 35.49
N ASN B 425 81.17 51.28 34.76
CA ASN B 425 80.10 50.48 34.24
C ASN B 425 80.40 49.03 34.56
N ILE B 426 79.37 48.23 34.74
CA ILE B 426 79.59 46.82 35.06
C ILE B 426 78.55 45.98 34.35
N THR B 427 79.04 44.97 33.67
CA THR B 427 78.13 44.10 32.97
C THR B 427 78.20 42.73 33.61
N THR B 428 77.34 41.85 33.13
CA THR B 428 77.18 40.51 33.62
C THR B 428 77.52 39.56 32.47
N ASP B 429 77.90 38.31 32.75
CA ASP B 429 78.23 37.39 31.67
C ASP B 429 77.85 35.93 31.87
N PRO B 430 77.14 35.33 30.89
CA PRO B 430 76.71 33.93 30.97
C PRO B 430 77.86 32.91 30.97
N GLU B 431 78.78 33.06 31.93
CA GLU B 431 79.91 32.14 32.09
C GLU B 431 79.64 31.45 33.42
N SER B 432 79.89 32.15 34.51
CA SER B 432 79.57 31.67 35.85
C SER B 432 79.01 33.02 36.24
N ASN B 433 78.34 33.60 35.25
CA ASN B 433 77.75 34.93 35.30
C ASN B 433 78.46 35.79 36.33
N GLN B 434 79.76 35.90 36.08
CA GLN B 434 80.65 36.68 36.91
C GLN B 434 80.33 38.14 36.71
N GLY B 435 80.77 38.95 37.66
CA GLY B 435 80.57 40.38 37.58
C GLY B 435 81.81 41.00 36.94
N ILE B 436 81.63 41.56 35.76
CA ILE B 436 82.74 42.14 35.06
C ILE B 436 82.66 43.67 35.14
N LEU B 437 83.56 44.25 35.92
CA LEU B 437 83.59 45.71 36.13
C LEU B 437 84.62 46.38 35.21
N THR B 438 84.30 47.61 34.79
CA THR B 438 85.19 48.37 33.92
C THR B 438 85.13 49.87 34.19
N THR B 439 85.97 50.60 33.46
CA THR B 439 86.05 52.06 33.55
C THR B 439 85.16 52.73 32.54
N ALA B 440 84.31 53.62 33.03
CA ALA B 440 83.39 54.34 32.16
C ALA B 440 84.08 55.43 31.35
N LYS B 441 84.79 56.34 32.00
CA LYS B 441 85.44 57.41 31.27
C LYS B 441 86.87 57.76 31.67
N GLY B 442 87.79 56.83 31.42
CA GLY B 442 89.18 57.07 31.78
C GLY B 442 89.26 57.66 33.18
N LEU B 443 90.45 57.88 33.69
CA LEU B 443 90.51 58.50 34.98
C LEU B 443 91.45 59.63 34.73
N ASP B 444 92.13 60.08 35.76
CA ASP B 444 92.97 61.19 35.49
C ASP B 444 93.86 61.34 36.64
N PHE B 445 94.29 60.32 37.37
CA PHE B 445 94.99 60.99 38.38
C PHE B 445 95.99 60.87 39.41
N GLU B 446 96.06 62.13 39.80
CA GLU B 446 96.79 62.82 40.78
C GLU B 446 95.68 63.43 41.63
N LEU B 447 94.43 63.10 41.34
CA LEU B 447 93.31 63.63 42.12
C LEU B 447 92.86 62.64 43.19
N ARG B 448 92.83 61.35 42.83
CA ARG B 448 92.40 60.30 43.75
C ARG B 448 93.15 58.99 43.50
N LYS B 449 93.38 58.25 44.59
CA LYS B 449 94.05 56.97 44.51
C LYS B 449 93.10 55.91 45.04
N GLN B 450 92.19 56.33 45.91
CA GLN B 450 91.24 55.39 46.49
C GLN B 450 89.84 55.37 45.95
N TYR B 451 89.31 54.15 45.93
CA TYR B 451 87.97 53.88 45.46
C TYR B 451 87.32 52.75 46.22
N VAL B 452 86.41 53.12 47.12
CA VAL B 452 85.65 52.18 47.94
C VAL B 452 84.23 52.23 47.44
N LEU B 453 83.82 51.19 46.72
CA LEU B 453 82.49 51.11 46.17
C LEU B 453 81.91 49.72 46.43
N GLN B 454 80.59 49.61 46.40
CA GLN B 454 79.92 48.34 46.66
C GLN B 454 78.92 47.96 45.56
N ILE B 455 78.87 46.66 45.25
CA ILE B 455 77.95 46.16 44.26
C ILE B 455 77.08 45.05 44.81
N THR B 456 75.78 45.23 44.67
CA THR B 456 74.83 44.23 45.11
C THR B 456 74.45 43.40 43.90
N VAL B 457 74.01 42.17 44.16
CA VAL B 457 73.63 41.26 43.09
C VAL B 457 72.25 40.65 43.29
N GLU B 458 71.45 40.70 42.24
CA GLU B 458 70.10 40.14 42.25
C GLU B 458 70.00 39.13 41.12
N ASN B 459 68.78 38.64 40.92
CA ASN B 459 68.47 37.70 39.85
C ASN B 459 67.61 38.57 38.94
N ALA B 460 67.26 38.03 37.78
CA ALA B 460 66.43 38.77 36.84
C ALA B 460 64.98 38.87 37.35
N GLU B 461 64.47 37.74 37.83
CA GLU B 461 63.12 37.65 38.37
C GLU B 461 63.12 37.79 39.90
N PRO B 462 62.10 38.47 40.47
CA PRO B 462 61.97 38.70 41.92
C PRO B 462 62.12 37.42 42.73
N PHE B 463 62.13 37.54 44.06
CA PHE B 463 62.28 36.37 44.89
C PHE B 463 60.99 35.87 45.51
N SER B 464 60.94 34.55 45.54
CA SER B 464 59.84 33.81 46.07
C SER B 464 59.89 33.79 47.59
N VAL B 465 60.66 34.69 48.19
CA VAL B 465 60.81 34.74 49.65
C VAL B 465 61.71 35.91 50.06
N PRO B 466 61.54 36.42 51.29
CA PRO B 466 62.44 37.52 51.70
C PRO B 466 63.80 36.89 51.79
N LEU B 467 64.82 37.59 51.35
CA LEU B 467 66.14 37.00 51.39
C LEU B 467 67.16 38.06 51.65
N PRO B 468 68.39 37.65 51.94
CA PRO B 468 69.43 38.65 52.19
C PRO B 468 70.15 39.08 50.90
N THR B 469 70.17 40.39 50.64
CA THR B 469 70.82 40.93 49.45
C THR B 469 72.31 40.98 49.77
N SER B 470 73.16 40.33 48.99
CA SER B 470 74.54 40.45 49.37
C SER B 470 75.55 41.13 48.48
N THR B 471 76.11 42.19 49.03
CA THR B 471 77.11 43.08 48.45
C THR B 471 78.54 42.64 48.51
N ALA B 472 79.28 43.26 47.60
CA ALA B 472 80.68 43.00 47.49
C ALA B 472 81.32 44.38 47.61
N THR B 473 82.25 44.51 48.56
CA THR B 473 82.95 45.76 48.80
C THR B 473 84.33 45.76 48.10
N VAL B 474 84.60 46.75 47.25
CA VAL B 474 85.87 46.77 46.51
C VAL B 474 86.75 48.03 46.42
N THR B 475 88.05 47.77 46.48
CA THR B 475 89.09 48.79 46.47
C THR B 475 90.01 48.94 45.28
N VAL B 476 90.03 50.15 44.76
CA VAL B 476 90.82 50.44 43.59
C VAL B 476 91.96 51.43 43.80
N THR B 477 93.03 51.21 43.04
CA THR B 477 94.22 52.07 43.09
C THR B 477 94.68 52.45 41.69
N VAL B 478 94.84 53.76 41.48
CA VAL B 478 95.24 54.30 40.18
C VAL B 478 96.75 54.48 40.01
N GLU B 479 97.33 53.71 39.08
CA GLU B 479 98.76 53.78 38.78
C GLU B 479 98.99 55.11 38.07
N ASP B 480 100.24 55.59 38.06
CA ASP B 480 100.50 56.86 37.42
C ASP B 480 101.22 56.80 36.08
N VAL B 481 100.78 57.69 35.20
CA VAL B 481 101.38 57.88 33.90
C VAL B 481 101.71 59.33 33.97
N ASN B 482 102.81 59.68 33.34
CA ASN B 482 103.33 61.01 33.43
C ASN B 482 103.14 61.79 32.12
N GLU B 483 102.48 62.94 32.20
CA GLU B 483 102.20 63.75 31.02
C GLU B 483 103.10 64.94 30.67
N ALA B 484 102.97 65.36 29.41
CA ALA B 484 103.72 66.45 28.85
C ALA B 484 103.53 67.79 29.58
N PRO B 485 104.56 68.64 29.54
CA PRO B 485 104.54 69.96 30.18
C PRO B 485 103.89 70.93 29.20
N PHE B 486 103.70 72.16 29.64
CA PHE B 486 103.09 73.17 28.78
C PHE B 486 103.57 74.56 29.15
N PHE B 487 103.84 75.39 28.14
CA PHE B 487 104.24 76.76 28.43
C PHE B 487 102.93 77.23 29.02
N VAL B 488 102.93 78.29 29.80
CA VAL B 488 101.65 78.69 30.30
C VAL B 488 100.83 79.24 29.14
N PRO B 489 100.95 80.54 28.81
CA PRO B 489 100.12 80.96 27.69
C PRO B 489 100.65 80.65 26.32
N ALA B 490 100.07 81.40 25.41
CA ALA B 490 100.33 81.35 24.01
C ALA B 490 100.39 82.84 23.88
N VAL B 491 101.63 83.30 23.96
CA VAL B 491 102.00 84.69 24.06
C VAL B 491 102.06 85.82 23.01
N SER B 492 101.23 86.84 23.25
CA SER B 492 101.15 88.07 22.47
C SER B 492 101.89 88.84 23.54
N ARG B 493 103.20 88.72 23.57
CA ARG B 493 103.90 89.35 24.66
C ARG B 493 104.62 90.65 24.45
N VAL B 494 105.74 90.53 23.80
CA VAL B 494 106.66 91.63 23.60
C VAL B 494 106.49 92.73 22.57
N ASP B 495 105.86 93.82 22.98
CA ASP B 495 105.75 94.97 22.08
C ASP B 495 107.20 95.51 22.17
N VAL B 496 108.06 95.05 21.25
CA VAL B 496 109.48 95.43 21.22
C VAL B 496 109.87 96.17 19.94
N SER B 497 110.78 97.13 20.05
CA SER B 497 111.22 97.90 18.89
C SER B 497 112.32 97.24 18.06
N GLU B 498 112.45 97.73 16.83
CA GLU B 498 113.41 97.28 15.84
C GLU B 498 114.90 97.47 16.20
N ASP B 499 115.18 98.46 17.05
CA ASP B 499 116.54 98.78 17.48
C ASP B 499 117.16 97.81 18.48
N LEU B 500 116.49 96.71 18.78
CA LEU B 500 117.04 95.79 19.76
C LEU B 500 118.42 95.25 19.43
N SER B 501 119.24 95.25 20.48
CA SER B 501 120.62 94.80 20.46
C SER B 501 120.75 93.28 20.43
N ARG B 502 121.28 92.78 19.31
CA ARG B 502 121.48 91.35 19.09
C ARG B 502 122.05 90.61 20.31
N GLY B 503 121.14 90.09 21.13
CA GLY B 503 121.52 89.38 22.34
C GLY B 503 120.92 90.07 23.55
N GLU B 504 119.62 90.35 23.49
CA GLU B 504 118.94 91.03 24.59
C GLU B 504 117.64 90.35 25.03
N LYS B 505 117.39 90.40 26.34
CA LYS B 505 116.20 89.80 26.95
C LYS B 505 114.88 90.27 26.37
N ILE B 506 114.15 89.36 25.73
CA ILE B 506 112.84 89.68 25.16
C ILE B 506 111.75 89.11 26.07
N ILE B 507 111.71 87.79 26.13
CA ILE B 507 110.72 87.10 26.93
C ILE B 507 111.29 86.01 27.80
N SER B 508 111.40 86.33 29.08
CA SER B 508 111.88 85.37 30.05
C SER B 508 110.59 84.60 30.30
N LEU B 509 110.52 83.36 29.80
CA LEU B 509 109.32 82.55 29.97
C LEU B 509 109.49 81.28 30.78
N VAL B 510 108.35 80.68 31.13
CA VAL B 510 108.29 79.43 31.90
C VAL B 510 107.15 78.57 31.44
N ALA B 511 107.30 77.27 31.64
CA ALA B 511 106.30 76.29 31.28
C ALA B 511 106.04 75.45 32.53
N GLN B 512 104.89 74.79 32.59
CA GLN B 512 104.57 73.95 33.73
C GLN B 512 104.27 72.51 33.30
N ASP B 513 104.54 71.56 34.20
CA ASP B 513 104.29 70.15 33.96
C ASP B 513 103.45 69.59 35.10
N PRO B 514 102.38 68.85 34.76
CA PRO B 514 101.40 68.20 35.64
C PRO B 514 101.85 67.36 36.83
N ASP B 515 102.31 66.14 36.54
CA ASP B 515 102.74 65.18 37.55
C ASP B 515 103.51 65.66 38.77
N LYS B 516 102.84 65.81 39.91
CA LYS B 516 103.58 66.17 41.12
C LYS B 516 104.17 64.83 41.52
N GLN B 517 105.33 64.59 40.95
CA GLN B 517 106.14 63.40 41.10
C GLN B 517 107.35 64.15 40.61
N GLN B 518 107.04 65.41 40.28
CA GLN B 518 107.94 66.40 39.73
C GLN B 518 109.35 66.36 40.29
N ILE B 519 110.15 65.58 39.55
CA ILE B 519 111.56 65.33 39.77
C ILE B 519 111.80 64.75 38.37
N GLN B 520 111.63 65.66 37.42
CA GLN B 520 111.73 65.39 36.02
C GLN B 520 111.84 66.79 35.39
N LYS B 521 112.99 67.16 34.84
CA LYS B 521 112.90 68.41 34.18
C LYS B 521 112.90 68.24 32.70
N LEU B 522 112.79 69.38 32.07
CA LEU B 522 112.68 69.45 30.65
C LEU B 522 113.68 70.39 30.01
N SER B 523 113.63 70.41 28.68
CA SER B 523 114.50 71.27 27.92
C SER B 523 113.67 72.10 26.93
N TYR B 524 113.98 73.39 26.89
CA TYR B 524 113.29 74.32 26.01
C TYR B 524 113.93 74.44 24.64
N PHE B 525 113.14 74.10 23.63
CA PHE B 525 113.60 74.14 22.24
C PHE B 525 112.67 75.08 21.49
N ILE B 526 113.19 75.74 20.47
CA ILE B 526 112.32 76.60 19.71
C ILE B 526 111.88 75.79 18.52
N GLY B 527 111.11 76.37 17.62
CA GLY B 527 110.66 75.57 16.50
C GLY B 527 110.07 76.25 15.28
N ASN B 528 108.96 76.98 15.39
CA ASN B 528 108.44 77.53 14.15
C ASN B 528 109.39 78.48 13.45
N ASP B 529 109.00 79.09 12.32
CA ASP B 529 110.12 79.77 11.71
C ASP B 529 110.46 80.80 10.64
N PRO B 530 109.56 81.60 10.01
CA PRO B 530 110.50 82.36 9.16
C PRO B 530 111.81 82.81 9.84
N ALA B 531 112.79 83.18 9.03
CA ALA B 531 114.14 83.31 9.59
C ALA B 531 114.79 83.98 10.78
N ARG B 532 115.67 83.08 11.23
CA ARG B 532 116.61 83.08 12.32
C ARG B 532 117.09 84.38 12.94
N TRP B 533 116.50 84.67 14.10
CA TRP B 533 116.83 85.85 14.88
C TRP B 533 117.10 85.42 16.30
N LEU B 534 115.98 85.14 16.94
CA LEU B 534 115.83 84.74 18.32
C LEU B 534 116.57 83.53 18.83
N THR B 535 116.81 83.53 20.14
CA THR B 535 117.43 82.38 20.76
C THR B 535 117.19 82.15 22.24
N VAL B 536 117.04 80.86 22.48
CA VAL B 536 116.71 80.24 23.74
C VAL B 536 117.78 79.52 24.51
N ASN B 537 117.70 79.66 25.82
CA ASN B 537 118.57 78.96 26.73
C ASN B 537 117.62 77.78 26.94
N LYS B 538 118.06 76.58 26.60
CA LYS B 538 117.21 75.39 26.73
C LYS B 538 116.94 74.89 28.16
N ASP B 539 117.87 75.15 29.08
CA ASP B 539 117.72 74.69 30.46
C ASP B 539 117.21 75.77 31.38
N ASN B 540 116.66 76.83 30.80
CA ASN B 540 116.14 77.94 31.59
C ASN B 540 115.12 78.76 30.84
N GLY B 541 114.71 78.26 29.68
CA GLY B 541 113.72 78.95 28.88
C GLY B 541 113.85 80.45 28.90
N ILE B 542 114.85 80.96 28.21
CA ILE B 542 115.05 82.40 28.13
C ILE B 542 115.13 82.77 26.67
N VAL B 543 114.19 83.58 26.22
CA VAL B 543 114.18 84.00 24.84
C VAL B 543 114.83 85.35 24.72
N THR B 544 115.98 85.36 24.06
CA THR B 544 116.74 86.57 23.83
C THR B 544 116.56 86.94 22.37
N GLY B 545 117.08 88.10 21.98
CA GLY B 545 116.92 88.51 20.59
C GLY B 545 118.23 88.74 19.89
N ASN B 546 118.62 87.81 19.05
CA ASN B 546 119.84 87.96 18.30
C ASN B 546 119.39 88.47 16.93
N GLY B 547 120.32 89.02 16.16
CA GLY B 547 119.98 89.49 14.83
C GLY B 547 119.50 90.90 14.58
N ASN B 548 119.34 91.16 13.29
CA ASN B 548 118.88 92.43 12.79
C ASN B 548 117.46 92.15 12.39
N LEU B 549 116.58 93.02 12.87
CA LEU B 549 115.19 92.90 12.58
C LEU B 549 114.91 94.14 11.77
N ASP B 550 113.67 94.30 11.34
CA ASP B 550 113.29 95.45 10.55
C ASP B 550 111.78 95.38 10.36
N ARG B 551 111.07 96.15 11.18
CA ARG B 551 109.62 96.18 11.15
C ARG B 551 109.19 96.35 9.72
N GLU B 552 109.97 97.15 9.01
CA GLU B 552 109.66 97.47 7.66
C GLU B 552 109.39 96.45 6.62
N SER B 553 109.72 95.17 6.76
CA SER B 553 109.40 94.53 5.52
C SER B 553 108.99 93.23 4.96
N GLU B 554 109.37 92.08 5.43
CA GLU B 554 108.89 91.12 4.48
C GLU B 554 107.91 90.09 4.85
N TYR B 555 108.23 89.45 5.95
CA TYR B 555 107.43 88.42 6.51
C TYR B 555 106.34 89.16 7.23
N VAL B 556 106.75 90.19 7.98
CA VAL B 556 105.80 90.96 8.74
C VAL B 556 104.62 91.26 7.81
N LYS B 557 103.44 90.82 8.25
CA LYS B 557 102.19 90.99 7.50
C LYS B 557 101.37 92.09 8.15
N ASN B 558 100.47 91.76 9.06
CA ASN B 558 99.82 92.88 9.71
C ASN B 558 100.99 93.25 10.60
N ASN B 559 100.82 94.16 11.54
CA ASN B 559 101.97 94.53 12.37
C ASN B 559 102.70 93.36 13.07
N THR B 560 102.39 92.12 12.68
CA THR B 560 102.97 90.90 13.29
C THR B 560 104.28 90.25 12.88
N TYR B 561 104.52 89.18 13.62
CA TYR B 561 105.59 88.22 13.48
C TYR B 561 105.23 87.18 14.52
N THR B 562 104.75 86.03 14.06
CA THR B 562 104.30 84.97 14.94
C THR B 562 105.28 83.82 14.84
N VAL B 563 105.58 83.26 16.00
CA VAL B 563 106.52 82.17 16.10
C VAL B 563 106.04 81.18 17.14
N ILE B 564 106.28 79.91 16.87
CA ILE B 564 105.88 78.87 17.80
C ILE B 564 107.14 78.17 18.30
N MET B 565 107.07 77.64 19.53
CA MET B 565 108.21 76.96 20.12
C MET B 565 107.82 75.72 20.90
N LEU B 566 108.82 74.96 21.33
CA LEU B 566 108.57 73.73 22.08
C LEU B 566 109.27 73.59 23.43
N VAL B 567 108.93 72.51 24.12
CA VAL B 567 109.49 72.17 25.43
C VAL B 567 109.29 70.66 25.62
N THR B 568 110.28 69.98 26.19
CA THR B 568 110.18 68.54 26.36
C THR B 568 110.31 67.93 27.76
N ASP B 569 109.40 67.01 28.06
CA ASP B 569 109.33 66.30 29.33
C ASP B 569 110.34 65.16 29.41
N ASP B 570 111.43 65.40 30.13
CA ASP B 570 112.46 64.38 30.32
C ASP B 570 112.57 64.19 31.82
N GLY B 571 113.68 63.62 32.28
CA GLY B 571 113.83 63.41 33.70
C GLY B 571 113.48 61.96 33.93
N VAL B 572 112.35 61.55 33.37
CA VAL B 572 111.92 60.15 33.49
C VAL B 572 111.21 59.50 32.27
N SER B 573 110.66 60.26 31.31
CA SER B 573 110.06 59.60 30.12
C SER B 573 109.89 60.32 28.76
N VAL B 574 108.86 61.13 28.55
CA VAL B 574 108.66 61.83 27.25
C VAL B 574 107.74 63.06 27.30
N GLY B 575 107.81 63.93 26.29
CA GLY B 575 106.94 65.10 26.27
C GLY B 575 107.11 66.22 25.26
N THR B 576 105.98 66.87 24.93
CA THR B 576 105.93 67.98 23.99
C THR B 576 105.02 69.07 24.39
N GLY B 577 105.39 70.29 24.01
CA GLY B 577 104.58 71.43 24.36
C GLY B 577 104.49 72.47 23.28
N THR B 578 103.40 72.48 22.54
CA THR B 578 103.30 73.47 21.50
C THR B 578 102.63 74.75 21.86
N GLY B 579 103.49 75.77 21.86
CA GLY B 579 103.06 77.09 22.21
C GLY B 579 103.41 78.15 21.21
N THR B 580 102.39 78.89 20.79
CA THR B 580 102.55 79.98 19.84
C THR B 580 103.01 81.21 20.55
N LEU B 581 103.65 82.06 19.77
CA LEU B 581 104.17 83.30 20.27
C LEU B 581 104.14 84.43 19.26
N ILE B 582 103.27 85.40 19.52
CA ILE B 582 103.16 86.58 18.68
C ILE B 582 103.88 87.69 19.43
N LEU B 583 104.77 88.41 18.74
CA LEU B 583 105.51 89.51 19.35
C LEU B 583 105.32 90.78 18.54
N HIS B 584 104.82 91.81 19.22
CA HIS B 584 104.57 93.09 18.59
C HIS B 584 105.85 93.82 18.20
N VAL B 585 106.13 93.91 16.90
CA VAL B 585 107.33 94.61 16.44
C VAL B 585 106.98 96.10 16.42
N LEU B 586 107.98 96.98 16.40
CA LEU B 586 107.71 98.42 16.45
C LEU B 586 108.35 99.31 15.41
N ASP B 587 107.87 100.54 15.34
CA ASP B 587 108.48 101.41 14.37
C ASP B 587 109.49 102.46 14.74
N VAL B 588 110.43 102.49 13.80
CA VAL B 588 111.61 103.32 13.72
C VAL B 588 111.50 103.99 12.34
N ASN B 589 112.09 105.16 12.17
CA ASN B 589 112.05 105.81 10.88
C ASN B 589 113.34 105.43 10.17
N ASP B 590 113.31 104.32 9.42
CA ASP B 590 114.49 103.85 8.69
C ASP B 590 114.65 104.68 7.43
N ASN B 591 114.00 104.19 6.38
CA ASN B 591 114.04 104.78 5.06
C ASN B 591 113.64 106.25 4.99
N GLY B 592 113.75 106.79 3.78
CA GLY B 592 113.39 108.17 3.51
C GLY B 592 112.69 108.23 2.17
N PRO B 593 112.00 109.34 1.86
CA PRO B 593 111.23 109.63 0.62
C PRO B 593 111.82 109.22 -0.73
N VAL B 594 110.95 108.87 -1.68
CA VAL B 594 111.37 108.46 -3.03
C VAL B 594 110.31 108.71 -4.13
N PRO B 595 110.75 109.17 -5.32
CA PRO B 595 109.94 109.48 -6.51
C PRO B 595 109.27 108.28 -7.17
N SER B 596 108.02 108.46 -7.58
CA SER B 596 107.25 107.40 -8.23
C SER B 596 107.80 106.96 -9.58
N PRO B 597 107.61 107.77 -10.64
CA PRO B 597 108.15 107.32 -11.91
C PRO B 597 109.62 107.67 -11.98
N ARG B 598 110.44 106.82 -12.57
CA ARG B 598 111.87 107.10 -12.67
C ARG B 598 112.34 107.48 -14.06
N VAL B 599 111.48 107.36 -15.07
CA VAL B 599 111.87 107.76 -16.43
C VAL B 599 110.74 108.47 -17.14
N PHE B 600 111.06 109.63 -17.69
CA PHE B 600 110.08 110.44 -18.40
C PHE B 600 110.19 110.29 -19.88
N THR B 601 109.36 111.09 -20.52
CA THR B 601 109.27 111.22 -21.95
C THR B 601 108.79 112.65 -22.06
N MET B 602 109.74 113.58 -22.03
CA MET B 602 109.39 114.99 -22.13
C MET B 602 109.21 115.34 -23.58
N CYS B 603 108.60 116.49 -23.83
CA CYS B 603 108.49 116.89 -25.20
C CYS B 603 109.40 118.07 -25.52
N ASP B 604 109.40 118.51 -26.76
CA ASP B 604 110.28 119.56 -27.25
C ASP B 604 109.81 121.00 -27.14
N GLN B 605 108.97 121.42 -28.08
CA GLN B 605 108.47 122.80 -28.12
C GLN B 605 108.04 123.35 -26.76
N ASN B 606 107.12 122.67 -26.08
CA ASN B 606 106.62 123.13 -24.78
C ASN B 606 106.13 122.01 -23.87
N PRO B 607 107.07 121.26 -23.25
CA PRO B 607 106.74 120.15 -22.35
C PRO B 607 105.88 120.56 -21.16
N GLU B 608 104.85 119.77 -20.83
CA GLU B 608 104.00 120.11 -19.70
C GLU B 608 104.62 119.45 -18.47
N PRO B 609 104.31 119.97 -17.26
CA PRO B 609 104.84 119.42 -16.01
C PRO B 609 104.91 117.91 -15.95
N GLN B 610 106.07 117.39 -15.53
CA GLN B 610 106.24 115.96 -15.41
C GLN B 610 105.83 115.59 -13.99
N VAL B 611 104.66 115.00 -13.84
CA VAL B 611 104.19 114.63 -12.52
C VAL B 611 105.08 113.53 -11.94
N LEU B 612 105.39 113.69 -10.66
CA LEU B 612 106.24 112.75 -9.93
C LEU B 612 105.68 112.78 -8.51
N THR B 613 105.84 111.70 -7.76
CA THR B 613 105.33 111.67 -6.39
C THR B 613 106.35 111.13 -5.39
N ILE B 614 105.90 111.01 -4.14
CA ILE B 614 106.76 110.55 -3.05
C ILE B 614 106.18 109.41 -2.20
N SER B 615 107.06 108.53 -1.72
CA SER B 615 106.70 107.36 -0.90
C SER B 615 107.72 107.01 0.18
N ASP B 616 107.23 106.73 1.39
CA ASP B 616 108.08 106.38 2.54
C ASP B 616 107.71 104.98 3.06
N ALA B 617 108.72 104.20 3.45
CA ALA B 617 108.48 102.85 3.96
C ALA B 617 108.10 102.88 5.43
N ASP B 618 108.25 104.05 6.03
CA ASP B 618 107.95 104.19 7.42
C ASP B 618 106.48 104.37 7.75
N ILE B 619 106.21 104.28 9.05
CA ILE B 619 104.89 104.44 9.50
C ILE B 619 104.82 105.84 10.10
N PRO B 620 103.60 106.49 10.00
CA PRO B 620 103.42 107.84 10.55
C PRO B 620 103.80 108.01 12.08
N PRO B 621 104.27 109.24 12.40
CA PRO B 621 104.44 110.58 11.82
C PRO B 621 105.52 110.58 10.76
N ASN B 622 106.49 109.70 10.97
CA ASN B 622 107.67 109.45 10.13
C ASN B 622 107.65 109.69 8.60
N THR B 623 106.50 110.02 8.06
CA THR B 623 106.41 110.28 6.63
C THR B 623 105.62 111.55 6.43
N TYR B 624 105.41 112.27 7.51
CA TYR B 624 104.68 113.54 7.44
C TYR B 624 105.45 114.32 6.38
N PRO B 625 104.90 115.47 5.97
CA PRO B 625 105.44 116.40 4.99
C PRO B 625 106.92 116.61 4.70
N TYR B 626 107.10 117.01 3.45
CA TYR B 626 108.37 117.20 2.81
C TYR B 626 109.08 118.51 2.60
N LYS B 627 110.20 118.32 1.96
CA LYS B 627 111.11 119.38 1.61
C LYS B 627 111.89 118.81 0.41
N VAL B 628 111.57 119.33 -0.78
CA VAL B 628 112.21 118.92 -2.04
C VAL B 628 113.51 119.70 -2.27
N SER B 629 114.51 119.05 -2.86
CA SER B 629 115.82 119.69 -3.10
C SER B 629 116.52 119.16 -4.37
N LEU B 630 117.13 120.07 -5.13
CA LEU B 630 117.84 119.70 -6.35
C LEU B 630 119.35 120.04 -6.27
N SER B 631 120.15 118.97 -6.12
CA SER B 631 121.61 118.95 -5.94
C SER B 631 122.71 119.48 -6.89
N HIS B 632 123.29 118.72 -7.82
CA HIS B 632 124.29 119.45 -8.62
C HIS B 632 123.50 120.26 -9.65
N GLY B 633 122.73 119.61 -10.51
CA GLY B 633 121.91 120.37 -11.44
C GLY B 633 120.65 120.99 -10.82
N SER B 634 120.79 122.06 -10.01
CA SER B 634 119.66 122.76 -9.39
C SER B 634 119.34 123.80 -10.43
N ASP B 635 120.11 123.73 -11.51
CA ASP B 635 120.02 124.63 -12.64
C ASP B 635 120.81 124.08 -13.84
N LEU B 636 120.13 123.26 -14.65
CA LEU B 636 120.59 122.60 -15.93
C LEU B 636 119.18 122.67 -16.35
N THR B 637 118.62 123.51 -15.49
CA THR B 637 117.26 123.93 -15.44
C THR B 637 116.24 122.90 -15.12
N TRP B 638 115.88 123.00 -13.86
CA TRP B 638 114.95 122.15 -13.28
C TRP B 638 114.42 122.87 -12.09
N LYS B 639 113.08 122.91 -12.01
CA LYS B 639 112.40 123.55 -10.92
C LYS B 639 111.25 122.72 -10.40
N ALA B 640 111.45 122.52 -9.10
CA ALA B 640 110.71 121.74 -8.13
C ALA B 640 109.35 122.20 -7.66
N GLU B 641 108.48 121.24 -7.32
CA GLU B 641 107.19 121.66 -6.81
C GLU B 641 106.30 120.61 -6.19
N LEU B 642 105.53 121.05 -5.20
CA LEU B 642 104.63 120.17 -4.48
C LEU B 642 103.16 120.38 -4.80
N ASP B 643 102.44 119.27 -4.80
CA ASP B 643 101.01 119.27 -5.03
C ASP B 643 100.48 119.83 -3.72
N SER B 644 99.30 120.45 -3.75
CA SER B 644 98.70 121.02 -2.56
C SER B 644 98.34 119.90 -1.56
N LYS B 645 97.63 118.89 -2.04
CA LYS B 645 97.25 117.78 -1.17
C LYS B 645 98.45 116.87 -0.89
N GLY B 646 99.57 117.50 -0.57
CA GLY B 646 100.81 116.80 -0.21
C GLY B 646 101.71 115.93 -1.06
N THR B 647 101.28 114.71 -1.38
CA THR B 647 102.08 113.72 -2.09
C THR B 647 102.92 113.87 -3.37
N SER B 648 102.45 114.57 -4.41
CA SER B 648 103.29 114.64 -5.60
C SER B 648 104.13 115.91 -5.72
N MET B 649 105.04 115.90 -6.68
CA MET B 649 105.90 117.05 -6.92
C MET B 649 105.87 117.39 -8.42
N LEU B 650 105.88 118.68 -8.75
CA LEU B 650 105.84 119.16 -10.13
C LEU B 650 107.24 119.51 -10.64
N LEU B 651 107.68 118.74 -11.63
CA LEU B 651 109.01 118.92 -12.20
C LEU B 651 108.98 119.62 -13.56
N SER B 652 109.59 120.80 -13.62
CA SER B 652 109.62 121.57 -14.87
C SER B 652 110.95 122.29 -15.11
N PRO B 653 111.44 122.25 -16.36
CA PRO B 653 112.69 122.92 -16.73
C PRO B 653 112.51 124.44 -16.55
N THR B 654 113.42 125.22 -17.13
CA THR B 654 113.38 126.69 -17.11
C THR B 654 114.26 127.15 -18.29
N GLN B 655 114.83 126.18 -19.02
CA GLN B 655 115.65 126.39 -20.23
C GLN B 655 114.95 125.59 -21.34
N GLN B 656 115.21 125.90 -22.61
CA GLN B 656 114.57 125.21 -23.76
C GLN B 656 115.31 123.94 -24.20
N LEU B 657 116.14 123.41 -23.32
CA LEU B 657 117.01 122.26 -23.58
C LEU B 657 116.72 121.06 -24.49
N LYS B 658 117.87 120.50 -24.85
CA LYS B 658 118.16 119.39 -25.75
C LYS B 658 117.46 118.05 -25.91
N LYS B 659 117.83 117.48 -27.05
CA LYS B 659 117.38 116.21 -27.61
C LYS B 659 117.70 114.92 -26.88
N GLY B 660 116.92 114.62 -25.85
CA GLY B 660 117.04 113.37 -25.10
C GLY B 660 118.18 112.99 -24.16
N ASP B 661 117.92 111.88 -23.47
CA ASP B 661 118.80 111.20 -22.50
C ASP B 661 119.64 111.99 -21.48
N TYR B 662 119.04 112.32 -20.34
CA TYR B 662 119.74 113.03 -19.28
C TYR B 662 118.95 113.08 -17.97
N SER B 663 119.67 112.95 -16.86
CA SER B 663 119.07 112.93 -15.53
C SER B 663 118.89 114.26 -14.80
N ILE B 664 118.29 114.15 -13.62
CA ILE B 664 118.02 115.27 -12.72
C ILE B 664 118.20 114.71 -11.31
N TYR B 665 119.16 115.27 -10.57
CA TYR B 665 119.43 114.81 -9.20
C TYR B 665 118.35 115.33 -8.23
N VAL B 666 117.67 114.42 -7.54
CA VAL B 666 116.60 114.76 -6.60
C VAL B 666 117.06 114.57 -5.13
N LEU B 667 116.41 115.28 -4.21
CA LEU B 667 116.74 115.20 -2.78
C LEU B 667 115.59 115.65 -1.87
N LEU B 668 115.06 114.72 -1.07
CA LEU B 668 113.92 115.01 -0.16
C LEU B 668 114.23 114.86 1.32
N SER B 669 113.17 114.92 2.12
CA SER B 669 113.28 114.83 3.58
C SER B 669 111.88 114.67 4.19
N ASP B 670 111.78 114.04 5.36
CA ASP B 670 110.47 113.82 6.01
C ASP B 670 110.33 114.11 7.51
N ALA B 671 111.44 114.14 8.23
CA ALA B 671 111.52 114.45 9.68
C ALA B 671 112.75 115.27 9.40
N GLN B 672 113.30 114.86 8.26
CA GLN B 672 114.48 115.35 7.58
C GLN B 672 114.92 114.13 6.82
N ASN B 673 115.52 113.24 7.59
CA ASN B 673 116.25 112.11 7.07
C ASN B 673 116.95 112.35 5.80
N ASN B 674 116.46 113.33 5.06
CA ASN B 674 117.18 113.85 3.93
C ASN B 674 117.36 113.16 2.62
N PRO B 675 116.72 112.01 2.47
CA PRO B 675 117.07 111.60 1.16
C PRO B 675 117.14 112.22 -0.16
N GLN B 676 118.29 111.60 -0.34
CA GLN B 676 119.22 111.55 -1.38
C GLN B 676 118.44 110.81 -2.27
N LEU B 677 118.09 111.45 -3.32
CA LEU B 677 117.55 110.49 -4.10
C LEU B 677 118.40 110.69 -5.20
N THR B 678 117.76 110.94 -6.29
CA THR B 678 118.69 110.72 -7.22
C THR B 678 118.27 111.20 -8.51
N VAL B 679 118.74 110.37 -9.38
CA VAL B 679 118.58 110.46 -10.74
C VAL B 679 117.25 109.86 -11.07
N VAL B 680 116.50 110.64 -11.83
CA VAL B 680 115.24 110.22 -12.35
C VAL B 680 115.51 110.82 -13.74
N ASN B 681 116.14 109.99 -14.54
CA ASN B 681 116.52 110.37 -15.87
C ASN B 681 115.41 110.93 -16.72
N ALA B 682 115.78 111.55 -17.83
CA ALA B 682 114.75 112.15 -18.67
C ALA B 682 114.93 112.03 -20.18
N THR B 683 114.10 111.20 -20.82
CA THR B 683 114.18 111.01 -22.26
C THR B 683 113.28 111.96 -23.05
N VAL B 684 113.91 112.88 -23.77
CA VAL B 684 113.21 113.89 -24.57
C VAL B 684 113.30 113.52 -26.06
N CYS B 685 112.22 113.85 -26.79
CA CYS B 685 112.07 113.54 -28.21
C CYS B 685 111.15 114.66 -28.84
N SER B 686 111.43 115.12 -30.08
CA SER B 686 110.72 116.25 -30.79
C SER B 686 109.22 116.59 -30.61
N CYS B 687 108.94 117.88 -30.40
CA CYS B 687 107.56 118.15 -30.00
C CYS B 687 106.90 119.54 -29.78
N GLU B 688 105.73 119.47 -29.14
CA GLU B 688 104.96 120.66 -28.77
C GLU B 688 104.77 120.73 -27.26
N GLY B 689 103.75 120.09 -26.69
CA GLY B 689 103.62 120.25 -25.24
C GLY B 689 103.13 119.15 -24.31
N LYS B 690 102.62 118.08 -24.88
CA LYS B 690 102.15 116.99 -24.07
C LYS B 690 103.05 115.79 -24.03
N ALA B 691 103.25 115.32 -22.80
CA ALA B 691 104.06 114.15 -22.53
C ALA B 691 103.65 113.04 -23.50
N ILE B 692 104.48 112.79 -24.50
CA ILE B 692 104.18 111.78 -25.52
C ILE B 692 104.95 110.45 -25.45
N LYS B 693 104.45 109.42 -26.15
CA LYS B 693 105.10 108.10 -26.22
C LYS B 693 106.38 108.42 -26.99
N CYS B 694 107.55 107.85 -26.64
CA CYS B 694 108.73 108.32 -27.40
C CYS B 694 109.29 107.64 -28.67
N GLN B 695 110.58 107.27 -28.63
CA GLN B 695 111.14 106.80 -29.88
C GLN B 695 112.21 105.71 -29.97
N ASP C 156 6.53 -29.76 18.84
CA ASP C 156 5.92 -31.11 19.04
C ASP C 156 6.38 -32.17 18.05
N TRP C 157 5.60 -33.24 18.14
CA TRP C 157 5.64 -34.45 17.35
C TRP C 157 4.46 -34.04 16.46
N VAL C 158 4.70 -33.40 15.34
CA VAL C 158 3.56 -33.01 14.55
C VAL C 158 2.97 -34.11 13.73
N ILE C 159 2.51 -33.75 12.55
CA ILE C 159 1.85 -34.72 11.72
C ILE C 159 2.15 -34.34 10.29
N PRO C 160 2.89 -35.21 9.58
CA PRO C 160 3.32 -35.03 8.19
C PRO C 160 2.25 -34.69 7.18
N PRO C 161 2.62 -33.95 6.14
CA PRO C 161 1.70 -33.55 5.08
C PRO C 161 1.24 -34.82 4.40
N ILE C 162 0.05 -34.78 3.83
CA ILE C 162 -0.46 -35.97 3.18
C ILE C 162 -0.57 -35.82 1.68
N LYS C 163 0.29 -36.57 1.00
CA LYS C 163 0.34 -36.62 -0.46
C LYS C 163 -0.87 -37.46 -0.91
N VAL C 164 -1.52 -36.99 -1.98
CA VAL C 164 -2.71 -37.64 -2.54
C VAL C 164 -2.61 -37.54 -4.04
N SER C 165 -2.93 -38.61 -4.77
CA SER C 165 -2.85 -38.49 -6.22
C SER C 165 -4.05 -37.77 -6.80
N GLU C 166 -3.92 -37.33 -8.03
CA GLU C 166 -4.96 -36.58 -8.69
C GLU C 166 -5.77 -37.50 -9.57
N ASN C 167 -7.02 -37.18 -9.78
CA ASN C 167 -7.85 -37.99 -10.65
C ASN C 167 -7.74 -39.41 -10.15
N GLU C 168 -7.93 -39.52 -8.85
CA GLU C 168 -7.91 -40.81 -8.17
C GLU C 168 -9.23 -41.47 -8.53
N ARG C 169 -9.31 -42.79 -8.44
CA ARG C 169 -10.55 -43.45 -8.78
C ARG C 169 -10.65 -44.90 -8.31
N GLY C 170 -11.62 -45.13 -7.45
CA GLY C 170 -11.86 -46.44 -6.90
C GLY C 170 -13.19 -46.32 -6.17
N PRO C 171 -13.39 -47.07 -5.09
CA PRO C 171 -14.67 -46.96 -4.37
C PRO C 171 -14.61 -45.85 -3.36
N PHE C 172 -15.49 -44.89 -3.44
CA PHE C 172 -15.19 -43.88 -2.39
C PHE C 172 -16.00 -44.30 -1.08
N PRO C 173 -15.67 -43.98 0.18
CA PRO C 173 -14.53 -43.25 0.69
C PRO C 173 -13.11 -43.86 0.65
N LYS C 174 -12.20 -43.04 1.20
CA LYS C 174 -10.86 -43.44 1.28
C LYS C 174 -10.36 -42.78 2.54
N ARG C 175 -9.95 -43.65 3.44
CA ARG C 175 -9.41 -43.25 4.70
C ARG C 175 -8.02 -42.73 4.42
N LEU C 176 -7.70 -41.59 5.01
CA LEU C 176 -6.39 -41.03 4.87
C LEU C 176 -5.60 -41.35 6.13
N VAL C 177 -6.12 -40.86 7.25
CA VAL C 177 -5.49 -41.09 8.55
C VAL C 177 -6.47 -41.00 9.72
N GLN C 178 -6.03 -41.47 10.88
CA GLN C 178 -6.83 -41.48 12.09
C GLN C 178 -6.17 -40.75 13.25
N ILE C 179 -6.93 -39.86 13.89
CA ILE C 179 -6.42 -39.08 15.02
C ILE C 179 -7.11 -39.39 16.33
N LYS C 180 -6.36 -39.31 17.43
CA LYS C 180 -6.90 -39.58 18.75
C LYS C 180 -6.47 -38.56 19.80
N SER C 181 -7.41 -38.10 20.61
CA SER C 181 -7.08 -37.19 21.69
C SER C 181 -6.94 -38.19 22.82
N ASN C 182 -5.95 -38.03 23.70
CA ASN C 182 -5.77 -39.00 24.78
C ASN C 182 -6.47 -38.52 26.04
N LYS C 183 -6.96 -37.30 25.95
CA LYS C 183 -7.64 -36.69 27.05
C LYS C 183 -9.06 -37.26 27.08
N ASP C 184 -9.22 -38.45 26.53
CA ASP C 184 -10.54 -39.08 26.48
C ASP C 184 -10.83 -39.99 27.67
N ARG C 185 -9.89 -40.07 28.60
CA ARG C 185 -10.10 -40.89 29.78
C ARG C 185 -11.36 -40.40 30.50
N PHE C 186 -11.60 -39.10 30.43
CA PHE C 186 -12.73 -38.52 31.13
C PHE C 186 -14.11 -38.50 30.51
N ASN C 187 -14.26 -38.04 29.29
CA ASN C 187 -15.61 -38.08 28.74
C ASN C 187 -15.53 -38.54 27.31
N LYS C 188 -16.64 -38.43 26.60
CA LYS C 188 -16.60 -38.83 25.22
C LYS C 188 -16.09 -37.60 24.48
N VAL C 189 -15.22 -37.81 23.50
CA VAL C 189 -14.66 -36.71 22.71
C VAL C 189 -15.29 -36.67 21.32
N TYR C 190 -15.63 -35.47 20.84
CA TYR C 190 -16.25 -35.32 19.53
C TYR C 190 -15.31 -34.70 18.48
N TYR C 191 -14.90 -35.51 17.50
CA TYR C 191 -13.99 -35.06 16.46
C TYR C 191 -14.67 -34.39 15.28
N SER C 192 -14.20 -33.18 14.98
CA SER C 192 -14.70 -32.39 13.88
C SER C 192 -13.47 -31.85 13.14
N ILE C 193 -13.69 -31.03 12.12
CA ILE C 193 -12.58 -30.47 11.36
C ILE C 193 -13.04 -29.30 10.48
N THR C 194 -12.18 -28.29 10.31
CA THR C 194 -12.54 -27.09 9.55
C THR C 194 -11.56 -26.54 8.51
N GLY C 195 -12.08 -25.78 7.54
CA GLY C 195 -11.25 -25.18 6.51
C GLY C 195 -11.83 -25.21 5.10
N GLN C 196 -11.04 -24.78 4.12
CA GLN C 196 -11.48 -24.82 2.73
C GLN C 196 -11.40 -26.28 2.32
N GLY C 197 -12.43 -26.78 1.67
CA GLY C 197 -12.43 -28.18 1.31
C GLY C 197 -13.11 -28.95 2.42
N ALA C 198 -13.26 -28.29 3.55
CA ALA C 198 -13.92 -28.87 4.72
C ALA C 198 -15.31 -28.28 4.81
N ASP C 199 -15.48 -27.31 5.69
CA ASP C 199 -16.76 -26.65 5.86
C ASP C 199 -16.77 -25.40 4.99
N ASN C 200 -15.57 -24.98 4.57
CA ASN C 200 -15.42 -23.80 3.73
C ASN C 200 -15.33 -24.23 2.27
N PRO C 201 -15.76 -23.37 1.34
CA PRO C 201 -15.74 -23.65 -0.11
C PRO C 201 -14.39 -24.23 -0.59
N PRO C 202 -14.35 -25.37 -1.27
CA PRO C 202 -15.16 -26.50 -1.69
C PRO C 202 -15.65 -27.22 -0.44
N GLN C 203 -16.91 -27.06 -0.12
CA GLN C 203 -17.35 -27.79 1.03
C GLN C 203 -17.54 -29.30 0.78
N GLY C 204 -17.11 -30.08 1.77
CA GLY C 204 -17.30 -31.53 1.73
C GLY C 204 -16.37 -32.45 0.96
N VAL C 205 -15.12 -32.03 0.76
CA VAL C 205 -14.20 -32.89 0.05
C VAL C 205 -13.63 -33.87 1.05
N PHE C 206 -13.49 -33.37 2.28
CA PHE C 206 -12.96 -34.18 3.36
C PHE C 206 -13.92 -34.07 4.53
N ARG C 207 -14.04 -35.17 5.29
CA ARG C 207 -14.89 -35.20 6.47
C ARG C 207 -14.33 -36.22 7.44
N ILE C 208 -14.62 -36.01 8.73
CA ILE C 208 -14.12 -36.91 9.74
C ILE C 208 -15.23 -37.53 10.57
N GLU C 209 -14.98 -38.76 11.02
CA GLU C 209 -15.93 -39.52 11.82
C GLU C 209 -15.82 -39.13 13.29
N TRP C 210 -16.70 -38.21 13.69
CA TRP C 210 -16.72 -37.69 15.04
C TRP C 210 -16.37 -38.67 16.12
N GLU C 211 -16.68 -39.94 15.94
CA GLU C 211 -16.38 -40.89 17.01
C GLU C 211 -15.13 -41.75 16.88
N THR C 212 -14.63 -41.96 15.66
CA THR C 212 -13.43 -42.78 15.50
C THR C 212 -12.19 -41.92 15.35
N GLY C 213 -12.33 -40.87 14.57
CA GLY C 213 -11.21 -39.97 14.34
C GLY C 213 -10.57 -40.25 12.99
N TRP C 214 -11.34 -40.82 12.08
CA TRP C 214 -10.83 -41.10 10.74
C TRP C 214 -11.07 -39.93 9.80
N MET C 215 -10.11 -39.70 8.91
CA MET C 215 -10.21 -38.64 7.94
C MET C 215 -10.30 -39.26 6.57
N LEU C 216 -11.18 -38.72 5.74
CA LEU C 216 -11.39 -39.28 4.43
C LEU C 216 -11.47 -38.26 3.30
N VAL C 217 -11.19 -38.77 2.11
CA VAL C 217 -11.29 -37.97 0.90
C VAL C 217 -12.60 -38.57 0.38
N THR C 218 -13.53 -37.69 0.02
CA THR C 218 -14.81 -38.16 -0.45
C THR C 218 -14.94 -38.32 -1.96
N ARG C 219 -14.14 -37.59 -2.74
CA ARG C 219 -14.24 -37.69 -4.20
C ARG C 219 -12.93 -37.37 -4.88
N PRO C 220 -12.84 -37.64 -6.19
CA PRO C 220 -11.63 -37.38 -6.99
C PRO C 220 -11.23 -35.90 -6.99
N LEU C 221 -9.96 -35.61 -7.31
CA LEU C 221 -9.47 -34.23 -7.34
C LEU C 221 -8.61 -33.92 -8.56
N ASP C 222 -8.48 -32.63 -8.86
CA ASP C 222 -7.65 -32.17 -9.98
C ASP C 222 -6.72 -31.08 -9.42
N ARG C 223 -5.42 -31.40 -9.34
CA ARG C 223 -4.45 -30.45 -8.82
C ARG C 223 -4.50 -29.19 -9.62
N GLU C 224 -4.84 -29.34 -10.90
CA GLU C 224 -4.93 -28.21 -11.80
C GLU C 224 -5.91 -27.17 -11.24
N GLU C 225 -6.91 -27.64 -10.49
CA GLU C 225 -7.93 -26.79 -9.87
C GLU C 225 -7.38 -26.25 -8.55
N TYR C 226 -7.12 -27.14 -7.61
CA TYR C 226 -6.52 -26.79 -6.32
C TYR C 226 -5.39 -27.80 -6.10
N ASP C 227 -4.17 -27.34 -5.93
CA ASP C 227 -3.03 -28.24 -5.75
C ASP C 227 -2.64 -28.48 -4.29
N LYS C 228 -3.41 -27.93 -3.35
CA LYS C 228 -3.08 -28.11 -1.94
C LYS C 228 -4.22 -27.62 -1.06
N TYR C 229 -4.30 -28.21 0.13
CA TYR C 229 -5.31 -27.89 1.13
C TYR C 229 -4.69 -27.83 2.52
N VAL C 230 -5.27 -27.01 3.38
CA VAL C 230 -4.79 -26.90 4.73
C VAL C 230 -6.03 -26.97 5.58
N LEU C 231 -5.98 -27.79 6.63
CA LEU C 231 -7.13 -27.98 7.48
C LEU C 231 -6.86 -27.91 8.97
N SER C 232 -7.90 -27.61 9.73
CA SER C 232 -7.80 -27.52 11.19
C SER C 232 -8.74 -28.54 11.87
N SER C 233 -8.16 -29.37 12.75
CA SER C 233 -8.89 -30.43 13.45
C SER C 233 -9.21 -30.13 14.92
N HIS C 234 -10.38 -30.58 15.36
CA HIS C 234 -10.84 -30.31 16.73
C HIS C 234 -11.33 -31.52 17.53
N ALA C 235 -11.42 -31.33 18.84
CA ALA C 235 -11.89 -32.37 19.76
C ALA C 235 -12.50 -31.76 21.03
N VAL C 236 -13.84 -31.83 21.14
CA VAL C 236 -14.54 -31.31 22.31
C VAL C 236 -15.15 -32.46 23.11
N SER C 237 -15.48 -32.15 24.37
CA SER C 237 -16.08 -33.10 25.28
C SER C 237 -17.59 -33.09 25.15
N GLU C 238 -18.24 -34.14 25.63
CA GLU C 238 -19.69 -34.17 25.56
C GLU C 238 -20.22 -32.99 26.34
N ASN C 239 -19.63 -32.73 27.51
CA ASN C 239 -20.10 -31.61 28.30
C ASN C 239 -20.07 -30.35 27.44
N GLY C 240 -19.12 -30.29 26.51
CA GLY C 240 -19.02 -29.14 25.62
C GLY C 240 -17.72 -28.35 25.59
N SER C 241 -16.72 -28.78 26.34
CA SER C 241 -15.48 -28.04 26.32
C SER C 241 -14.41 -28.65 25.44
N PRO C 242 -13.63 -27.79 24.78
CA PRO C 242 -12.55 -28.20 23.90
C PRO C 242 -11.49 -28.81 24.80
N VAL C 243 -10.72 -29.77 24.28
CA VAL C 243 -9.72 -30.43 25.10
C VAL C 243 -8.30 -30.19 24.62
N GLU C 244 -8.12 -30.18 23.30
CA GLU C 244 -6.81 -29.98 22.70
C GLU C 244 -6.79 -28.75 21.82
N GLU C 245 -5.67 -28.04 21.86
CA GLU C 245 -5.49 -26.88 21.02
C GLU C 245 -5.65 -27.53 19.66
N PRO C 246 -6.44 -26.93 18.77
CA PRO C 246 -6.63 -27.51 17.44
C PRO C 246 -5.35 -28.02 16.75
N MET C 247 -5.47 -28.61 15.58
CA MET C 247 -4.29 -29.09 14.87
C MET C 247 -4.34 -28.89 13.36
N GLU C 248 -3.35 -28.17 12.85
CA GLU C 248 -3.23 -27.89 11.43
C GLU C 248 -3.01 -29.17 10.64
N ILE C 249 -3.57 -29.25 9.43
CA ILE C 249 -3.43 -30.43 8.59
C ILE C 249 -3.20 -30.08 7.12
N THR C 250 -2.21 -30.71 6.51
CA THR C 250 -1.90 -30.42 5.12
C THR C 250 -1.93 -31.57 4.14
N ILE C 251 -2.41 -31.26 2.94
CA ILE C 251 -2.52 -32.24 1.86
C ILE C 251 -1.98 -31.67 0.55
N ASN C 252 -1.05 -32.40 -0.05
CA ASN C 252 -0.48 -31.98 -1.34
C ASN C 252 -1.00 -32.87 -2.44
N VAL C 253 -1.44 -32.26 -3.55
CA VAL C 253 -1.99 -33.02 -4.67
C VAL C 253 -0.97 -33.22 -5.81
N ILE C 254 -0.49 -34.46 -5.91
CA ILE C 254 0.51 -34.88 -6.89
C ILE C 254 -0.01 -34.91 -8.33
N ASP C 255 0.74 -34.27 -9.23
CA ASP C 255 0.38 -34.16 -10.64
C ASP C 255 0.30 -35.46 -11.41
N GLN C 256 -0.58 -35.44 -12.40
CA GLN C 256 -0.77 -36.55 -13.30
C GLN C 256 -0.94 -36.00 -14.71
N ASN C 257 -0.41 -36.74 -15.67
CA ASN C 257 -0.46 -36.34 -17.06
C ASN C 257 -1.87 -36.33 -17.64
N ASP C 258 -2.66 -35.33 -17.26
CA ASP C 258 -4.03 -35.24 -17.75
C ASP C 258 -4.15 -34.15 -18.77
N ASN C 259 -3.06 -33.41 -18.96
CA ASN C 259 -3.09 -32.30 -19.90
C ASN C 259 -2.31 -32.36 -21.20
N ARG C 260 -3.02 -32.14 -22.29
CA ARG C 260 -2.45 -32.11 -23.63
C ARG C 260 -1.90 -30.70 -23.82
N PRO C 261 -0.80 -30.56 -24.58
CA PRO C 261 -0.24 -29.21 -24.77
C PRO C 261 -1.10 -28.34 -25.70
N LYS C 262 -0.66 -27.10 -25.95
CA LYS C 262 -1.39 -26.18 -26.83
C LYS C 262 -0.49 -25.07 -27.40
N PHE C 263 -0.60 -24.83 -28.69
CA PHE C 263 0.22 -23.81 -29.33
C PHE C 263 -0.13 -22.38 -28.90
N THR C 264 0.91 -21.56 -28.74
CA THR C 264 0.74 -20.17 -28.34
C THR C 264 -0.31 -19.48 -29.22
N GLN C 265 -0.14 -19.57 -30.53
CA GLN C 265 -1.07 -18.98 -31.48
C GLN C 265 -1.73 -20.12 -32.24
N ASP C 266 -2.70 -19.79 -33.08
CA ASP C 266 -3.35 -20.84 -33.85
C ASP C 266 -2.62 -21.00 -35.18
N VAL C 267 -1.84 -19.96 -35.53
CA VAL C 267 -1.06 -19.93 -36.77
C VAL C 267 0.06 -18.89 -36.67
N PHE C 268 1.27 -19.33 -37.01
CA PHE C 268 2.44 -18.45 -36.98
C PHE C 268 2.84 -18.18 -38.42
N ARG C 269 3.36 -16.98 -38.70
CA ARG C 269 3.78 -16.64 -40.06
C ARG C 269 5.27 -16.30 -40.10
N GLY C 270 5.87 -16.46 -41.28
CA GLY C 270 7.28 -16.15 -41.42
C GLY C 270 7.68 -15.74 -42.82
N SER C 271 8.91 -15.26 -42.96
CA SER C 271 9.44 -14.82 -44.25
C SER C 271 10.96 -14.79 -44.29
N VAL C 272 11.49 -15.13 -45.45
CA VAL C 272 12.94 -15.16 -45.70
C VAL C 272 13.21 -14.85 -47.17
N ARG C 273 14.42 -14.38 -47.48
CA ARG C 273 14.75 -14.09 -48.87
C ARG C 273 15.32 -15.30 -49.61
N GLU C 274 14.96 -15.40 -50.88
CA GLU C 274 15.35 -16.53 -51.71
C GLU C 274 16.85 -16.84 -51.85
N GLY C 275 17.70 -15.83 -51.90
CA GLY C 275 19.11 -16.14 -52.09
C GLY C 275 20.00 -16.48 -50.90
N VAL C 276 19.45 -16.53 -49.69
CA VAL C 276 20.26 -16.80 -48.49
C VAL C 276 20.87 -18.18 -48.35
N GLN C 277 21.88 -18.26 -47.47
CA GLN C 277 22.63 -19.49 -47.22
C GLN C 277 22.11 -20.47 -46.18
N PRO C 278 22.34 -21.78 -46.41
CA PRO C 278 21.90 -22.83 -45.49
C PRO C 278 22.47 -22.58 -44.09
N GLY C 279 21.61 -22.73 -43.07
CA GLY C 279 22.01 -22.50 -41.69
C GLY C 279 21.53 -21.14 -41.21
N THR C 280 20.44 -20.67 -41.81
CA THR C 280 19.89 -19.36 -41.50
C THR C 280 18.56 -19.41 -40.74
N GLN C 281 18.52 -18.75 -39.60
CA GLN C 281 17.32 -18.73 -38.76
C GLN C 281 16.16 -17.94 -39.35
N VAL C 282 15.01 -18.60 -39.48
CA VAL C 282 13.80 -17.98 -40.03
C VAL C 282 12.76 -17.54 -38.99
N MET C 283 11.86 -18.46 -38.63
CA MET C 283 10.79 -18.21 -37.67
C MET C 283 11.08 -18.61 -36.23
N ALA C 284 10.00 -18.76 -35.49
CA ALA C 284 10.00 -19.14 -34.09
C ALA C 284 8.56 -19.53 -33.71
N VAL C 285 8.42 -20.65 -33.01
CA VAL C 285 7.10 -21.13 -32.62
C VAL C 285 6.97 -21.50 -31.13
N SER C 286 5.78 -21.26 -30.55
CA SER C 286 5.51 -21.54 -29.13
C SER C 286 4.30 -22.46 -28.85
N ALA C 287 4.24 -22.95 -27.62
CA ALA C 287 3.16 -23.84 -27.15
C ALA C 287 3.41 -24.21 -25.68
N THR C 288 2.37 -24.69 -25.00
CA THR C 288 2.46 -25.07 -23.58
C THR C 288 1.62 -26.25 -23.09
N ASP C 289 2.02 -26.79 -21.94
CA ASP C 289 1.33 -27.89 -21.28
C ASP C 289 1.09 -27.36 -19.88
N GLU C 290 -0.08 -27.62 -19.28
CA GLU C 290 -0.38 -27.12 -17.93
C GLU C 290 0.06 -28.00 -16.75
N ASP C 291 0.33 -29.29 -17.02
CA ASP C 291 0.78 -30.24 -15.97
C ASP C 291 2.13 -29.83 -15.41
N ASP C 292 2.62 -30.54 -14.40
CA ASP C 292 3.91 -30.17 -13.84
C ASP C 292 5.01 -30.25 -14.88
N ASN C 293 6.09 -29.50 -14.65
CA ASN C 293 7.24 -29.43 -15.53
C ASN C 293 8.45 -28.99 -14.70
N ILE C 294 8.47 -29.43 -13.45
CA ILE C 294 9.55 -29.05 -12.55
C ILE C 294 9.99 -30.25 -11.71
N ASP C 295 9.28 -31.37 -11.89
CA ASP C 295 9.59 -32.59 -11.17
C ASP C 295 9.19 -33.79 -12.04
N SER C 296 8.50 -33.48 -13.13
CA SER C 296 8.04 -34.49 -14.09
C SER C 296 8.30 -33.97 -15.49
N LEU C 297 7.86 -34.74 -16.48
CA LEU C 297 8.01 -34.36 -17.88
C LEU C 297 6.61 -34.16 -18.41
N ASN C 298 5.64 -34.25 -17.50
CA ASN C 298 4.22 -34.08 -17.82
C ASN C 298 3.98 -32.73 -18.47
N GLY C 299 4.98 -31.85 -18.42
CA GLY C 299 4.82 -30.52 -18.98
C GLY C 299 5.95 -29.96 -19.84
N VAL C 300 6.87 -30.81 -20.28
CA VAL C 300 7.96 -30.36 -21.14
C VAL C 300 7.71 -30.91 -22.54
N LEU C 301 7.83 -30.01 -23.50
CA LEU C 301 7.57 -30.39 -24.88
C LEU C 301 8.81 -30.57 -25.75
N SER C 302 8.57 -31.19 -26.88
CA SER C 302 9.61 -31.43 -27.86
C SER C 302 8.95 -31.08 -29.19
N TYR C 303 9.57 -30.14 -29.91
CA TYR C 303 9.02 -29.68 -31.18
C TYR C 303 9.51 -30.48 -32.40
N SER C 304 8.70 -30.46 -33.46
CA SER C 304 9.01 -31.16 -34.71
C SER C 304 8.19 -30.68 -35.89
N ILE C 305 8.53 -31.17 -37.08
CA ILE C 305 7.83 -30.80 -38.32
C ILE C 305 7.54 -32.07 -39.10
N LEU C 306 6.42 -32.11 -39.80
CA LEU C 306 6.08 -33.30 -40.56
C LEU C 306 5.43 -33.15 -41.93
N LYS C 307 5.43 -31.95 -42.49
CA LYS C 307 4.85 -31.76 -43.83
C LYS C 307 4.93 -30.32 -44.32
N GLN C 308 5.86 -30.06 -45.23
CA GLN C 308 6.01 -28.72 -45.81
C GLN C 308 5.28 -28.84 -47.14
N ASP C 309 4.39 -27.90 -47.51
CA ASP C 309 3.77 -28.15 -48.79
C ASP C 309 4.70 -27.87 -49.98
N PRO C 310 4.18 -27.78 -51.23
CA PRO C 310 5.17 -27.56 -52.25
C PRO C 310 6.38 -28.39 -51.92
N GLU C 311 6.10 -29.68 -51.89
CA GLU C 311 7.05 -30.74 -51.61
C GLU C 311 8.07 -30.69 -52.74
N GLU C 312 8.21 -29.50 -53.31
CA GLU C 312 9.08 -29.27 -54.47
C GLU C 312 9.78 -27.95 -54.23
N PRO C 313 11.05 -27.84 -54.67
CA PRO C 313 12.08 -28.57 -55.40
C PRO C 313 12.41 -29.93 -54.76
N ILE C 314 12.55 -29.89 -53.43
CA ILE C 314 12.87 -31.03 -52.61
C ILE C 314 11.97 -30.78 -51.43
N PRO C 315 11.88 -31.76 -50.55
CA PRO C 315 11.00 -31.54 -49.41
C PRO C 315 11.69 -31.40 -48.04
N ASN C 316 12.94 -30.92 -47.97
CA ASN C 316 13.59 -30.75 -46.68
C ASN C 316 14.30 -29.41 -46.58
N LEU C 317 13.59 -28.33 -46.88
CA LEU C 317 14.21 -27.02 -46.81
C LEU C 317 14.52 -26.57 -45.37
N PHE C 318 13.78 -27.09 -44.39
CA PHE C 318 13.99 -26.68 -43.01
C PHE C 318 14.00 -27.76 -41.93
N THR C 319 14.36 -27.31 -40.74
CA THR C 319 14.42 -28.13 -39.54
C THR C 319 14.00 -27.20 -38.41
N ILE C 320 13.71 -27.79 -37.26
CA ILE C 320 13.31 -27.04 -36.09
C ILE C 320 14.09 -27.54 -34.89
N ASN C 321 14.46 -26.64 -33.99
CA ASN C 321 15.19 -27.01 -32.78
C ASN C 321 14.16 -27.64 -31.84
N ARG C 322 14.29 -28.95 -31.57
CA ARG C 322 13.33 -29.66 -30.71
C ARG C 322 13.05 -29.02 -29.35
N GLU C 323 14.08 -28.47 -28.72
CA GLU C 323 13.93 -27.84 -27.41
C GLU C 323 13.37 -26.42 -27.48
N THR C 324 13.90 -25.58 -28.36
CA THR C 324 13.45 -24.19 -28.49
C THR C 324 12.32 -23.93 -29.48
N GLY C 325 12.14 -24.82 -30.45
CA GLY C 325 11.08 -24.62 -31.42
C GLY C 325 11.43 -23.64 -32.51
N VAL C 326 12.71 -23.29 -32.64
CA VAL C 326 13.13 -22.34 -33.68
C VAL C 326 13.37 -23.08 -34.98
N ILE C 327 13.05 -22.43 -36.09
CA ILE C 327 13.23 -23.05 -37.38
C ILE C 327 14.35 -22.39 -38.17
N SER C 328 15.05 -23.19 -38.98
CA SER C 328 16.13 -22.67 -39.80
C SER C 328 16.16 -23.29 -41.21
N LEU C 329 16.79 -22.58 -42.13
CA LEU C 329 16.92 -23.07 -43.50
C LEU C 329 18.05 -24.07 -43.46
N ILE C 330 17.76 -25.26 -43.96
CA ILE C 330 18.74 -26.33 -43.97
C ILE C 330 19.23 -26.63 -45.39
N GLY C 331 18.31 -26.64 -46.36
CA GLY C 331 18.66 -26.92 -47.74
C GLY C 331 18.99 -25.70 -48.60
N THR C 332 18.93 -25.87 -49.92
CA THR C 332 19.22 -24.81 -50.90
C THR C 332 18.40 -24.92 -52.19
N GLY C 333 17.85 -23.82 -52.66
CA GLY C 333 17.08 -23.86 -53.90
C GLY C 333 15.86 -22.97 -53.90
N LEU C 334 15.85 -22.02 -52.99
CA LEU C 334 14.74 -21.09 -52.82
C LEU C 334 14.56 -20.13 -53.96
N ASP C 335 13.36 -20.07 -54.50
CA ASP C 335 13.14 -19.14 -55.57
C ASP C 335 11.78 -18.56 -55.43
N ARG C 336 11.74 -17.24 -55.30
CA ARG C 336 10.46 -16.55 -55.19
C ARG C 336 9.75 -16.72 -56.52
N GLU C 337 10.52 -16.62 -57.59
CA GLU C 337 9.97 -16.71 -58.91
C GLU C 337 9.19 -18.00 -59.26
N LYS C 338 9.50 -19.13 -58.62
CA LYS C 338 8.77 -20.40 -58.90
C LYS C 338 7.87 -20.88 -57.75
N PHE C 339 8.39 -20.84 -56.53
CA PHE C 339 7.68 -21.28 -55.32
C PHE C 339 7.94 -20.24 -54.23
N PRO C 340 7.02 -19.28 -54.06
CA PRO C 340 7.16 -18.22 -53.06
C PRO C 340 6.65 -18.40 -51.63
N GLU C 341 5.78 -19.39 -51.38
CA GLU C 341 5.26 -19.54 -50.02
C GLU C 341 4.97 -20.94 -49.52
N TYR C 342 5.75 -21.40 -48.53
CA TYR C 342 5.58 -22.74 -47.98
C TYR C 342 4.69 -22.78 -46.77
N THR C 343 4.01 -23.91 -46.61
CA THR C 343 3.11 -24.11 -45.52
C THR C 343 3.47 -25.45 -44.89
N LEU C 344 4.07 -25.38 -43.71
CA LEU C 344 4.48 -26.59 -43.03
C LEU C 344 3.75 -26.84 -41.71
N THR C 345 3.55 -28.12 -41.42
CA THR C 345 2.84 -28.55 -40.24
C THR C 345 3.78 -28.98 -39.09
N VAL C 346 3.55 -28.38 -37.93
CA VAL C 346 4.35 -28.68 -36.75
C VAL C 346 3.54 -29.39 -35.66
N GLN C 347 4.29 -30.04 -34.76
CA GLN C 347 3.73 -30.80 -33.66
C GLN C 347 4.60 -30.64 -32.39
N ALA C 348 3.97 -30.68 -31.22
CA ALA C 348 4.66 -30.58 -29.95
C ALA C 348 4.27 -31.76 -29.06
N THR C 349 5.21 -32.28 -28.28
CA THR C 349 4.87 -33.43 -27.47
C THR C 349 5.28 -33.49 -26.00
N ASP C 350 4.44 -34.20 -25.27
CA ASP C 350 4.57 -34.45 -23.85
C ASP C 350 5.81 -35.27 -23.56
N LEU C 351 6.38 -35.07 -22.38
CA LEU C 351 7.55 -35.84 -21.96
C LEU C 351 8.70 -35.86 -22.95
N GLU C 352 9.04 -34.70 -23.49
CA GLU C 352 10.13 -34.63 -24.46
C GLU C 352 9.82 -35.58 -25.59
N GLY C 353 8.78 -35.25 -26.35
CA GLY C 353 8.38 -36.05 -27.49
C GLY C 353 7.76 -37.40 -27.20
N ALA C 354 7.64 -37.77 -25.94
CA ALA C 354 7.08 -39.06 -25.57
C ALA C 354 5.57 -39.17 -25.34
N GLY C 355 5.00 -38.18 -24.67
CA GLY C 355 3.58 -38.23 -24.37
C GLY C 355 2.56 -38.00 -25.45
N LEU C 356 1.82 -36.91 -25.30
CA LEU C 356 0.76 -36.56 -26.22
C LEU C 356 1.22 -35.47 -27.16
N SER C 357 0.57 -35.37 -28.32
CA SER C 357 0.97 -34.39 -29.31
C SER C 357 -0.19 -33.59 -29.91
N VAL C 358 0.16 -32.48 -30.56
CA VAL C 358 -0.81 -31.59 -31.17
C VAL C 358 -0.24 -30.93 -32.42
N GLU C 359 -1.08 -30.20 -33.17
CA GLU C 359 -0.59 -29.54 -34.36
C GLU C 359 -0.81 -28.07 -34.43
N GLY C 360 0.02 -27.49 -35.29
CA GLY C 360 -0.02 -26.09 -35.55
C GLY C 360 0.13 -25.93 -37.05
N LYS C 361 0.50 -24.72 -37.45
CA LYS C 361 0.70 -24.40 -38.83
C LYS C 361 1.51 -23.13 -38.85
N ALA C 362 2.59 -23.15 -39.64
CA ALA C 362 3.48 -22.02 -39.80
C ALA C 362 3.59 -21.82 -41.29
N ILE C 363 3.52 -20.58 -41.74
CA ILE C 363 3.58 -20.28 -43.16
C ILE C 363 4.66 -19.27 -43.48
N ILE C 364 5.52 -19.65 -44.41
CA ILE C 364 6.64 -18.82 -44.77
C ILE C 364 6.60 -18.25 -46.18
N GLN C 365 6.72 -16.94 -46.26
CA GLN C 365 6.77 -16.27 -47.54
C GLN C 365 8.25 -16.02 -47.80
N ILE C 366 8.60 -15.98 -49.08
CA ILE C 366 9.97 -15.79 -49.51
C ILE C 366 10.25 -14.43 -50.16
N THR C 367 11.03 -13.58 -49.47
CA THR C 367 11.38 -12.26 -49.98
C THR C 367 11.95 -12.40 -51.40
N ASP C 368 12.26 -11.29 -52.07
CA ASP C 368 12.76 -11.38 -53.44
C ASP C 368 14.25 -11.14 -53.57
N ALA C 369 14.81 -11.63 -54.67
CA ALA C 369 16.22 -11.47 -54.97
C ALA C 369 16.37 -11.14 -56.45
N ASN C 370 17.49 -10.52 -56.80
CA ASN C 370 17.79 -10.13 -58.17
C ASN C 370 18.33 -11.35 -58.95
N ASP C 371 17.57 -12.43 -58.88
CA ASP C 371 17.94 -13.65 -59.56
C ASP C 371 17.92 -13.37 -61.05
N ASN C 372 17.06 -12.47 -61.49
CA ASN C 372 16.94 -12.24 -62.93
C ASN C 372 17.50 -10.99 -63.58
N ALA C 373 17.86 -11.16 -64.84
CA ALA C 373 18.38 -10.08 -65.67
C ALA C 373 17.26 -9.63 -66.62
N PRO C 374 17.41 -8.46 -67.22
CA PRO C 374 16.40 -7.93 -68.15
C PRO C 374 16.54 -8.52 -69.58
N ILE C 375 15.43 -8.79 -70.25
CA ILE C 375 15.45 -9.34 -71.61
C ILE C 375 14.56 -8.57 -72.62
N PHE C 376 15.17 -8.05 -73.69
CA PHE C 376 14.51 -7.24 -74.74
C PHE C 376 13.34 -7.70 -75.59
N ASP C 377 12.08 -7.19 -75.67
CA ASP C 377 11.57 -8.06 -76.71
C ASP C 377 11.89 -8.04 -78.25
N PRO C 378 12.67 -7.04 -78.67
CA PRO C 378 12.96 -7.32 -80.10
C PRO C 378 14.41 -7.43 -79.70
N LYS C 379 15.28 -7.85 -80.60
CA LYS C 379 16.74 -7.90 -80.31
C LYS C 379 17.41 -6.89 -81.24
N THR C 380 16.77 -6.67 -82.39
CA THR C 380 17.22 -5.74 -83.42
C THR C 380 16.04 -4.91 -84.03
N TYR C 381 16.06 -3.59 -83.86
CA TYR C 381 15.00 -2.70 -84.38
C TYR C 381 15.46 -1.83 -85.55
N THR C 382 14.53 -1.02 -86.09
CA THR C 382 14.85 -0.04 -87.14
C THR C 382 13.88 1.15 -87.16
N ALA C 383 14.36 2.32 -87.54
CA ALA C 383 13.49 3.48 -87.57
C ALA C 383 14.07 4.44 -88.56
N LEU C 384 13.24 5.35 -89.03
CA LEU C 384 13.64 6.37 -90.00
C LEU C 384 13.71 7.72 -89.33
N VAL C 385 14.49 8.63 -89.90
CA VAL C 385 14.62 9.95 -89.31
C VAL C 385 14.99 11.05 -90.28
N PRO C 386 14.61 12.28 -89.95
CA PRO C 386 14.80 13.59 -90.60
C PRO C 386 15.95 14.39 -90.02
N GLU C 387 16.65 15.06 -90.92
CA GLU C 387 17.81 15.87 -90.64
C GLU C 387 17.70 16.99 -89.60
N ASN C 388 16.77 17.93 -89.82
CA ASN C 388 16.71 19.13 -89.00
C ASN C 388 15.51 19.95 -88.45
N GLU C 389 14.91 19.62 -87.32
CA GLU C 389 13.87 20.52 -86.74
C GLU C 389 14.54 20.48 -85.41
N ILE C 390 14.67 19.17 -85.18
CA ILE C 390 15.14 18.28 -84.17
C ILE C 390 16.05 18.13 -82.95
N GLY C 391 15.40 17.25 -82.19
CA GLY C 391 15.72 16.68 -80.90
C GLY C 391 14.39 15.92 -80.96
N PHE C 392 14.41 14.63 -81.29
CA PHE C 392 13.13 13.92 -81.45
C PHE C 392 13.15 12.38 -81.31
N GLU C 393 12.03 11.84 -80.83
CA GLU C 393 11.82 10.40 -80.60
C GLU C 393 11.97 9.45 -81.78
N VAL C 394 13.04 8.67 -81.79
CA VAL C 394 13.30 7.72 -82.87
C VAL C 394 12.49 6.42 -82.78
N GLN C 395 12.72 5.65 -81.72
CA GLN C 395 12.03 4.39 -81.51
C GLN C 395 12.00 4.05 -80.03
N ARG C 396 11.00 3.27 -79.62
CA ARG C 396 10.87 2.83 -78.24
C ARG C 396 11.23 1.35 -78.18
N LEU C 397 11.67 0.88 -77.01
CA LEU C 397 12.06 -0.52 -76.88
C LEU C 397 11.37 -1.29 -75.76
N SER C 398 11.22 -2.60 -75.93
CA SER C 398 10.54 -3.47 -74.97
C SER C 398 11.46 -4.50 -74.31
N VAL C 399 11.13 -4.85 -73.05
CA VAL C 399 11.93 -5.80 -72.26
C VAL C 399 11.13 -6.48 -71.12
N THR C 400 11.70 -7.54 -70.54
CA THR C 400 11.05 -8.23 -69.42
C THR C 400 11.97 -8.87 -68.38
N ASP C 401 12.18 -8.16 -67.26
CA ASP C 401 12.97 -8.63 -66.12
C ASP C 401 11.90 -9.40 -65.37
N LEU C 402 12.29 -10.38 -64.57
CA LEU C 402 11.28 -11.17 -63.86
C LEU C 402 11.16 -11.06 -62.35
N ASP C 403 12.03 -10.27 -61.74
CA ASP C 403 11.93 -10.13 -60.29
C ASP C 403 10.71 -9.23 -59.99
N MET C 404 10.61 -8.67 -58.80
CA MET C 404 9.44 -7.84 -58.39
C MET C 404 9.27 -6.40 -58.91
N PRO C 405 8.25 -6.18 -59.77
CA PRO C 405 7.80 -4.96 -60.46
C PRO C 405 8.10 -3.55 -59.96
N GLY C 406 7.49 -3.11 -58.87
CA GLY C 406 7.79 -1.76 -58.43
C GLY C 406 9.21 -1.60 -57.91
N THR C 407 9.97 -2.68 -58.00
CA THR C 407 11.35 -2.74 -57.49
C THR C 407 12.51 -2.50 -58.43
N PRO C 408 13.62 -1.95 -57.87
CA PRO C 408 14.90 -1.61 -58.51
C PRO C 408 15.57 -2.85 -59.12
N ALA C 409 14.92 -3.99 -59.00
CA ALA C 409 15.40 -5.23 -59.56
C ALA C 409 14.48 -5.43 -60.76
N TRP C 410 13.76 -4.37 -61.11
CA TRP C 410 12.83 -4.40 -62.21
C TRP C 410 12.92 -3.11 -63.04
N GLN C 411 13.65 -2.11 -62.56
CA GLN C 411 13.80 -0.87 -63.32
C GLN C 411 15.04 -0.97 -64.21
N ALA C 412 14.82 -0.68 -65.49
CA ALA C 412 15.86 -0.74 -66.53
C ALA C 412 16.70 0.52 -66.62
N VAL C 413 17.98 0.33 -66.93
CA VAL C 413 18.92 1.43 -67.11
C VAL C 413 19.65 1.14 -68.40
N TYR C 414 19.72 2.13 -69.28
CA TYR C 414 20.40 1.91 -70.54
C TYR C 414 21.67 2.70 -70.79
N LYS C 415 22.06 2.69 -72.06
CA LYS C 415 23.24 3.37 -72.53
C LYS C 415 23.64 2.77 -73.85
N ILE C 416 24.18 3.60 -74.72
CA ILE C 416 24.65 3.16 -76.02
C ILE C 416 26.07 2.76 -75.74
N ARG C 417 26.65 1.96 -76.62
CA ARG C 417 28.03 1.57 -76.42
C ARG C 417 28.92 2.72 -76.96
N VAL C 418 28.69 3.09 -78.21
CA VAL C 418 29.46 4.15 -78.86
C VAL C 418 28.55 5.24 -79.43
N ASN C 419 28.77 6.48 -79.00
CA ASN C 419 27.98 7.64 -79.47
C ASN C 419 28.78 8.41 -80.52
N GLU C 420 28.63 8.02 -81.79
CA GLU C 420 29.34 8.64 -82.92
C GLU C 420 29.78 10.09 -82.78
N GLY C 421 28.82 11.00 -82.79
CA GLY C 421 29.14 12.40 -82.64
C GLY C 421 28.49 12.77 -81.32
N GLY C 422 28.13 11.73 -80.59
CA GLY C 422 27.50 11.96 -79.31
C GLY C 422 26.21 12.68 -79.54
N PHE C 423 25.47 12.23 -80.55
CA PHE C 423 24.21 12.86 -80.83
C PHE C 423 23.01 12.01 -80.51
N PHE C 424 23.03 11.37 -79.34
CA PHE C 424 21.93 10.54 -78.93
C PHE C 424 21.79 10.44 -77.46
N ASN C 425 20.54 10.49 -77.04
CA ASN C 425 20.25 10.34 -75.65
C ASN C 425 19.15 9.32 -75.49
N ILE C 426 19.13 8.60 -74.40
CA ILE C 426 18.09 7.60 -74.20
C ILE C 426 17.68 7.57 -72.75
N THR C 427 16.37 7.65 -72.54
CA THR C 427 15.88 7.63 -71.20
C THR C 427 15.08 6.36 -71.01
N THR C 428 14.65 6.16 -69.77
CA THR C 428 13.92 5.00 -69.34
C THR C 428 12.55 5.47 -68.85
N ASP C 429 11.54 4.60 -68.84
CA ASP C 429 10.21 5.03 -68.39
C ASP C 429 9.39 4.02 -67.61
N PRO C 430 8.88 4.40 -66.43
CA PRO C 430 8.07 3.50 -65.59
C PRO C 430 6.72 3.10 -66.21
N GLU C 431 6.78 2.50 -67.41
CA GLU C 431 5.59 2.03 -68.10
C GLU C 431 5.76 0.52 -68.12
N SER C 432 6.62 0.03 -69.00
CA SER C 432 6.98 -1.37 -69.06
C SER C 432 8.44 -1.04 -69.21
N ASN C 433 8.81 0.01 -68.48
CA ASN C 433 10.13 0.62 -68.46
C ASN C 433 10.85 0.34 -69.76
N GLN C 434 10.18 0.78 -70.82
CA GLN C 434 10.67 0.64 -72.18
C GLN C 434 11.85 1.56 -72.35
N GLY C 435 12.64 1.29 -73.38
CA GLY C 435 13.79 2.10 -73.69
C GLY C 435 13.36 3.13 -74.72
N ILE C 436 13.39 4.40 -74.33
CA ILE C 436 12.97 5.45 -75.22
C ILE C 436 14.19 6.22 -75.73
N LEU C 437 14.52 6.00 -77.00
CA LEU C 437 15.69 6.63 -77.63
C LEU C 437 15.30 7.90 -78.39
N THR C 438 16.20 8.88 -78.41
CA THR C 438 15.97 10.13 -79.12
C THR C 438 17.24 10.73 -79.70
N THR C 439 17.07 11.85 -80.41
CA THR C 439 18.17 12.57 -81.04
C THR C 439 18.69 13.65 -80.13
N ALA C 440 20.00 13.62 -79.91
CA ALA C 440 20.64 14.61 -79.05
C ALA C 440 20.77 15.98 -79.73
N LYS C 441 21.39 16.03 -80.90
CA LYS C 441 21.56 17.31 -81.56
C LYS C 441 21.27 17.36 -83.05
N GLY C 442 20.01 17.18 -83.43
CA GLY C 442 19.64 17.19 -84.83
C GLY C 442 20.63 16.39 -85.63
N LEU C 443 20.42 16.24 -86.92
CA LEU C 443 21.40 15.52 -87.68
C LEU C 443 21.68 16.47 -88.80
N ASP C 444 22.11 15.97 -89.93
CA ASP C 444 22.42 16.91 -90.95
C ASP C 444 22.57 16.16 -92.19
N PHE C 445 21.89 15.06 -92.46
CA PHE C 445 22.47 14.69 -93.68
C PHE C 445 22.31 13.89 -94.88
N GLU C 446 23.39 14.28 -95.54
CA GLU C 446 23.95 13.95 -96.79
C GLU C 446 25.33 13.43 -96.36
N LEU C 447 25.58 13.32 -95.07
CA LEU C 447 26.88 12.82 -94.60
C LEU C 447 26.80 11.34 -94.26
N ARG C 448 25.70 10.92 -93.63
CA ARG C 448 25.50 9.52 -93.24
C ARG C 448 24.03 9.11 -93.32
N LYS C 449 23.82 7.84 -93.66
CA LYS C 449 22.48 7.29 -93.75
C LYS C 449 22.38 6.14 -92.75
N GLN C 450 23.52 5.53 -92.45
CA GLN C 450 23.53 4.42 -91.53
C GLN C 450 23.99 4.66 -90.11
N TYR C 451 23.33 3.94 -89.21
CA TYR C 451 23.61 4.00 -87.80
C TYR C 451 23.39 2.65 -87.12
N VAL C 452 24.51 2.00 -86.82
CA VAL C 452 24.52 0.72 -86.15
C VAL C 452 25.07 0.96 -84.76
N LEU C 453 24.17 0.93 -83.78
CA LEU C 453 24.56 1.15 -82.39
C LEU C 453 23.90 0.11 -81.50
N GLN C 454 24.48 -0.10 -80.32
CA GLN C 454 23.96 -1.10 -79.39
C GLN C 454 23.71 -0.54 -77.98
N ILE C 455 22.63 -1.00 -77.36
CA ILE C 455 22.29 -0.58 -76.02
C ILE C 455 22.11 -1.77 -75.09
N THR C 456 22.84 -1.72 -73.98
CA THR C 456 22.76 -2.76 -72.99
C THR C 456 21.80 -2.27 -71.91
N VAL C 457 21.20 -3.21 -71.19
CA VAL C 457 20.26 -2.88 -70.14
C VAL C 457 20.57 -3.57 -68.82
N GLU C 458 20.57 -2.78 -67.76
CA GLU C 458 20.82 -3.27 -66.41
C GLU C 458 19.63 -2.92 -65.53
N ASN C 459 19.80 -3.18 -64.24
CA ASN C 459 18.80 -2.85 -63.23
C ASN C 459 19.49 -1.74 -62.48
N ALA C 460 18.78 -1.13 -61.54
CA ALA C 460 19.37 -0.04 -60.74
C ALA C 460 20.37 -0.62 -59.73
N GLU C 461 19.98 -1.71 -59.07
CA GLU C 461 20.82 -2.37 -58.08
C GLU C 461 21.56 -3.56 -58.72
N PRO C 462 22.83 -3.80 -58.30
CA PRO C 462 23.68 -4.88 -58.81
C PRO C 462 22.98 -6.23 -58.80
N PHE C 463 23.62 -7.26 -59.35
CA PHE C 463 23.02 -8.57 -59.36
C PHE C 463 23.54 -9.52 -58.31
N SER C 464 22.60 -10.28 -57.82
CA SER C 464 22.81 -11.28 -56.81
C SER C 464 23.40 -12.54 -57.41
N VAL C 465 23.95 -12.43 -58.62
CA VAL C 465 24.53 -13.58 -59.31
C VAL C 465 25.13 -13.18 -60.66
N PRO C 466 26.12 -13.93 -61.17
CA PRO C 466 26.67 -13.54 -62.47
C PRO C 466 25.54 -13.77 -63.44
N LEU C 467 25.39 -12.90 -64.41
CA LEU C 467 24.29 -13.07 -65.33
C LEU C 467 24.70 -12.57 -66.68
N PRO C 468 23.89 -12.86 -67.70
CA PRO C 468 24.23 -12.39 -69.04
C PRO C 468 23.64 -11.00 -69.32
N THR C 469 24.52 -10.07 -69.70
CA THR C 469 24.10 -8.69 -70.02
C THR C 469 23.53 -8.73 -71.42
N SER C 470 22.27 -8.32 -71.63
CA SER C 470 21.83 -8.39 -73.00
C SER C 470 21.46 -7.15 -73.76
N THR C 471 22.22 -6.94 -74.83
CA THR C 471 22.15 -5.85 -75.78
C THR C 471 21.12 -5.94 -76.86
N ALA C 472 20.84 -4.76 -77.37
CA ALA C 472 19.89 -4.62 -78.45
C ALA C 472 20.66 -3.88 -79.53
N THR C 473 20.69 -4.46 -80.72
CA THR C 473 21.39 -3.88 -81.87
C THR C 473 20.40 -3.13 -82.78
N VAL C 474 20.65 -1.83 -83.05
CA VAL C 474 19.72 -1.03 -83.86
C VAL C 474 20.20 -0.16 -85.03
N THR C 475 19.37 -0.18 -86.07
CA THR C 475 19.61 0.53 -87.32
C THR C 475 18.76 1.70 -87.71
N VAL C 476 19.45 2.81 -87.97
CA VAL C 476 18.78 4.04 -88.31
C VAL C 476 19.04 4.56 -89.71
N THR C 477 18.02 5.21 -90.26
CA THR C 477 18.09 5.79 -91.60
C THR C 477 17.57 7.23 -91.61
N VAL C 478 18.39 8.13 -92.13
CA VAL C 478 18.05 9.55 -92.18
C VAL C 478 17.35 10.00 -93.46
N GLU C 479 16.09 10.41 -93.34
CA GLU C 479 15.29 10.91 -94.47
C GLU C 479 15.88 12.25 -94.89
N ASP C 480 15.61 12.68 -96.11
CA ASP C 480 16.17 13.94 -96.54
C ASP C 480 15.22 15.12 -96.65
N VAL C 481 15.73 16.27 -96.26
CA VAL C 481 15.03 17.52 -96.35
C VAL C 481 15.99 18.31 -97.17
N ASN C 482 15.43 19.16 -98.00
CA ASN C 482 16.21 19.90 -98.95
C ASN C 482 16.34 21.37 -98.57
N GLU C 483 17.58 21.85 -98.46
CA GLU C 483 17.84 23.24 -98.07
C GLU C 483 18.13 24.30 -99.13
N ALA C 484 17.99 25.54 -98.69
CA ALA C 484 18.20 26.71 -99.52
C ALA C 484 19.60 26.82 -100.10
N PRO C 485 19.72 27.45 -101.27
CA PRO C 485 20.99 27.64 -101.96
C PRO C 485 21.65 28.90 -101.39
N PHE C 486 22.86 29.19 -101.83
CA PHE C 486 23.56 30.36 -101.35
C PHE C 486 24.53 30.89 -102.40
N PHE C 487 24.60 32.22 -102.54
CA PHE C 487 25.56 32.78 -103.49
C PHE C 487 26.81 32.38 -102.75
N VAL C 488 27.94 32.32 -103.43
CA VAL C 488 29.11 31.95 -102.67
C VAL C 488 29.44 33.10 -101.73
N PRO C 489 30.22 34.11 -102.17
CA PRO C 489 30.48 35.14 -101.19
C PRO C 489 29.40 36.17 -101.02
N ALA C 490 29.88 37.26 -100.45
CA ALA C 490 29.12 38.42 -100.14
C ALA C 490 30.15 39.36 -100.66
N VAL C 491 29.92 39.71 -101.91
CA VAL C 491 30.83 40.45 -102.77
C VAL C 491 31.21 41.94 -102.83
N SER C 492 32.49 42.18 -102.57
CA SER C 492 33.15 43.49 -102.65
C SER C 492 33.80 43.13 -103.97
N ARG C 493 33.06 43.21 -105.05
CA ARG C 493 33.65 42.75 -106.28
C ARG C 493 34.19 43.73 -107.28
N VAL C 494 33.25 44.37 -107.95
CA VAL C 494 33.54 45.24 -109.06
C VAL C 494 34.02 46.67 -108.93
N ASP C 495 35.33 46.87 -108.93
CA ASP C 495 35.88 48.21 -108.91
C ASP C 495 35.60 48.63 -110.36
N VAL C 496 34.44 49.25 -110.59
CA VAL C 496 34.01 49.67 -111.94
C VAL C 496 33.81 51.19 -112.05
N SER C 497 34.13 51.74 -113.21
CA SER C 497 34.00 53.18 -113.42
C SER C 497 32.61 53.66 -113.83
N GLU C 498 32.40 54.96 -113.65
CA GLU C 498 31.15 55.65 -113.93
C GLU C 498 30.71 55.67 -115.40
N ASP C 499 31.66 55.54 -116.32
CA ASP C 499 31.41 55.56 -117.77
C ASP C 499 30.78 54.27 -118.32
N LEU C 500 30.41 53.33 -117.46
CA LEU C 500 29.86 52.09 -117.98
C LEU C 500 28.62 52.25 -118.84
N SER C 501 28.65 51.50 -119.93
CA SER C 501 27.61 51.44 -120.94
C SER C 501 26.38 50.65 -120.50
N ARG C 502 25.27 51.36 -120.34
CA ARG C 502 23.99 50.79 -119.93
C ARG C 502 23.66 49.46 -120.61
N GLY C 503 24.08 48.38 -119.95
CA GLY C 503 23.86 47.04 -120.47
C GLY C 503 25.18 46.34 -120.67
N GLU C 504 26.02 46.37 -119.63
CA GLU C 504 27.34 45.74 -119.71
C GLU C 504 27.67 44.83 -118.52
N LYS C 505 28.38 43.75 -118.82
CA LYS C 505 28.77 42.75 -117.82
C LYS C 505 29.56 43.32 -116.64
N ILE C 506 28.96 43.24 -115.45
CA ILE C 506 29.62 43.71 -114.23
C ILE C 506 30.12 42.51 -113.44
N ILE C 507 29.16 41.73 -112.96
CA ILE C 507 29.48 40.56 -112.16
C ILE C 507 28.75 39.32 -112.58
N SER C 508 29.46 38.44 -113.28
CA SER C 508 28.91 37.18 -113.70
C SER C 508 29.07 36.38 -112.42
N LEU C 509 27.97 36.11 -111.74
CA LEU C 509 28.03 35.37 -110.48
C LEU C 509 27.32 34.02 -110.48
N VAL C 510 27.60 33.25 -109.42
CA VAL C 510 27.00 31.92 -109.21
C VAL C 510 26.72 31.68 -107.75
N ALA C 511 25.75 30.82 -107.50
CA ALA C 511 25.36 30.45 -106.15
C ALA C 511 25.39 28.92 -106.11
N GLN C 512 25.49 28.36 -104.91
CA GLN C 512 25.50 26.91 -104.75
C GLN C 512 24.37 26.44 -103.83
N ASP C 513 23.91 25.21 -104.06
CA ASP C 513 22.86 24.59 -103.24
C ASP C 513 23.34 23.23 -102.76
N PRO C 514 23.17 22.97 -101.45
CA PRO C 514 23.55 21.75 -100.71
C PRO C 514 23.18 20.37 -101.24
N ASP C 515 21.92 20.00 -101.08
CA ASP C 515 21.40 18.70 -101.49
C ASP C 515 21.88 18.06 -102.79
N LYS C 516 22.82 17.11 -102.69
CA LYS C 516 23.23 16.41 -103.91
C LYS C 516 22.09 15.42 -104.08
N GLN C 517 21.08 15.92 -104.77
CA GLN C 517 19.84 15.25 -105.09
C GLN C 517 19.59 16.23 -106.21
N GLN C 518 20.57 17.15 -106.27
CA GLN C 518 20.63 18.27 -107.19
C GLN C 518 20.12 17.97 -108.59
N ILE C 519 18.83 18.26 -108.72
CA ILE C 519 18.01 18.13 -109.91
C ILE C 519 16.88 18.99 -109.39
N GLN C 520 17.25 20.25 -109.22
CA GLN C 520 16.40 21.29 -108.67
C GLN C 520 17.13 22.58 -109.04
N LYS C 521 16.60 23.38 -109.94
CA LYS C 521 17.32 24.61 -110.08
C LYS C 521 16.56 25.74 -109.46
N LEU C 522 17.22 26.87 -109.52
CA LEU C 522 16.73 28.07 -108.92
C LEU C 522 16.67 29.25 -109.87
N SER C 523 16.14 30.34 -109.33
CA SER C 523 16.04 31.56 -110.09
C SER C 523 16.66 32.73 -109.32
N TYR C 524 17.48 33.51 -110.03
CA TYR C 524 18.16 34.64 -109.44
C TYR C 524 17.33 35.93 -109.52
N PHE C 525 17.04 36.47 -108.34
CA PHE C 525 16.27 37.70 -108.22
C PHE C 525 17.13 38.71 -107.48
N ILE C 526 16.94 39.99 -107.78
CA ILE C 526 17.71 40.97 -107.05
C ILE C 526 16.81 41.44 -105.94
N GLY C 527 17.25 42.40 -105.15
CA GLY C 527 16.42 42.83 -104.06
C GLY C 527 16.71 44.13 -103.34
N ASN C 528 17.86 44.29 -102.69
CA ASN C 528 18.02 45.56 -101.98
C ASN C 528 17.97 46.77 -102.86
N ASP C 529 18.15 47.99 -102.33
CA ASP C 529 17.83 49.02 -103.29
C ASP C 529 17.99 50.51 -103.57
N PRO C 530 18.79 51.35 -102.84
CA PRO C 530 18.53 52.59 -103.59
C PRO C 530 18.50 52.45 -105.13
N ALA C 531 17.94 53.45 -105.81
CA ALA C 531 17.60 53.25 -107.20
C ALA C 531 18.28 52.71 -108.45
N ARG C 532 17.35 51.97 -109.04
CA ARG C 532 17.34 51.20 -110.26
C ARG C 532 18.33 51.46 -111.36
N TRP C 533 19.34 50.58 -111.40
CA TRP C 533 20.40 50.63 -112.40
C TRP C 533 20.52 49.26 -113.01
N LEU C 534 21.16 48.43 -112.20
CA LEU C 534 21.51 47.06 -112.44
C LEU C 534 20.44 46.07 -112.84
N THR C 535 20.87 45.02 -113.54
CA THR C 535 19.96 43.96 -113.89
C THR C 535 20.52 42.57 -114.16
N VAL C 536 19.73 41.65 -113.65
CA VAL C 536 19.95 40.23 -113.63
C VAL C 536 19.19 39.33 -114.57
N ASN C 537 19.89 38.33 -115.05
CA ASN C 537 19.31 37.30 -115.88
C ASN C 537 18.99 36.36 -114.73
N LYS C 538 17.71 36.04 -114.55
CA LYS C 538 17.29 35.16 -113.45
C LYS C 538 17.65 33.67 -113.58
N ASP C 539 17.77 33.19 -114.80
CA ASP C 539 18.08 31.77 -115.03
C ASP C 539 19.55 31.54 -115.33
N ASN C 540 20.37 32.52 -115.01
CA ASN C 540 21.81 32.41 -115.28
C ASN C 540 22.62 33.35 -114.40
N GLY C 541 21.95 33.97 -113.44
CA GLY C 541 22.63 34.88 -112.54
C GLY C 541 23.72 35.70 -113.20
N ILE C 542 23.31 36.68 -113.98
CA ILE C 542 24.26 37.56 -114.64
C ILE C 542 23.89 38.99 -114.29
N VAL C 543 24.78 39.67 -113.60
CA VAL C 543 24.51 41.04 -113.23
C VAL C 543 25.17 41.97 -114.22
N THR C 544 24.32 42.68 -114.95
CA THR C 544 24.75 43.64 -115.96
C THR C 544 24.51 45.02 -115.37
N GLY C 545 24.96 46.04 -116.08
CA GLY C 545 24.77 47.38 -115.58
C GLY C 545 23.99 48.27 -116.52
N ASN C 546 22.74 48.50 -116.20
CA ASN C 546 21.91 49.37 -117.02
C ASN C 546 21.96 50.72 -116.30
N GLY C 547 21.59 51.78 -117.00
CA GLY C 547 21.56 53.10 -116.38
C GLY C 547 22.75 54.01 -116.38
N ASN C 548 22.48 55.19 -115.85
CA ASN C 548 23.47 56.24 -115.72
C ASN C 548 23.80 56.23 -114.26
N LEU C 549 25.09 56.19 -114.00
CA LEU C 549 25.58 56.18 -112.65
C LEU C 549 26.31 57.49 -112.56
N ASP C 550 26.88 57.77 -111.39
CA ASP C 550 27.60 59.00 -111.18
C ASP C 550 28.23 58.92 -109.80
N ARG C 551 29.51 58.55 -109.78
CA ARG C 551 30.24 58.41 -108.54
C ARG C 551 30.00 59.63 -107.69
N GLU C 552 29.91 60.76 -108.38
CA GLU C 552 29.74 62.01 -107.72
C GLU C 552 28.67 62.26 -106.73
N SER C 553 27.58 61.50 -106.62
CA SER C 553 26.74 62.13 -105.63
C SER C 553 25.72 61.83 -104.61
N GLU C 554 24.86 60.86 -104.69
CA GLU C 554 23.98 61.04 -103.59
C GLU C 554 23.86 60.05 -102.53
N TYR C 555 23.67 58.83 -102.99
CA TYR C 555 23.53 57.69 -102.14
C TYR C 555 24.95 57.36 -101.76
N VAL C 556 25.83 57.37 -102.74
CA VAL C 556 27.21 57.04 -102.49
C VAL C 556 27.64 57.79 -101.24
N LYS C 557 28.09 57.04 -100.24
CA LYS C 557 28.52 57.58 -98.95
C LYS C 557 30.03 57.55 -98.89
N ASN C 558 30.62 56.49 -98.36
CA ASN C 558 32.07 56.48 -98.44
C ASN C 558 32.13 56.10 -99.89
N ASN C 559 33.30 55.81 -100.44
CA ASN C 559 33.36 55.48 -101.86
C ASN C 559 32.40 54.36 -102.33
N THR C 560 31.45 53.96 -101.49
CA THR C 560 30.50 52.87 -101.77
C THR C 560 29.17 53.02 -102.50
N TYR C 561 28.55 51.85 -102.60
CA TYR C 561 27.23 51.58 -103.11
C TYR C 561 27.07 50.11 -102.83
N THR C 562 26.26 49.80 -101.84
CA THR C 562 26.04 48.43 -101.41
C THR C 562 24.64 48.01 -101.79
N VAL C 563 24.56 46.78 -102.29
CA VAL C 563 23.30 46.24 -102.73
C VAL C 563 23.23 44.77 -102.36
N ILE C 564 22.03 44.32 -102.01
CA ILE C 564 21.84 42.92 -101.65
C ILE C 564 20.90 42.29 -102.66
N MET C 565 21.05 40.99 -102.87
CA MET C 565 20.21 40.27 -103.83
C MET C 565 19.80 38.91 -103.34
N LEU C 566 18.91 38.26 -104.08
CA LEU C 566 18.41 36.94 -103.70
C LEU C 566 18.52 35.84 -104.76
N VAL C 567 18.18 34.62 -104.35
CA VAL C 567 18.19 33.45 -105.20
C VAL C 567 17.23 32.43 -104.57
N THR C 568 16.46 31.72 -105.39
CA THR C 568 15.48 30.77 -104.84
C THR C 568 15.56 29.30 -105.26
N ASP C 569 15.44 28.43 -104.26
CA ASP C 569 15.48 26.99 -104.44
C ASP C 569 14.14 26.42 -104.92
N ASP C 570 14.08 26.11 -106.20
CA ASP C 570 12.87 25.54 -106.79
C ASP C 570 13.29 24.20 -107.38
N GLY C 571 12.51 23.66 -108.30
CA GLY C 571 12.87 22.39 -108.89
C GLY C 571 12.04 21.36 -108.16
N VAL C 572 12.07 21.44 -106.82
CA VAL C 572 11.28 20.53 -106.01
C VAL C 572 10.63 21.07 -104.70
N SER C 573 11.07 22.21 -104.15
CA SER C 573 10.38 22.75 -102.97
C SER C 573 10.44 24.24 -102.56
N VAL C 574 11.49 24.72 -101.89
CA VAL C 574 11.56 26.16 -101.47
C VAL C 574 12.97 26.66 -101.16
N GLY C 575 13.17 27.99 -101.15
CA GLY C 575 14.48 28.53 -100.80
C GLY C 575 14.82 30.00 -100.97
N THR C 576 15.73 30.48 -100.12
CA THR C 576 16.20 31.85 -100.12
C THR C 576 17.65 32.01 -99.88
N GLY C 577 18.22 33.03 -100.49
CA GLY C 577 19.64 33.27 -100.33
C GLY C 577 20.02 34.71 -100.23
N THR C 578 20.25 35.18 -99.02
CA THR C 578 20.63 36.57 -98.90
C THR C 578 22.08 36.89 -98.93
N GLY C 579 22.42 37.55 -100.01
CA GLY C 579 23.78 37.94 -100.26
C GLY C 579 23.98 39.40 -100.57
N THR C 580 24.87 40.01 -99.81
CA THR C 580 25.21 41.41 -99.97
C THR C 580 26.21 41.56 -101.06
N LEU C 581 26.21 42.75 -101.62
CA LEU C 581 27.09 43.09 -102.70
C LEU C 581 27.54 44.55 -102.69
N ILE C 582 28.81 44.75 -102.40
CA ILE C 582 29.41 46.07 -102.41
C ILE C 582 30.21 46.16 -103.70
N LEU C 583 30.00 47.25 -104.46
CA LEU C 583 30.72 47.44 -105.72
C LEU C 583 31.44 48.78 -105.71
N HIS C 584 32.75 48.72 -105.90
CA HIS C 584 33.58 49.91 -105.91
C HIS C 584 33.33 50.81 -107.12
N VAL C 585 32.70 51.96 -106.91
CA VAL C 585 32.44 52.88 -108.01
C VAL C 585 33.73 53.67 -108.23
N LEU C 586 33.88 54.29 -109.40
CA LEU C 586 35.13 55.01 -109.69
C LEU C 586 35.04 56.44 -110.17
N ASP C 587 36.19 57.12 -110.18
CA ASP C 587 36.12 58.48 -110.64
C ASP C 587 36.58 58.89 -112.02
N VAL C 588 35.73 59.80 -112.48
CA VAL C 588 35.72 60.47 -113.76
C VAL C 588 35.70 61.97 -113.38
N ASN C 589 36.23 62.82 -114.25
CA ASN C 589 36.19 64.25 -113.95
C ASN C 589 34.95 64.79 -114.66
N ASP C 590 33.83 64.80 -113.96
CA ASP C 590 32.57 65.31 -114.51
C ASP C 590 32.58 66.82 -114.47
N ASN C 591 32.10 67.33 -113.35
CA ASN C 591 31.97 68.75 -113.10
C ASN C 591 33.26 69.55 -113.25
N GLY C 592 33.10 70.87 -113.08
CA GLY C 592 34.20 71.80 -113.17
C GLY C 592 34.04 72.85 -112.08
N PRO C 593 35.09 73.62 -111.77
CA PRO C 593 35.17 74.69 -110.77
C PRO C 593 33.99 75.68 -110.62
N VAL C 594 33.76 76.15 -109.38
CA VAL C 594 32.68 77.08 -109.09
C VAL C 594 32.94 78.00 -107.87
N PRO C 595 32.56 79.29 -107.96
CA PRO C 595 32.71 80.33 -106.93
C PRO C 595 31.85 80.13 -105.67
N SER C 596 32.44 80.41 -104.51
CA SER C 596 31.75 80.25 -103.23
C SER C 596 30.58 81.20 -103.03
N PRO C 597 30.84 82.49 -102.76
CA PRO C 597 29.69 83.36 -102.58
C PRO C 597 29.19 83.82 -103.95
N ARG C 598 27.88 83.93 -104.11
CA ARG C 598 27.34 84.37 -105.40
C ARG C 598 26.80 85.79 -105.42
N VAL C 599 26.73 86.44 -104.26
CA VAL C 599 26.26 87.82 -104.21
C VAL C 599 27.06 88.66 -103.24
N PHE C 600 27.56 89.79 -103.73
CA PHE C 600 28.36 90.68 -102.91
C PHE C 600 27.56 91.84 -102.39
N THR C 601 28.32 92.70 -101.74
CA THR C 601 27.85 93.93 -101.15
C THR C 601 29.13 94.75 -101.22
N MET C 602 29.37 95.36 -102.37
CA MET C 602 30.56 96.17 -102.55
C MET C 602 30.32 97.54 -101.98
N CYS C 603 31.38 98.29 -101.77
CA CYS C 603 31.16 99.63 -101.30
C CYS C 603 31.46 100.66 -102.38
N ASP C 604 31.27 101.92 -102.07
CA ASP C 604 31.42 103.02 -103.03
C ASP C 604 32.79 103.66 -103.18
N GLN C 605 33.13 104.56 -102.25
CA GLN C 605 34.41 105.27 -102.30
C GLN C 605 35.60 104.40 -102.64
N ASN C 606 35.85 103.34 -101.87
CA ASN C 606 37.00 102.46 -102.09
C ASN C 606 36.77 101.02 -101.62
N PRO C 607 36.00 100.23 -102.38
CA PRO C 607 35.69 98.82 -102.05
C PRO C 607 36.95 97.96 -101.90
N GLU C 608 37.00 97.12 -100.86
CA GLU C 608 38.16 96.25 -100.69
C GLU C 608 37.86 94.96 -101.45
N PRO C 609 38.92 94.20 -101.82
CA PRO C 609 38.77 92.94 -102.55
C PRO C 609 37.62 92.06 -102.08
N GLN C 610 36.82 91.60 -103.04
CA GLN C 610 35.70 90.73 -102.73
C GLN C 610 36.23 89.31 -102.79
N VAL C 611 36.44 88.70 -101.63
CA VAL C 611 36.95 87.34 -101.59
C VAL C 611 35.92 86.39 -102.17
N LEU C 612 36.41 85.45 -102.98
CA LEU C 612 35.59 84.45 -103.65
C LEU C 612 36.50 83.23 -103.71
N THR C 613 35.91 82.03 -103.75
CA THR C 613 36.72 80.82 -103.82
C THR C 613 36.23 79.83 -104.86
N ILE C 614 36.88 78.68 -104.91
CA ILE C 614 36.57 77.64 -105.89
C ILE C 614 36.36 76.23 -105.30
N SER C 615 35.44 75.47 -105.92
CA SER C 615 35.10 74.11 -105.50
C SER C 615 34.77 73.16 -106.66
N ASP C 616 35.32 71.94 -106.59
CA ASP C 616 35.11 70.91 -107.63
C ASP C 616 34.45 69.66 -107.01
N ALA C 617 33.53 69.04 -107.73
CA ALA C 617 32.83 67.85 -107.24
C ALA C 617 33.66 66.61 -107.48
N ASP C 618 34.74 66.78 -108.25
CA ASP C 618 35.57 65.66 -108.57
C ASP C 618 36.58 65.29 -107.51
N ILE C 619 37.19 64.14 -107.73
CA ILE C 619 38.17 63.68 -106.83
C ILE C 619 39.52 63.94 -107.48
N PRO C 620 40.58 64.21 -106.64
CA PRO C 620 41.92 64.48 -107.19
C PRO C 620 42.50 63.36 -108.14
N PRO C 621 43.32 63.84 -109.11
CA PRO C 621 44.01 65.07 -109.51
C PRO C 621 43.02 66.09 -110.05
N ASN C 622 41.95 65.56 -110.63
CA ASN C 622 40.82 66.28 -111.24
C ASN C 622 40.37 67.66 -110.72
N THR C 623 40.98 68.15 -109.65
CA THR C 623 40.62 69.46 -109.13
C THR C 623 41.88 70.22 -108.83
N TYR C 624 42.99 69.68 -109.33
CA TYR C 624 44.28 70.33 -109.13
C TYR C 624 44.05 71.75 -109.66
N PRO C 625 45.02 72.64 -109.46
CA PRO C 625 45.03 74.03 -109.87
C PRO C 625 44.33 74.59 -111.12
N TYR C 626 44.02 75.86 -110.93
CA TYR C 626 43.25 76.67 -111.85
C TYR C 626 43.79 77.64 -112.85
N LYS C 627 42.81 78.23 -113.49
CA LYS C 627 43.01 79.23 -114.51
C LYS C 627 41.69 80.00 -114.53
N VAL C 628 41.74 81.23 -114.01
CA VAL C 628 40.59 82.12 -113.92
C VAL C 628 40.42 82.91 -115.23
N SER C 629 39.18 83.18 -115.63
CA SER C 629 38.91 83.90 -116.89
C SER C 629 37.62 84.75 -116.83
N LEU C 630 37.68 85.95 -117.37
CA LEU C 630 36.53 86.86 -117.38
C LEU C 630 36.06 87.18 -118.83
N SER C 631 34.91 86.58 -119.19
CA SER C 631 34.25 86.62 -120.51
C SER C 631 33.69 87.85 -121.27
N HIS C 632 32.43 88.26 -121.15
CA HIS C 632 32.15 89.46 -121.97
C HIS C 632 32.73 90.64 -121.19
N GLY C 633 32.26 90.89 -119.97
CA GLY C 633 32.85 91.97 -119.19
C GLY C 633 34.22 91.64 -118.57
N SER C 634 35.28 91.58 -119.39
CA SER C 634 36.64 91.29 -118.89
C SER C 634 37.15 92.68 -118.60
N ASP C 635 36.26 93.64 -118.84
CA ASP C 635 36.52 95.04 -118.64
C ASP C 635 35.19 95.84 -118.67
N LEU C 636 34.57 95.96 -117.50
CA LEU C 636 33.31 96.72 -117.18
C LEU C 636 33.89 96.91 -115.85
N THR C 637 35.17 96.60 -115.99
CA THR C 637 36.19 96.61 -115.00
C THR C 637 36.06 95.64 -113.87
N TRP C 638 36.85 94.61 -114.07
CA TRP C 638 36.91 93.54 -113.18
C TRP C 638 38.23 92.88 -113.44
N LYS C 639 38.95 92.65 -112.34
CA LYS C 639 40.25 92.02 -112.40
C LYS C 639 40.41 90.98 -111.32
N ALA C 640 40.71 89.83 -111.91
CA ALA C 640 40.90 88.49 -111.36
C ALA C 640 42.13 88.18 -110.53
N GLU C 641 41.97 87.26 -109.57
CA GLU C 641 43.15 86.90 -108.82
C GLU C 641 43.08 85.69 -107.92
N LEU C 642 44.21 85.00 -107.79
CA LEU C 642 44.30 83.80 -106.97
C LEU C 642 45.06 84.00 -105.67
N ASP C 643 44.58 83.28 -104.66
CA ASP C 643 45.21 83.28 -103.35
C ASP C 643 46.45 82.43 -103.58
N SER C 644 47.49 82.65 -102.79
CA SER C 644 48.73 81.89 -102.93
C SER C 644 48.49 80.42 -102.60
N LYS C 645 47.87 80.16 -101.45
CA LYS C 645 47.59 78.78 -101.05
C LYS C 645 46.42 78.21 -101.86
N GLY C 646 46.46 78.45 -103.17
CA GLY C 646 45.48 77.92 -104.11
C GLY C 646 44.00 78.27 -104.25
N THR C 647 43.18 77.81 -103.32
CA THR C 647 41.71 77.96 -103.38
C THR C 647 40.87 79.21 -103.67
N SER C 648 41.19 80.38 -103.13
CA SER C 648 40.33 81.53 -103.42
C SER C 648 40.82 82.43 -104.56
N MET C 649 39.94 83.33 -104.98
CA MET C 649 40.28 84.28 -106.02
C MET C 649 39.91 85.71 -105.56
N LEU C 650 40.75 86.69 -105.90
CA LEU C 650 40.56 88.08 -105.53
C LEU C 650 39.91 88.88 -106.65
N LEU C 651 38.68 89.33 -106.38
CA LEU C 651 37.90 90.08 -107.36
C LEU C 651 37.88 91.58 -107.08
N SER C 652 38.44 92.36 -107.99
CA SER C 652 38.48 93.81 -107.83
C SER C 652 38.26 94.60 -109.13
N PRO C 653 37.44 95.66 -109.07
CA PRO C 653 37.17 96.50 -110.24
C PRO C 653 38.49 97.17 -110.69
N THR C 654 38.38 98.19 -111.53
CA THR C 654 39.51 98.98 -112.04
C THR C 654 38.93 100.32 -112.51
N GLN C 655 37.61 100.47 -112.38
CA GLN C 655 36.85 101.69 -112.70
C GLN C 655 36.11 102.08 -111.39
N GLN C 656 35.69 103.33 -111.24
CA GLN C 656 35.01 103.81 -110.02
C GLN C 656 33.48 103.59 -110.02
N LEU C 657 33.05 102.68 -110.89
CA LEU C 657 31.63 102.37 -111.12
C LEU C 657 30.49 102.44 -110.09
N LYS C 658 29.33 102.57 -110.75
CA LYS C 658 27.96 102.74 -110.26
C LYS C 658 27.25 102.05 -109.12
N LYS C 659 26.14 102.73 -108.80
CA LYS C 659 25.18 102.43 -107.75
C LYS C 659 24.33 101.16 -107.84
N GLY C 660 24.95 100.04 -107.44
CA GLY C 660 24.25 98.76 -107.39
C GLY C 660 23.78 97.92 -108.58
N ASP C 661 23.37 96.71 -108.22
CA ASP C 661 22.83 95.66 -109.09
C ASP C 661 23.42 95.36 -110.47
N TYR C 662 24.45 94.52 -110.51
CA TYR C 662 25.09 94.12 -111.77
C TYR C 662 26.09 92.97 -111.60
N SER C 663 26.09 92.07 -112.58
CA SER C 663 26.93 90.88 -112.57
C SER C 663 28.33 90.99 -113.15
N ILE C 664 29.05 89.87 -113.05
CA ILE C 664 30.41 89.71 -113.56
C ILE C 664 30.49 88.27 -114.05
N TYR C 665 30.74 88.08 -115.35
CA TYR C 665 30.83 86.74 -115.93
C TYR C 665 32.19 86.09 -115.55
N VAL C 666 32.12 84.92 -114.91
CA VAL C 666 33.31 84.19 -114.47
C VAL C 666 33.56 82.95 -115.35
N LEU C 667 34.81 82.48 -115.39
CA LEU C 667 35.19 81.30 -116.19
C LEU C 667 36.48 80.64 -115.70
N LEU C 668 36.38 79.39 -115.22
CA LEU C 668 37.55 78.66 -114.68
C LEU C 668 37.92 77.40 -115.46
N SER C 669 38.83 76.62 -114.87
CA SER C 669 39.31 75.38 -115.49
C SER C 669 40.16 74.61 -114.46
N ASP C 670 40.22 73.27 -114.59
CA ASP C 670 40.99 72.45 -113.64
C ASP C 670 41.90 71.34 -114.18
N ALA C 671 41.67 70.93 -115.42
CA ALA C 671 42.48 69.90 -116.14
C ALA C 671 42.37 70.75 -117.37
N GLN C 672 41.30 71.54 -117.28
CA GLN C 672 40.80 72.53 -118.20
C GLN C 672 39.33 72.55 -117.87
N ASN C 673 38.68 71.50 -118.35
CA ASN C 673 37.24 71.40 -118.36
C ASN C 673 36.54 72.68 -118.58
N ASN C 674 37.22 73.76 -118.23
CA ASN C 674 36.77 75.08 -118.61
C ASN C 674 35.62 75.80 -118.01
N PRO C 675 34.99 75.21 -117.00
CA PRO C 675 33.95 76.11 -116.67
C PRO C 675 33.83 77.55 -116.45
N GLN C 676 32.71 77.52 -117.13
CA GLN C 676 31.77 78.47 -117.52
C GLN C 676 31.23 78.69 -116.26
N LEU C 677 31.45 79.86 -115.79
CA LEU C 677 30.66 79.91 -114.71
C LEU C 677 29.93 81.04 -115.07
N THR C 678 29.97 81.99 -114.20
CA THR C 678 28.96 82.76 -114.57
C THR C 678 28.98 84.04 -113.91
N VAL C 679 27.75 84.36 -113.68
CA VAL C 679 27.33 85.52 -113.06
C VAL C 679 27.40 85.28 -111.58
N VAL C 680 28.04 86.23 -110.94
CA VAL C 680 28.15 86.27 -109.51
C VAL C 680 27.88 87.78 -109.44
N ASN C 681 26.60 88.07 -109.39
CA ASN C 681 26.14 89.43 -109.34
C ASN C 681 26.75 90.28 -108.27
N ALA C 682 26.57 91.60 -108.39
CA ALA C 682 27.20 92.48 -107.41
C ALA C 682 26.38 93.68 -106.95
N THR C 683 25.88 93.63 -105.72
CA THR C 683 25.10 94.74 -105.16
C THR C 683 25.94 95.79 -104.43
N VAL C 684 26.02 96.97 -105.03
CA VAL C 684 26.79 98.10 -104.49
C VAL C 684 25.85 99.13 -103.88
N CYS C 685 26.32 99.77 -102.81
CA CYS C 685 25.57 100.76 -102.03
C CYS C 685 26.61 101.77 -101.42
N SER C 686 26.30 103.08 -101.35
CA SER C 686 27.21 104.19 -100.88
C SER C 686 28.28 104.02 -99.79
N CYS C 687 29.49 104.52 -100.09
CA CYS C 687 30.55 104.17 -99.16
C CYS C 687 32.02 104.65 -99.17
N GLU C 688 32.84 103.93 -98.38
CA GLU C 688 34.27 104.18 -98.30
C GLU C 688 35.06 102.94 -98.72
N GLY C 689 35.33 101.97 -97.84
CA GLY C 689 36.12 100.85 -98.32
C GLY C 689 35.93 99.42 -97.86
N LYS C 690 35.13 99.23 -96.84
CA LYS C 690 34.89 97.90 -96.34
C LYS C 690 33.55 97.32 -96.71
N ALA C 691 33.62 96.08 -97.16
CA ALA C 691 32.44 95.33 -97.54
C ALA C 691 31.40 95.47 -96.43
N ILE C 692 30.37 96.27 -96.68
CA ILE C 692 29.33 96.52 -95.67
C ILE C 692 27.96 95.82 -95.88
N LYS C 693 27.14 95.78 -94.82
CA LYS C 693 25.79 95.19 -94.88
C LYS C 693 25.06 96.18 -95.80
N CYS C 694 24.19 95.74 -96.73
CA CYS C 694 23.64 96.77 -97.62
C CYS C 694 22.31 97.52 -97.38
N GLN C 695 21.40 97.47 -98.35
CA GLN C 695 20.24 98.31 -98.20
C GLN C 695 18.84 97.93 -98.68
C1 NAG D . -68.24 -30.25 16.51
C2 NAG D . -68.67 -29.30 15.37
C3 NAG D . -69.83 -29.86 14.53
C4 NAG D . -69.47 -31.27 14.10
C5 NAG D . -69.19 -32.15 15.30
C6 NAG D . -68.81 -33.58 14.89
C7 NAG D . -70.01 -27.90 16.82
C8 NAG D . -70.18 -26.56 17.49
N2 NAG D . -68.98 -28.03 15.98
O3 NAG D . -70.01 -29.05 13.37
O4 NAG D . -70.53 -31.80 13.32
O5 NAG D . -68.06 -31.59 16.05
O6 NAG D . -68.12 -33.60 13.65
O7 NAG D . -70.83 -28.80 17.02
C1 NAG E . -92.85 -39.06 22.01
C2 NAG E . -92.02 -38.75 20.74
C3 NAG E . -92.20 -37.28 20.34
C4 NAG E . -93.68 -36.98 20.13
C5 NAG E . -94.50 -37.40 21.37
C6 NAG E . -95.99 -37.29 21.09
C7 NAG E . -89.82 -39.34 19.91
C8 NAG E . -88.36 -39.61 20.21
N2 NAG E . -90.61 -39.02 20.94
O3 NAG E . -91.50 -37.02 19.13
O4 NAG E . -93.86 -35.60 19.90
O5 NAG E . -94.24 -38.78 21.73
O6 NAG E . -96.26 -37.30 19.70
O7 NAG E . -90.24 -39.42 18.75
C1 NAG F . -92.87 -50.88 36.59
C2 NAG F . -91.68 -51.66 37.17
C3 NAG F . -91.98 -52.35 38.51
C4 NAG F . -92.51 -51.30 39.49
C5 NAG F . -93.73 -50.64 38.90
C6 NAG F . -94.27 -49.54 39.83
C7 NAG F . -89.96 -52.72 35.89
C8 NAG F . -89.53 -53.79 34.89
N2 NAG F . -91.24 -52.69 36.26
O3 NAG F . -90.78 -52.92 39.04
O4 NAG F . -92.82 -51.91 40.72
O5 NAG F . -93.39 -49.99 37.61
O6 NAG F . -93.22 -48.97 40.59
O7 NAG F . -89.15 -51.90 36.30
C1 NDG G . -95.74 -34.28 39.22
C2 NDG G . -94.71 -33.22 39.62
C3 NDG G . -93.31 -33.86 39.60
C4 NDG G . -93.32 -35.06 40.55
C5 NDG G . -94.37 -36.05 40.10
C6 NDG G . -94.45 -37.27 40.98
C7 NDG G . -94.38 -30.86 39.11
C8 NDG G . -94.53 -29.70 38.11
O5 NDG G . -95.66 -35.41 40.12
O3 NDG G . -92.32 -32.93 40.00
O4 NDG G . -92.06 -35.71 40.55
O6 NDG G . -95.50 -38.12 40.59
O7 NDG G . -93.90 -30.64 40.23
N2 NDG G . -94.79 -32.08 38.72
C1 NAG H . -101.47 -36.55 35.95
C2 NAG H . -101.48 -35.87 37.30
C3 NAG H . -102.83 -35.29 37.69
C4 NAG H . -103.38 -34.46 36.54
C5 NAG H . -103.45 -35.35 35.33
C6 NAG H . -104.08 -34.59 34.20
C7 NAG H . -99.92 -36.60 38.94
C8 NAG H . -99.53 -37.59 40.02
N2 NAG H . -101.07 -36.81 38.31
O3 NAG H . -102.64 -34.45 38.81
O4 NAG H . -104.67 -33.93 36.84
O5 NAG H . -102.10 -35.71 34.95
O6 NAG H . -103.09 -33.88 33.45
O7 NAG H . -99.16 -35.67 38.65
C1 NAG I . -106.61 -38.32 31.31
C2 NAG I . -106.17 -37.14 32.16
C3 NAG I . -107.11 -37.08 33.36
C4 NAG I . -108.49 -36.78 32.83
C5 NAG I . -108.92 -37.82 31.77
C6 NAG I . -110.17 -37.38 31.04
C7 NAG I . -103.93 -36.31 32.06
C8 NAG I . -102.45 -36.41 32.43
N2 NAG I . -104.77 -37.24 32.52
O3 NAG I . -106.72 -36.04 34.24
O4 NAG I . -109.40 -36.80 33.91
O5 NAG I . -107.89 -38.01 30.76
O6 NAG I . -109.85 -36.41 30.04
O7 NAG I . -104.33 -35.36 31.39
C1 NAG J . -113.24 -44.48 30.08
C2 NAG J . -114.43 -44.84 29.26
C3 NAG J . -114.89 -43.52 28.68
C4 NAG J . -115.25 -42.55 29.83
C5 NAG J . -114.11 -42.46 30.87
C6 NAG J . -114.47 -41.76 32.18
C7 NAG J . -113.58 -45.31 27.07
C8 NAG J . -113.92 -46.13 25.85
N2 NAG J . -114.10 -45.78 28.20
O3 NAG J . -115.97 -43.70 27.81
O4 NAG J . -115.45 -41.25 29.29
O5 NAG J . -113.69 -43.77 31.23
O6 NAG J . -115.87 -41.71 32.37
O7 NAG J . -112.87 -44.29 26.98
C1 NAG K . -125.35 -90.62 55.01
C2 NAG K . -125.04 -91.49 53.84
C3 NAG K . -123.74 -92.22 54.16
C4 NAG K . -122.65 -91.20 54.58
C5 NAG K . -123.16 -90.31 55.70
C6 NAG K . -122.19 -89.23 56.12
C7 NAG K . -126.61 -93.22 54.58
C8 NAG K . -127.74 -94.15 54.21
N2 NAG K . -126.13 -92.43 53.60
O3 NAG K . -123.33 -92.94 53.02
O4 NAG K . -121.49 -91.90 55.01
O5 NAG K . -124.34 -89.66 55.27
O6 NAG K . -121.47 -88.75 55.00
O7 NAG K . -126.14 -93.23 55.73
C1 NAG L . -122.18 -80.62 36.30
C2 NAG L . -121.57 -80.93 34.96
C3 NAG L . -121.13 -82.40 34.86
C4 NAG L . -120.45 -82.91 36.14
C5 NAG L . -121.32 -82.57 37.32
C6 NAG L . -120.75 -83.04 38.62
C7 NAG L . -122.42 -79.81 32.95
C8 NAG L . -123.59 -79.66 32.00
N2 NAG L . -122.56 -80.67 33.94
O3 NAG L . -120.23 -82.51 33.79
O4 NAG L . -120.26 -84.32 36.07
O5 NAG L . -121.38 -81.14 37.38
O6 NAG L . -121.38 -84.19 39.17
O7 NAG L . -121.38 -79.16 32.77
C1 NAG M . -120.64 -80.61 42.98
C2 NAG M . -119.91 -81.50 44.00
C3 NAG M . -118.44 -81.36 43.79
C4 NAG M . -118.14 -81.78 42.36
C5 NAG M . -118.99 -80.99 41.38
C6 NAG M . -118.72 -81.46 39.98
C7 NAG M . -120.50 -80.00 45.82
C8 NAG M . -120.90 -79.88 47.28
N2 NAG M . -120.27 -81.23 45.38
O3 NAG M . -117.78 -82.21 44.71
O4 NAG M . -116.80 -81.49 42.08
O5 NAG M . -120.39 -81.15 41.69
O6 NAG M . -118.32 -82.83 39.97
O7 NAG M . -120.44 -79.01 45.11
C1 NDG N . -123.14 -82.04 50.49
C2 NDG N . -121.74 -82.53 50.90
C3 NDG N . -121.42 -82.40 52.40
C4 NDG N . -121.80 -81.03 52.92
C5 NDG N . -123.22 -80.76 52.53
C6 NDG N . -123.65 -79.45 53.02
C7 NDG N . -120.98 -84.03 49.30
C8 NDG N . -120.52 -85.41 48.90
O5 NDG N . -123.40 -80.76 51.07
O3 NDG N . -120.02 -82.53 52.57
O4 NDG N . -121.71 -81.02 54.34
O6 NDG N . -124.82 -79.63 53.75
O7 NDG N . -120.88 -83.10 48.51
N2 NDG N . -121.51 -83.91 50.52
C1 NAG O . -110.45 -48.56 23.80
C2 NAG O . -109.45 -47.50 23.51
C3 NAG O . -108.88 -47.88 22.15
C4 NAG O . -108.26 -49.30 22.20
C5 NAG O . -109.30 -50.29 22.70
C6 NAG O . -108.73 -51.67 22.93
C7 NAG O . -111.30 -46.10 22.84
C8 NAG O . -111.97 -44.74 22.89
N2 NAG O . -110.13 -46.22 23.47
O3 NAG O . -107.90 -46.94 21.77
O4 NAG O . -107.84 -49.71 20.89
O5 NAG O . -109.82 -49.82 23.93
O6 NAG O . -108.54 -52.38 21.73
O7 NAG O . -111.83 -47.03 22.21
C1 NAG P . -126.90 -88.85 65.16
C2 NAG P . -125.57 -88.68 64.35
C3 NAG P . -124.40 -88.06 65.12
C4 NAG P . -124.90 -86.95 66.02
C5 NAG P . -125.89 -87.55 66.97
C6 NAG P . -126.28 -86.54 68.02
C7 NAG P . -124.30 -90.81 64.30
C8 NAG P . -123.94 -92.04 63.48
N2 NAG P . -125.14 -89.93 63.73
O3 NAG P . -123.47 -87.52 64.19
O4 NAG P . -123.82 -86.33 66.72
O5 NAG P . -127.08 -87.89 66.23
O6 NAG P . -126.66 -85.32 67.42
O7 NAG P . -123.81 -90.66 65.43
C1 NAG Q . -97.60 -57.76 40.53
C2 NAG Q . -97.00 -57.69 41.95
C3 NAG Q . -95.50 -57.78 41.93
C4 NAG Q . -95.03 -58.96 41.06
C5 NAG Q . -95.61 -58.80 39.64
C6 NAG Q . -95.21 -59.96 38.74
C7 NAG Q . -97.05 -55.27 42.32
C8 NAG Q . -97.60 -54.12 43.15
N2 NAG Q . -97.45 -56.49 42.66
O3 NAG Q . -95.04 -57.96 43.26
O4 NAG Q . -93.62 -59.04 41.03
O5 NAG Q . -97.05 -58.81 39.71
O6 NAG Q . -95.13 -61.17 39.47
O7 NAG Q . -96.29 -55.02 41.36
C1 NAG R . -137.81 -127.57 65.60
C2 NAG R . -137.57 -126.99 64.25
C3 NAG R . -138.72 -127.44 63.39
C4 NAG R . -138.85 -128.98 63.39
C5 NAG R . -138.97 -129.49 64.83
C6 NAG R . -139.00 -130.99 64.97
C7 NAG R . -138.57 -124.79 64.21
C8 NAG R . -138.38 -123.30 64.34
N2 NAG R . -137.48 -125.54 64.35
O3 NAG R . -138.53 -126.98 62.06
O4 NAG R . -139.99 -129.38 62.66
O5 NAG R . -137.84 -129.01 65.56
O6 NAG R . -138.30 -131.62 63.89
O7 NAG R . -139.68 -125.26 63.95
CA CA S . -40.80 -18.23 19.06
CA CA T . -34.15 -18.80 18.33
CA CA U . -32.71 -20.70 14.53
CA CA V . -81.17 -35.10 28.31
CA CA W . -81.85 -30.43 27.56
CA CA X . -86.00 -38.00 31.40
CA CA Y . -119.99 -62.93 38.76
CA CA Z . -125.59 -69.85 35.12
CA CA AA . -139.77 -100.73 59.97
CA CA BA . -142.26 -103.61 68.88
CA CA CA . -121.50 -63.88 35.52
CA CA DA . -140.38 -98.70 62.96
C1 NAG EA . 61.66 8.69 43.25
C2 NAG EA . 62.22 7.85 44.40
C3 NAG EA . 63.75 7.98 44.54
C4 NAG EA . 64.38 7.71 43.19
C5 NAG EA . 63.84 8.67 42.15
C6 NAG EA . 64.45 8.41 40.76
C7 NAG EA . 61.65 9.48 46.09
C8 NAG EA . 60.78 9.84 47.28
N2 NAG EA . 61.52 8.26 45.60
O3 NAG EA . 64.23 7.00 45.46
O4 NAG EA . 65.78 7.83 43.29
O5 NAG EA . 62.40 8.50 42.03
O6 NAG EA . 64.74 7.04 40.56
O7 NAG EA . 62.47 10.30 45.65
C1 NAG FA . 78.58 29.13 46.19
C2 NAG FA . 78.67 27.59 46.21
C3 NAG FA . 78.41 27.08 47.64
C4 NAG FA . 79.39 27.72 48.61
C5 NAG FA . 79.37 29.26 48.48
C6 NAG FA . 80.49 29.88 49.29
C7 NAG FA . 77.95 25.78 44.78
C8 NAG FA . 76.90 25.20 43.84
N2 NAG FA . 77.71 26.98 45.30
O3 NAG FA . 78.56 25.68 47.69
O4 NAG FA . 79.06 27.36 49.94
O5 NAG FA . 79.57 29.67 47.09
O6 NAG FA . 81.52 28.94 49.55
O7 NAG FA . 78.97 25.13 45.03
C1 NAG GA . 74.82 43.03 34.12
C2 NAG GA . 74.01 42.94 32.82
C3 NAG GA . 73.68 44.32 32.21
C4 NAG GA . 73.00 45.18 33.26
C5 NAG GA . 73.90 45.30 34.47
C6 NAG GA . 73.22 46.12 35.58
C7 NAG GA . 74.09 41.15 31.25
C8 NAG GA . 74.86 40.34 30.21
N2 NAG GA . 74.71 42.18 31.82
O3 NAG GA . 72.81 44.16 31.09
O4 NAG GA . 72.72 46.45 32.72
O5 NAG GA . 74.17 43.95 35.03
O6 NAG GA . 71.81 45.99 35.52
O7 NAG GA . 72.94 40.84 31.54
C1 NDG HA . 68.04 43.41 49.76
C2 NDG HA . 66.66 42.89 50.17
C3 NDG HA . 66.01 42.20 48.97
C4 NDG HA . 65.95 43.19 47.80
C5 NDG HA . 67.35 43.65 47.49
C6 NDG HA . 67.39 44.63 46.34
C7 NDG HA . 65.73 41.83 52.16
C8 NDG HA . 65.94 40.89 53.36
O5 NDG HA . 67.93 44.29 48.64
O3 NDG HA . 64.69 41.75 49.29
O4 NDG HA . 65.38 42.59 46.66
O6 NDG HA . 68.69 45.12 46.12
O7 NDG HA . 64.63 42.38 52.01
N2 NDG HA . 66.76 42.00 51.32
C1 NAG IA . 74.83 44.62 50.77
C2 NAG IA . 73.73 45.55 51.22
C3 NAG IA . 74.15 46.52 52.31
C4 NAG IA . 74.86 45.77 53.43
C5 NAG IA . 76.01 45.05 52.81
C6 NAG IA . 76.81 44.36 53.89
C7 NAG IA . 72.00 46.08 49.68
C8 NAG IA . 71.51 46.92 48.50
N2 NAG IA . 73.24 46.30 50.10
O3 NAG IA . 72.98 47.13 52.83
O4 NAG IA . 75.32 46.66 54.45
O5 NAG IA . 75.51 44.03 51.91
O6 NAG IA . 76.29 43.05 54.16
O7 NAG IA . 71.27 45.23 50.19
C1 NAG JA . 81.85 44.33 52.10
C2 NAG JA . 80.54 44.49 52.84
C3 NAG JA . 80.41 45.96 53.19
C4 NAG JA . 81.53 46.30 54.14
C5 NAG JA . 82.91 45.93 53.55
C6 NAG JA . 84.00 45.99 54.60
C7 NAG JA . 78.74 42.95 52.55
C8 NAG JA . 77.57 42.39 51.76
N2 NAG JA . 79.42 43.98 52.07
O3 NAG JA . 79.18 46.23 53.84
O4 NAG JA . 81.49 47.69 54.44
O5 NAG JA . 82.91 44.58 53.03
O6 NAG JA . 83.98 44.83 55.42
O7 NAG JA . 79.01 42.46 53.66
C1 NAG KA . 89.67 48.47 49.86
C2 NAG KA . 91.13 48.58 50.20
C3 NAG KA . 91.21 48.13 51.63
C4 NAG KA . 90.34 49.05 52.53
C5 NAG KA . 88.92 49.19 51.96
C6 NAG KA . 88.07 50.28 52.59
C7 NAG KA . 92.08 46.46 49.65
C8 NAG KA . 93.41 45.86 49.21
N2 NAG KA . 91.95 47.75 49.34
O3 NAG KA . 92.56 48.11 52.07
O4 NAG KA . 90.26 48.48 53.82
O5 NAG KA . 88.97 49.49 50.56
O6 NAG KA . 88.86 51.25 53.25
O7 NAG KA . 91.23 45.76 50.22
C1 NAG LA . 102.43 84.51 11.98
C2 NAG LA . 103.31 83.58 11.21
C3 NAG LA . 102.56 83.22 9.94
C4 NAG LA . 101.14 82.70 10.27
C5 NAG LA . 100.41 83.71 11.17
C6 NAG LA . 99.04 83.25 11.62
C7 NAG LA . 104.65 85.42 10.31
C8 NAG LA . 106.04 85.99 10.06
N2 NAG LA . 104.58 84.22 10.91
O3 NAG LA . 103.28 82.23 9.23
O4 NAG LA . 100.40 82.51 9.08
O5 NAG LA . 101.19 83.92 12.33
O6 NAG LA . 99.04 81.86 11.85
O7 NAG LA . 103.66 86.05 9.97
C1 NAG MA . 107.36 65.89 21.45
C2 NAG MA . 107.91 64.55 21.05
C3 NAG MA . 108.30 64.51 19.57
C4 NAG MA . 107.29 65.23 18.65
C5 NAG MA . 107.01 66.59 19.22
C6 NAG MA . 106.04 67.39 18.40
C7 NAG MA . 109.22 63.24 22.65
C8 NAG MA . 110.52 63.14 23.44
N2 NAG MA . 109.08 64.27 21.85
O3 NAG MA . 108.40 63.16 19.17
O4 NAG MA . 107.81 65.35 17.33
O5 NAG MA . 106.40 66.39 20.50
O6 NAG MA . 106.62 68.42 17.61
O7 NAG MA . 108.36 62.36 22.77
C1 NAG NA . 102.29 70.26 20.00
C2 NAG NA . 101.56 70.82 18.76
C3 NAG NA . 100.64 69.76 18.22
C4 NAG NA . 101.49 68.55 17.88
C5 NAG NA . 102.31 68.12 19.08
C6 NAG NA . 103.18 66.95 18.71
C7 NAG NA . 100.22 72.29 20.14
C8 NAG NA . 99.53 73.64 20.26
N2 NAG NA . 100.84 72.06 19.00
O3 NAG NA . 100.01 70.28 17.06
O4 NAG NA . 100.64 67.49 17.55
O5 NAG NA . 103.13 69.20 19.55
O6 NAG NA . 103.50 67.00 17.32
O7 NAG NA . 100.17 71.49 21.06
C1 NDG OA . 100.02 77.91 19.03
C2 NDG OA . 99.04 77.53 17.91
C3 NDG OA . 97.86 78.49 17.71
C4 NDG OA . 97.22 78.86 19.02
C5 NDG OA . 98.30 79.30 19.97
C6 NDG OA . 97.72 79.68 21.26
C7 NDG OA . 100.14 76.13 16.42
C8 NDG OA . 100.67 75.83 15.04
O5 NDG OA . 99.29 78.27 20.22
O3 NDG OA . 96.88 77.83 16.93
O4 NDG OA . 96.29 79.91 18.83
O6 NDG OA . 98.14 80.98 21.55
O7 NDG OA . 100.16 75.26 17.28
N2 NDG OA . 99.71 77.37 16.63
C1 NAG PA . 93.37 42.73 45.71
C2 NAG PA . 92.42 41.70 46.21
C3 NAG PA . 93.01 40.38 45.77
C4 NAG PA . 93.19 40.34 44.22
C5 NAG PA . 93.99 41.53 43.78
C6 NAG PA . 94.07 41.67 42.27
C7 NAG PA . 93.46 41.97 48.37
C8 NAG PA . 93.31 42.12 49.88
N2 NAG PA . 92.35 41.81 47.66
O3 NAG PA . 92.19 39.31 46.19
O4 NAG PA . 93.87 39.15 43.82
O5 NAG PA . 93.40 42.72 44.29
O6 NAG PA . 94.98 40.76 41.70
O7 NAG PA . 94.60 41.96 47.87
C1 NAG QA . 96.56 93.04 13.10
C2 NAG QA . 96.09 91.59 12.73
C3 NAG QA . 94.57 91.39 12.65
C4 NAG QA . 93.88 92.16 13.75
C5 NAG QA . 94.24 93.61 13.57
C6 NAG QA . 93.42 94.46 14.52
C7 NAG QA . 96.17 91.24 10.28
C8 NAG QA . 96.97 90.64 9.12
N2 NAG QA . 96.71 91.11 11.50
O3 NAG QA . 94.28 90.01 12.80
O4 NAG QA . 92.47 91.97 13.72
O5 NAG QA . 95.63 93.79 13.91
O6 NAG QA . 93.52 93.95 15.83
O7 NAG QA . 95.10 91.83 10.05
C1 NAG RA . 78.56 50.28 29.79
C2 NAG RA . 77.26 51.02 29.42
C3 NAG RA . 76.30 50.15 28.65
C4 NAG RA . 77.01 49.44 27.50
C5 NAG RA . 78.20 48.64 28.06
C6 NAG RA . 78.96 47.92 26.96
C7 NAG RA . 76.02 50.85 31.54
C8 NAG RA . 75.40 51.60 32.72
N2 NAG RA . 76.61 51.61 30.60
O3 NAG RA . 75.26 50.97 28.13
O4 NAG RA . 76.12 48.61 26.78
O5 NAG RA . 79.13 49.53 28.70
O6 NAG RA . 79.00 48.71 25.77
O7 NAG RA . 75.99 49.62 31.52
C1 NAG SA . 120.19 107.59 -16.03
C2 NAG SA . 120.59 106.27 -15.47
C3 NAG SA . 122.08 106.35 -15.25
C4 NAG SA . 122.82 106.75 -16.54
C5 NAG SA . 122.24 108.05 -17.10
C6 NAG SA . 122.83 108.47 -18.42
C7 NAG SA . 120.35 106.37 -13.08
C8 NAG SA . 119.51 106.06 -11.86
N2 NAG SA . 119.86 106.00 -14.25
O3 NAG SA . 122.56 105.10 -14.79
O4 NAG SA . 124.20 106.92 -16.29
O5 NAG SA . 120.85 107.88 -17.28
O6 NAG SA . 123.28 107.36 -19.17
O7 NAG SA . 121.44 106.92 -12.95
CA CA TA . 36.58 -7.73 40.91
CA CA UA . 32.80 -12.06 37.45
CA CA VA . 34.96 -15.50 35.53
CA CA WA . 65.23 26.48 43.58
CA CA XA . 64.15 25.35 48.10
CA CA YA . 67.85 32.32 42.88
CA CA ZA . 96.84 62.98 35.74
CA CA AB . 105.76 64.78 32.64
CA CA BB . 113.42 98.85 9.15
CA CA CB . 110.93 107.91 6.75
CA CA DB . 100.22 61.49 35.97
CA CA EB . 111.15 101.14 10.87
C1 NAG FB . 1.72 -22.48 -48.31
C2 NAG FB . 1.29 -23.82 -48.92
C3 NAG FB . 0.68 -23.66 -50.33
C4 NAG FB . -0.42 -22.61 -50.27
C5 NAG FB . 0.14 -21.29 -49.75
C6 NAG FB . -0.94 -20.20 -49.67
C7 NAG FB . 3.53 -24.39 -49.65
C8 NAG FB . 4.73 -25.30 -49.49
N2 NAG FB . 2.45 -24.68 -48.93
O3 NAG FB . 0.09 -24.88 -50.75
O4 NAG FB . -0.99 -22.44 -51.55
O5 NAG FB . 0.69 -21.48 -48.40
O6 NAG FB . -2.20 -20.75 -49.34
O7 NAG FB . 3.55 -23.48 -50.48
C1 NAG GB . 9.91 -11.44 -71.20
C2 NAG GB . 8.71 -12.29 -70.73
C3 NAG GB . 9.07 -13.78 -70.86
C4 NAG GB . 9.47 -14.09 -72.30
C5 NAG GB . 10.58 -13.14 -72.77
C6 NAG GB . 10.84 -13.32 -74.26
C7 NAG GB . 7.10 -12.20 -68.93
C8 NAG GB . 6.80 -11.87 -67.48
N2 NAG GB . 8.35 -12.00 -69.34
O3 NAG GB . 7.95 -14.57 -70.50
O4 NAG GB . 9.92 -15.43 -72.38
O5 NAG GB . 10.20 -11.74 -72.57
O6 NAG GB . 9.72 -13.92 -74.91
O7 NAG GB . 6.21 -12.63 -69.65
C1 NAG HB . 17.22 5.64 -68.41
C2 NAG HB . 17.02 6.56 -67.20
C3 NAG HB . 17.96 7.79 -67.19
C4 NAG HB . 19.39 7.30 -67.31
C5 NAG HB . 19.55 6.48 -68.57
C6 NAG HB . 20.97 5.93 -68.71
C7 NAG HB . 14.96 6.89 -66.04
C8 NAG HB . 13.53 7.39 -66.01
N2 NAG HB . 15.66 7.06 -67.14
O3 NAG HB . 17.81 8.49 -65.96
O4 NAG HB . 20.28 8.40 -67.32
O5 NAG HB . 18.62 5.32 -68.53
O6 NAG HB . 21.56 5.71 -67.43
O7 NAG HB . 15.43 6.32 -65.05
C1 NDG IB . 27.49 -7.96 -68.64
C2 NDG IB . 27.98 -8.76 -67.43
C3 NDG IB . 27.26 -8.24 -66.17
C4 NDG IB . 27.55 -6.74 -66.04
C5 NDG IB . 27.06 -6.04 -67.28
C6 NDG IB . 27.31 -4.55 -67.23
C7 NDG IB . 28.47 -11.12 -67.00
C8 NDG IB . 28.16 -12.60 -67.30
O5 NDG IB . 27.75 -6.56 -68.43
O3 NDG IB . 27.72 -8.93 -65.02
O4 NDG IB . 26.91 -6.21 -64.91
O6 NDG IB . 26.93 -3.93 -68.45
O7 NDG IB . 29.37 -10.83 -66.20
N2 NDG IB . 27.74 -10.19 -67.63
C1 NAG JB . 25.43 -7.23 -75.26
C2 NAG JB . 26.88 -7.23 -74.82
C3 NAG JB . 27.86 -7.53 -75.94
C4 NAG JB . 27.40 -8.78 -76.69
C5 NAG JB . 26.02 -8.51 -77.19
C6 NAG JB . 25.56 -9.67 -78.03
C7 NAG JB . 27.49 -5.88 -72.95
C8 NAG JB . 27.87 -4.53 -72.38
N2 NAG JB . 27.21 -5.95 -74.25
O3 NAG JB . 29.12 -7.79 -75.36
O4 NAG JB . 28.28 -9.07 -77.79
O5 NAG JB . 25.13 -8.40 -76.05
O6 NAG JB . 24.94 -10.68 -77.22
O7 NAG JB . 27.43 -6.88 -72.22
C1 NAG KB . 22.25 -7.55 -81.65
C2 NAG KB . 23.34 -8.24 -80.87
C3 NAG KB . 24.66 -7.74 -81.42
C4 NAG KB . 24.76 -8.18 -82.86
C5 NAG KB . 23.55 -7.72 -83.68
C6 NAG KB . 23.48 -8.40 -85.02
C7 NAG KB . 22.96 -9.09 -78.67
C8 NAG KB . 22.78 -8.89 -77.17
N2 NAG KB . 23.19 -8.03 -79.45
O3 NAG KB . 25.75 -8.28 -80.71
O4 NAG KB . 25.94 -7.67 -83.43
O5 NAG KB . 22.30 -8.03 -82.99
O6 NAG KB . 22.95 -9.72 -84.90
O7 NAG KB . 22.91 -10.24 -79.14
C1 NAG LB . 20.50 -2.38 -88.97
C2 NAG LB . 20.01 -2.40 -90.39
C3 NAG LB . 20.23 -3.82 -90.83
C4 NAG LB . 21.73 -4.16 -90.76
C5 NAG LB . 22.31 -3.81 -89.38
C6 NAG LB . 23.83 -3.85 -89.28
C7 NAG LB . 17.69 -2.97 -90.24
C8 NAG LB . 16.40 -2.76 -91.00
N2 NAG LB . 18.60 -2.04 -90.47
O3 NAG LB . 19.72 -4.01 -92.14
O4 NAG LB . 21.88 -5.55 -90.97
O5 NAG LB . 21.92 -2.49 -89.01
O6 NAG LB . 24.44 -3.76 -90.55
O7 NAG LB . 17.83 -3.94 -89.48
C1 NAG MB . 25.39 50.36 -98.53
C2 NAG MB . 23.91 50.62 -98.65
C3 NAG MB . 23.49 51.36 -97.40
C4 NAG MB . 23.96 50.62 -96.14
C5 NAG MB . 25.45 50.33 -96.21
C6 NAG MB . 25.98 49.52 -95.05
C7 NAG MB . 24.26 52.54 -100.12
C8 NAG MB . 23.89 53.24 -101.41
N2 NAG MB . 23.64 51.39 -99.86
O3 NAG MB . 22.08 51.50 -97.40
O4 NAG MB . 23.68 51.39 -94.99
O5 NAG MB . 25.71 49.60 -97.39
O6 NAG MB . 25.03 48.57 -94.62
O7 NAG MB . 25.10 53.04 -99.37
C1 NAG NB . 12.83 32.99 -99.64
C2 NAG NB . 11.39 32.66 -99.48
C3 NAG NB . 10.53 33.92 -99.24
C4 NAG NB . 11.19 34.94 -98.29
C5 NAG NB . 12.61 35.18 -98.75
C6 NAG NB . 13.35 36.17 -97.90
C7 NAG NB . 10.41 30.79 -100.73
C8 NAG NB . 10.02 30.26 -102.10
N2 NAG NB . 10.92 32.01 -100.68
O3 NAG NB . 9.29 33.51 -98.69
O4 NAG NB . 10.47 36.16 -98.28
O5 NAG NB . 13.29 33.92 -98.65
O6 NAG NB . 13.50 37.44 -98.47
O7 NAG NB . 10.23 30.10 -99.72
C1 NAG OB . 18.07 35.92 -96.32
C2 NAG OB . 18.34 37.14 -95.44
C3 NAG OB . 17.78 36.88 -94.07
C4 NAG OB . 16.28 36.62 -94.23
C5 NAG OB . 16.05 35.50 -95.23
C6 NAG OB . 14.58 35.28 -95.41
C7 NAG OB . 20.71 36.64 -95.33
C8 NAG OB . 22.12 37.18 -95.28
N2 NAG OB . 19.74 37.53 -95.35
O3 NAG OB . 17.99 38.04 -93.28
O4 NAG OB . 15.77 36.19 -93.00
O5 NAG OB . 16.67 35.81 -96.49
O6 NAG OB . 13.86 36.50 -95.18
O7 NAG OB . 20.50 35.42 -95.35
C1 NDG PB . 24.58 40.61 -96.76
C2 NDG PB . 24.31 41.19 -95.35
C3 NDG PB . 25.54 41.72 -94.62
C4 NDG PB . 26.70 40.75 -94.69
C5 NDG PB . 26.90 40.36 -96.13
C6 NDG PB . 28.01 39.42 -96.27
C7 NDG PB . 22.07 41.80 -95.24
C8 NDG PB . 21.00 42.85 -95.06
O5 NDG PB . 25.72 39.72 -96.70
O3 NDG PB . 25.22 41.89 -93.25
O4 NDG PB . 27.88 41.38 -94.21
O6 NDG PB . 28.90 39.95 -97.19
O7 NDG PB . 21.77 40.61 -95.27
N2 NDG PB . 23.31 42.24 -95.40
C1 NAG QB . 12.58 -1.60 -88.51
C2 NAG QB . 12.48 -2.71 -87.52
C3 NAG QB . 10.99 -2.99 -87.39
C4 NAG QB . 10.22 -1.71 -86.95
C5 NAG QB . 10.53 -0.58 -87.90
C6 NAG QB . 9.97 0.76 -87.45
C7 NAG QB . 13.07 -4.21 -89.33
C8 NAG QB . 13.89 -5.39 -89.81
N2 NAG QB . 13.20 -3.85 -88.05
O3 NAG QB . 10.78 -4.04 -86.47
O4 NAG QB . 8.82 -1.94 -86.95
O5 NAG QB . 11.95 -0.43 -88.01
O6 NAG QB . 8.59 0.84 -87.68
O7 NAG QB . 12.29 -3.64 -90.10
C1 NAG RB . 35.25 53.34 -96.98
C2 NAG RB . 34.24 52.79 -95.92
C3 NAG RB . 34.82 52.54 -94.51
C4 NAG RB . 36.20 51.96 -94.62
C5 NAG RB . 37.05 52.96 -95.37
C6 NAG RB . 38.50 52.53 -95.34
C7 NAG RB . 32.90 54.63 -94.94
C8 NAG RB . 31.56 55.36 -94.98
N2 NAG RB . 33.04 53.62 -95.82
O3 NAG RB . 33.98 51.62 -93.84
O4 NAG RB . 36.76 51.68 -93.34
O5 NAG RB . 36.64 52.96 -96.76
O6 NAG RB . 38.62 51.17 -95.74
O7 NAG RB . 33.77 55.00 -94.15
C1 NAG SB . 19.01 13.70 -72.57
C2 NAG SB . 20.06 14.23 -71.60
C3 NAG SB . 19.56 14.26 -70.17
C4 NAG SB . 18.18 14.93 -70.10
C5 NAG SB . 17.21 14.17 -71.03
C6 NAG SB . 15.82 14.79 -71.02
C7 NAG SB . 21.44 12.23 -71.27
C8 NAG SB . 22.81 11.59 -71.46
N2 NAG SB . 21.32 13.50 -71.69
O3 NAG SB . 20.48 15.01 -69.39
O4 NAG SB . 17.69 14.94 -68.76
O5 NAG SB . 17.69 14.25 -72.38
O6 NAG SB . 15.90 16.21 -70.87
O7 NAG SB . 20.52 11.57 -70.79
C1 NAG TB . 22.13 88.51 -111.42
C2 NAG TB . 21.16 87.39 -111.50
C3 NAG TB . 20.57 87.45 -112.89
C4 NAG TB . 19.96 88.83 -113.18
C5 NAG TB . 20.99 89.93 -112.95
C6 NAG TB . 20.46 91.33 -113.10
C7 NAG TB . 22.36 85.44 -112.24
C8 NAG TB . 23.07 84.16 -111.86
N2 NAG TB . 21.84 86.13 -111.23
O3 NAG TB . 19.58 86.44 -113.02
O4 NAG TB . 19.49 88.90 -114.51
O5 NAG TB . 21.48 89.79 -111.62
O6 NAG TB . 19.07 91.40 -112.81
O7 NAG TB . 22.29 85.78 -113.41
CA CA UB . 0.91 -32.91 -20.12
CA CA VB . -1.93 -32.93 -14.04
CA CA WB . -6.41 -32.96 -13.94
CA CA XB . 13.51 -12.51 -57.86
CA CA YB . 15.09 -17.01 -58.22
CA CA ZB . 16.32 -8.39 -61.92
CA CA AC . 21.92 18.19 -94.98
CA CA BC . 17.50 22.94 -102.08
CA CA CC . 29.52 62.04 -111.98
CA CA DC . 36.61 68.66 -112.19
CA CA EC . 19.21 17.65 -97.42
CA CA FC . 33.12 61.57 -111.51
#